data_7TIN
#
_entry.id   7TIN
#
_cell.length_a   81.445
_cell.length_b   166.489
_cell.length_c   168.035
_cell.angle_alpha   90.000
_cell.angle_beta   90.000
_cell.angle_gamma   90.000
#
_symmetry.space_group_name_H-M   'P 21 21 21'
#
loop_
_entity.id
_entity.type
_entity.pdbx_description
1 polymer '2-succinyl-5-enolpyruvyl-6-hydroxy-3-cyclohexene-1-carboxylate synthase'
2 non-polymer 'THIAMINE DIPHOSPHATE'
3 non-polymer GLYCINE
4 non-polymer 'CALCIUM ION'
5 non-polymer 'SODIUM ION'
6 non-polymer 'CHLORIDE ION'
7 water water
#
_entity_poly.entity_id   1
_entity_poly.type   'polypeptide(L)'
_entity_poly.pdbx_seq_one_letter_code
;GAMGNHKAALTKQVFTFASELYAYGVREVVISPGSRSTPLALAFEAHPNIKTWIHPDERSAAFFAVGLIKGSERPVAILC
TSGTAAANYTPAIAESQISRIPLIVLTSDRPHELRSVGAPQAINQVNMFNNYVSYEFDMPIADDSKETINAIYYQMQIAS
QYLYGPHKGPIHFNLPFRDPLTPDLNATELLTSEMKILPHYQKSIDASALRHILNKKKGLIIVGDMQHQEVDQILTYSTI
YDLPILADPLSHLRKFDHPNVICTYDLLFRSGLDLNVDFVIRVGKPVISKKLNQWLKKTDAFQILVQNNDKIDVFPIAPD
ISYEISANDFFRSLMEDTTINRVSWLEKWQCLEKKGRKEIKCYLEQATDESAFVGELIKKTSEKDALFISNSMPIRDVDN
LLLNKNIDVYANRGANGIDGIVSTALGMAVHKRITLLIGDLSFYHDMNGLLMSKLNNIQMNIVLLNNDGGGIFSYLPQKE
SATDYFERLFGTPTGLDFEYTAKLYQFDFKRFNSVSEFKNATLLSETSTIYELITNREDNFKQHQILYQKLSEMIHDTL
;
_entity_poly.pdbx_strand_id   A,B,C,D
#
loop_
_chem_comp.id
_chem_comp.type
_chem_comp.name
_chem_comp.formula
CA non-polymer 'CALCIUM ION' 'Ca 2'
CL non-polymer 'CHLORIDE ION' 'Cl -1'
NA non-polymer 'SODIUM ION' 'Na 1'
TPP non-polymer 'THIAMINE DIPHOSPHATE' 'C12 H19 N4 O7 P2 S 1'
#
# COMPACT_ATOMS: atom_id res chain seq x y z
N GLY A 4 3.27 38.14 2.98
CA GLY A 4 3.83 38.77 4.15
C GLY A 4 4.49 37.77 5.08
N ASN A 5 3.72 37.30 6.07
CA ASN A 5 4.15 36.17 6.88
C ASN A 5 4.40 34.94 6.02
N HIS A 6 3.52 34.73 5.03
CA HIS A 6 3.61 33.52 4.21
C HIS A 6 4.95 33.43 3.49
N LYS A 7 5.38 34.53 2.86
CA LYS A 7 6.67 34.52 2.19
C LYS A 7 7.82 34.27 3.17
N ALA A 8 7.71 34.83 4.37
CA ALA A 8 8.76 34.64 5.37
C ALA A 8 8.71 33.25 5.98
N ALA A 9 7.50 32.71 6.19
CA ALA A 9 7.38 31.34 6.68
C ALA A 9 7.85 30.33 5.63
N LEU A 10 7.48 30.56 4.37
CA LEU A 10 7.91 29.65 3.31
C LEU A 10 9.41 29.73 3.09
N THR A 11 9.98 30.94 3.13
CA THR A 11 11.42 31.10 3.01
C THR A 11 12.15 30.37 4.13
N LYS A 12 11.68 30.53 5.36
CA LYS A 12 12.33 29.90 6.51
C LYS A 12 12.33 28.38 6.36
N GLN A 13 11.16 27.79 6.10
CA GLN A 13 11.08 26.34 5.96
C GLN A 13 11.97 25.86 4.84
N VAL A 14 11.90 26.49 3.67
CA VAL A 14 12.57 25.98 2.49
C VAL A 14 14.08 26.24 2.55
N PHE A 15 14.50 27.39 3.11
CA PHE A 15 15.94 27.63 3.26
C PHE A 15 16.53 26.74 4.35
N THR A 16 15.77 26.48 5.42
CA THR A 16 16.25 25.58 6.45
C THR A 16 16.38 24.15 5.94
N PHE A 17 15.40 23.68 5.17
CA PHE A 17 15.45 22.32 4.63
C PHE A 17 16.67 22.14 3.73
N ALA A 18 16.97 23.13 2.89
CA ALA A 18 18.15 23.04 2.05
C ALA A 18 19.42 23.06 2.87
N SER A 19 19.46 23.89 3.93
CA SER A 19 20.64 23.97 4.77
C SER A 19 20.85 22.69 5.56
N GLU A 20 19.77 22.04 5.98
CA GLU A 20 19.89 20.80 6.74
C GLU A 20 20.34 19.65 5.85
N LEU A 21 19.88 19.63 4.59
CA LEU A 21 20.40 18.65 3.64
C LEU A 21 21.90 18.81 3.48
N TYR A 22 22.38 20.06 3.41
CA TYR A 22 23.82 20.30 3.34
C TYR A 22 24.50 19.76 4.60
N ALA A 23 23.87 19.94 5.75
CA ALA A 23 24.49 19.56 7.01
C ALA A 23 24.71 18.06 7.10
N TYR A 24 23.90 17.28 6.40
CA TYR A 24 24.00 15.83 6.43
C TYR A 24 24.71 15.26 5.21
N GLY A 25 25.29 16.11 4.36
CA GLY A 25 26.19 15.62 3.34
C GLY A 25 25.90 16.02 1.90
N VAL A 26 24.73 16.61 1.64
CA VAL A 26 24.34 16.92 0.27
C VAL A 26 25.16 18.12 -0.22
N ARG A 27 25.74 17.98 -1.41
CA ARG A 27 26.48 19.06 -2.05
C ARG A 27 25.95 19.43 -3.43
N GLU A 28 25.18 18.57 -4.09
CA GLU A 28 24.60 18.87 -5.38
C GLU A 28 23.18 18.31 -5.42
N VAL A 29 22.37 18.88 -6.33
CA VAL A 29 20.99 18.45 -6.54
C VAL A 29 20.71 18.46 -8.04
N VAL A 30 19.73 17.65 -8.45
CA VAL A 30 19.31 17.55 -9.84
C VAL A 30 17.86 18.00 -9.89
N ILE A 31 17.61 19.21 -10.39
CA ILE A 31 16.27 19.81 -10.41
C ILE A 31 15.64 19.63 -11.78
N SER A 32 14.36 19.28 -11.80
CA SER A 32 13.58 19.24 -13.01
C SER A 32 12.57 20.39 -13.02
N PRO A 33 12.36 21.03 -14.17
CA PRO A 33 11.55 22.26 -14.18
C PRO A 33 10.09 22.00 -13.87
N GLY A 34 9.48 22.99 -13.23
CA GLY A 34 8.07 22.92 -12.88
C GLY A 34 7.70 24.15 -12.07
N SER A 35 6.38 24.35 -11.94
CA SER A 35 5.91 25.52 -11.20
C SER A 35 5.85 25.24 -9.70
N ARG A 36 5.23 24.12 -9.30
CA ARG A 36 5.02 23.85 -7.88
C ARG A 36 6.33 23.65 -7.13
N SER A 37 7.43 23.32 -7.81
CA SER A 37 8.71 23.13 -7.16
C SER A 37 9.48 24.43 -6.97
N THR A 38 8.83 25.58 -7.20
CA THR A 38 9.52 26.86 -7.19
C THR A 38 10.27 27.16 -5.90
N PRO A 39 9.66 27.11 -4.70
CA PRO A 39 10.37 27.63 -3.52
C PRO A 39 11.67 26.89 -3.20
N LEU A 40 11.65 25.55 -3.19
CA LEU A 40 12.86 24.80 -2.86
C LEU A 40 13.85 24.82 -4.02
N ALA A 41 13.38 24.92 -5.25
CA ALA A 41 14.30 25.05 -6.38
C ALA A 41 15.15 26.31 -6.27
N LEU A 42 14.52 27.43 -5.92
CA LEU A 42 15.28 28.68 -5.77
C LEU A 42 16.20 28.62 -4.56
N ALA A 43 15.86 27.82 -3.55
CA ALA A 43 16.72 27.70 -2.38
C ALA A 43 18.05 27.06 -2.72
N PHE A 44 18.01 25.90 -3.39
CA PHE A 44 19.25 25.22 -3.78
C PHE A 44 20.12 26.12 -4.66
N GLU A 45 19.50 26.83 -5.59
CA GLU A 45 20.25 27.72 -6.47
C GLU A 45 20.87 28.88 -5.69
N ALA A 46 20.16 29.39 -4.69
CA ALA A 46 20.67 30.51 -3.89
C ALA A 46 21.71 30.06 -2.88
N HIS A 47 21.58 28.85 -2.35
CA HIS A 47 22.53 28.36 -1.36
C HIS A 47 23.93 28.36 -1.95
N PRO A 48 24.87 29.10 -1.37
CA PRO A 48 26.19 29.26 -2.02
C PRO A 48 27.02 28.00 -2.08
N ASN A 49 26.66 26.94 -1.35
CA ASN A 49 27.46 25.73 -1.31
C ASN A 49 26.69 24.49 -1.79
N ILE A 50 25.66 24.69 -2.61
CA ILE A 50 24.93 23.58 -3.21
C ILE A 50 24.87 23.82 -4.71
N LYS A 51 25.48 22.92 -5.48
CA LYS A 51 25.46 23.03 -6.93
C LYS A 51 24.19 22.42 -7.49
N THR A 52 23.63 23.07 -8.50
CA THR A 52 22.40 22.62 -9.14
C THR A 52 22.67 22.07 -10.54
N TRP A 53 21.87 21.08 -10.92
CA TRP A 53 21.84 20.57 -12.29
C TRP A 53 20.38 20.57 -12.74
N ILE A 54 20.10 21.25 -13.85
CA ILE A 54 18.75 21.38 -14.37
C ILE A 54 18.58 20.39 -15.52
N HIS A 55 17.65 19.45 -15.35
CA HIS A 55 17.44 18.36 -16.32
C HIS A 55 15.96 18.29 -16.69
N PRO A 56 15.61 18.42 -17.97
CA PRO A 56 14.18 18.39 -18.35
C PRO A 56 13.54 17.01 -18.37
N ASP A 57 14.31 15.93 -18.41
CA ASP A 57 13.77 14.58 -18.44
C ASP A 57 13.94 13.96 -17.05
N GLU A 58 12.84 13.80 -16.33
CA GLU A 58 12.90 13.35 -14.94
C GLU A 58 13.46 11.93 -14.82
N ARG A 59 13.20 11.07 -15.79
CA ARG A 59 13.74 9.70 -15.74
C ARG A 59 15.25 9.71 -15.83
N SER A 60 15.79 10.37 -16.86
CA SER A 60 17.24 10.49 -16.98
C SER A 60 17.82 11.29 -15.82
N ALA A 61 17.06 12.24 -15.29
CA ALA A 61 17.55 13.08 -14.20
C ALA A 61 17.82 12.26 -12.94
N ALA A 62 16.93 11.32 -12.62
CA ALA A 62 17.13 10.50 -11.43
C ALA A 62 18.30 9.55 -11.61
N PHE A 63 18.49 9.03 -12.81
CA PHE A 63 19.66 8.18 -13.07
C PHE A 63 20.94 8.99 -13.09
N PHE A 64 20.88 10.23 -13.58
CA PHE A 64 22.03 11.12 -13.49
C PHE A 64 22.42 11.37 -12.04
N ALA A 65 21.44 11.50 -11.16
CA ALA A 65 21.72 11.66 -9.73
C ALA A 65 22.37 10.40 -9.16
N VAL A 66 21.89 9.22 -9.57
CA VAL A 66 22.50 7.97 -9.11
C VAL A 66 23.97 7.94 -9.47
N GLY A 67 24.30 8.37 -10.69
CA GLY A 67 25.71 8.45 -11.09
C GLY A 67 26.49 9.43 -10.26
N LEU A 68 25.92 10.61 -10.00
CA LEU A 68 26.59 11.59 -9.14
C LEU A 68 26.86 10.99 -7.76
N ILE A 69 25.93 10.17 -7.26
CA ILE A 69 26.14 9.53 -5.97
C ILE A 69 27.28 8.52 -6.06
N LYS A 70 27.29 7.71 -7.12
CA LYS A 70 28.32 6.67 -7.23
C LYS A 70 29.70 7.27 -7.43
N GLY A 71 29.79 8.42 -8.09
CA GLY A 71 31.08 9.03 -8.36
C GLY A 71 31.61 9.89 -7.23
N SER A 72 30.71 10.52 -6.47
CA SER A 72 31.10 11.37 -5.36
C SER A 72 31.00 10.67 -4.01
N GLU A 73 30.28 9.56 -3.92
CA GLU A 73 30.08 8.82 -2.67
C GLU A 73 29.46 9.71 -1.60
N ARG A 74 28.56 10.60 -2.02
CA ARG A 74 27.76 11.44 -1.15
C ARG A 74 26.31 11.38 -1.61
N PRO A 75 25.35 11.36 -0.69
CA PRO A 75 23.94 11.41 -1.10
C PRO A 75 23.64 12.65 -1.92
N VAL A 76 22.70 12.51 -2.85
CA VAL A 76 22.31 13.57 -3.76
C VAL A 76 20.78 13.58 -3.83
N ALA A 77 20.20 14.78 -3.94
CA ALA A 77 18.75 14.93 -3.96
C ALA A 77 18.26 15.28 -5.35
N ILE A 78 17.06 14.82 -5.66
CA ILE A 78 16.37 15.18 -6.90
C ILE A 78 15.06 15.86 -6.52
N LEU A 79 14.67 16.86 -7.32
CA LEU A 79 13.46 17.64 -7.06
C LEU A 79 12.69 17.76 -8.37
N CYS A 80 11.39 17.50 -8.29
CA CYS A 80 10.50 17.61 -9.44
C CYS A 80 9.21 18.25 -9.00
N THR A 81 8.37 18.59 -9.99
CA THR A 81 7.07 19.16 -9.70
C THR A 81 6.04 18.04 -9.52
N SER A 82 4.83 18.43 -9.14
CA SER A 82 3.78 17.46 -8.90
C SER A 82 3.29 16.85 -10.22
N GLY A 83 2.85 15.60 -10.14
CA GLY A 83 2.27 14.93 -11.29
C GLY A 83 3.08 13.76 -11.81
N THR A 84 3.06 13.55 -13.12
CA THR A 84 3.82 12.45 -13.72
C THR A 84 5.33 12.69 -13.67
N ALA A 85 5.76 13.93 -13.38
CA ALA A 85 7.18 14.17 -13.15
C ALA A 85 7.72 13.26 -12.05
N ALA A 86 6.94 13.07 -10.98
CA ALA A 86 7.36 12.18 -9.91
C ALA A 86 7.34 10.72 -10.35
N ALA A 87 6.37 10.34 -11.19
CA ALA A 87 6.28 8.95 -11.62
C ALA A 87 7.47 8.52 -12.46
N ASN A 88 8.12 9.47 -13.15
CA ASN A 88 9.29 9.14 -13.96
C ASN A 88 10.50 8.78 -13.10
N TYR A 89 10.48 9.11 -11.81
CA TYR A 89 11.57 8.77 -10.91
C TYR A 89 11.64 7.28 -10.62
N THR A 90 10.54 6.56 -10.84
CA THR A 90 10.42 5.19 -10.32
C THR A 90 11.51 4.23 -10.78
N PRO A 91 11.91 4.19 -12.07
CA PRO A 91 12.95 3.23 -12.46
C PRO A 91 14.26 3.39 -11.69
N ALA A 92 14.76 4.62 -11.55
CA ALA A 92 16.00 4.83 -10.81
C ALA A 92 15.80 4.67 -9.31
N ILE A 93 14.58 4.85 -8.81
CA ILE A 93 14.32 4.57 -7.40
C ILE A 93 14.36 3.07 -7.15
N ALA A 94 13.85 2.28 -8.10
CA ALA A 94 13.89 0.83 -7.97
C ALA A 94 15.31 0.30 -8.05
N GLU A 95 16.14 0.90 -8.91
CA GLU A 95 17.54 0.50 -8.97
C GLU A 95 18.28 0.88 -7.69
N SER A 96 17.92 2.02 -7.08
CA SER A 96 18.55 2.42 -5.82
C SER A 96 18.13 1.55 -4.65
N GLN A 97 16.97 0.89 -4.73
CA GLN A 97 16.55 0.04 -3.63
C GLN A 97 17.43 -1.21 -3.54
N ILE A 98 17.79 -1.79 -4.69
CA ILE A 98 18.59 -3.01 -4.66
C ILE A 98 20.07 -2.66 -4.48
N SER A 99 20.59 -1.69 -5.23
CA SER A 99 21.99 -1.32 -5.12
C SER A 99 22.30 -0.53 -3.85
N ARG A 100 21.29 -0.14 -3.08
CA ARG A 100 21.45 0.61 -1.83
C ARG A 100 22.09 1.98 -2.07
N ILE A 101 21.46 2.76 -2.94
CA ILE A 101 21.94 4.08 -3.31
C ILE A 101 21.19 5.12 -2.48
N PRO A 102 21.88 5.96 -1.72
CA PRO A 102 21.21 6.98 -0.87
C PRO A 102 20.66 8.15 -1.69
N LEU A 103 19.64 7.86 -2.50
CA LEU A 103 19.02 8.87 -3.34
C LEU A 103 17.89 9.55 -2.57
N ILE A 104 17.98 10.87 -2.42
CA ILE A 104 16.96 11.65 -1.73
C ILE A 104 15.96 12.16 -2.77
N VAL A 105 14.72 11.72 -2.65
CA VAL A 105 13.68 11.98 -3.66
C VAL A 105 12.72 13.02 -3.10
N LEU A 106 12.73 14.22 -3.68
CA LEU A 106 11.93 15.34 -3.22
C LEU A 106 10.86 15.67 -4.28
N THR A 107 9.60 15.43 -3.93
CA THR A 107 8.48 15.73 -4.81
C THR A 107 7.66 16.86 -4.20
N SER A 108 7.47 17.93 -4.96
CA SER A 108 6.61 19.01 -4.52
C SER A 108 5.15 18.66 -4.80
N ASP A 109 4.27 19.12 -3.91
CA ASP A 109 2.85 18.80 -3.95
C ASP A 109 2.04 20.07 -3.75
N ARG A 110 0.75 19.98 -4.05
CA ARG A 110 -0.16 21.06 -3.70
C ARG A 110 -0.48 21.01 -2.22
N PRO A 111 -0.91 22.15 -1.64
CA PRO A 111 -1.17 22.17 -0.19
C PRO A 111 -2.24 21.17 0.21
N HIS A 112 -2.17 20.73 1.47
CA HIS A 112 -3.04 19.68 1.96
C HIS A 112 -4.51 19.98 1.71
N GLU A 113 -4.91 21.24 1.91
CA GLU A 113 -6.31 21.61 1.75
C GLU A 113 -6.78 21.62 0.30
N LEU A 114 -5.87 21.58 -0.67
CA LEU A 114 -6.24 21.55 -2.08
C LEU A 114 -6.02 20.19 -2.72
N ARG A 115 -5.50 19.22 -1.97
CA ARG A 115 -5.18 17.92 -2.56
C ARG A 115 -6.44 17.13 -2.86
N SER A 116 -6.43 16.43 -4.00
CA SER A 116 -7.51 15.50 -4.35
C SER A 116 -7.12 14.60 -5.51
N VAL A 117 -6.99 13.30 -5.26
CA VAL A 117 -6.66 12.36 -6.32
C VAL A 117 -7.75 12.37 -7.39
N GLY A 118 -7.36 12.52 -8.65
CA GLY A 118 -8.28 12.56 -9.76
C GLY A 118 -8.46 13.94 -10.36
N ALA A 119 -8.12 14.99 -9.63
CA ALA A 119 -8.13 16.35 -10.14
C ALA A 119 -7.01 16.48 -11.18
N PRO A 120 -7.01 17.58 -11.95
CA PRO A 120 -5.94 17.77 -12.95
C PRO A 120 -4.56 17.76 -12.30
N GLN A 121 -3.67 16.93 -12.84
CA GLN A 121 -2.28 16.83 -12.39
C GLN A 121 -2.19 16.35 -10.94
N ALA A 122 -3.15 15.53 -10.51
CA ALA A 122 -3.28 15.17 -9.09
C ALA A 122 -3.34 13.65 -8.94
N ILE A 123 -2.17 13.01 -8.83
CA ILE A 123 -2.10 11.65 -8.36
C ILE A 123 -1.80 11.70 -6.88
N ASN A 124 -1.85 10.54 -6.20
CA ASN A 124 -1.47 10.48 -4.79
C ASN A 124 0.05 10.34 -4.68
N GLN A 125 0.69 11.38 -4.15
CA GLN A 125 2.14 11.36 -3.97
C GLN A 125 2.55 10.95 -2.57
N VAL A 126 1.61 10.89 -1.63
CA VAL A 126 1.91 10.42 -0.28
C VAL A 126 2.11 8.92 -0.33
N ASN A 127 3.33 8.47 -0.01
CA ASN A 127 3.70 7.05 -0.02
C ASN A 127 3.59 6.43 -1.41
N MET A 128 3.77 7.23 -2.46
CA MET A 128 3.73 6.70 -3.82
C MET A 128 4.93 5.82 -4.13
N PHE A 129 6.03 5.95 -3.39
CA PHE A 129 7.19 5.09 -3.55
C PHE A 129 7.30 4.08 -2.42
N ASN A 130 6.17 3.75 -1.77
CA ASN A 130 6.15 2.82 -0.65
C ASN A 130 6.76 1.47 -1.03
N ASN A 131 6.72 1.10 -2.31
CA ASN A 131 7.19 -0.20 -2.75
C ASN A 131 8.71 -0.30 -2.80
N TYR A 132 9.44 0.81 -2.63
CA TYR A 132 10.89 0.80 -2.83
C TYR A 132 11.69 1.48 -1.73
N VAL A 133 11.11 2.35 -0.92
CA VAL A 133 11.89 3.16 0.01
C VAL A 133 11.66 2.66 1.43
N SER A 134 12.62 2.98 2.30
CA SER A 134 12.54 2.68 3.71
C SER A 134 12.14 3.87 4.56
N TYR A 135 12.11 5.08 3.98
CA TYR A 135 11.67 6.28 4.68
C TYR A 135 10.84 7.13 3.73
N GLU A 136 9.64 7.52 4.19
CA GLU A 136 8.75 8.38 3.41
C GLU A 136 8.03 9.31 4.38
N PHE A 137 8.03 10.61 4.06
CA PHE A 137 7.42 11.61 4.93
C PHE A 137 6.66 12.64 4.12
N ASP A 138 5.49 13.04 4.63
CA ASP A 138 4.65 14.08 4.04
C ASP A 138 4.79 15.32 4.92
N MET A 139 5.56 16.30 4.44
CA MET A 139 5.93 17.43 5.27
C MET A 139 4.73 18.32 5.57
N PRO A 140 4.73 19.01 6.70
CA PRO A 140 3.66 19.97 6.99
C PRO A 140 3.85 21.27 6.23
N ILE A 141 2.72 21.93 5.97
CA ILE A 141 2.76 23.21 5.27
C ILE A 141 3.46 24.25 6.14
N ALA A 142 4.19 25.15 5.48
CA ALA A 142 5.09 26.05 6.19
C ALA A 142 4.35 26.97 7.14
N ASP A 143 4.95 27.22 8.29
CA ASP A 143 4.37 28.03 9.36
C ASP A 143 5.46 28.88 9.98
N ASP A 144 5.04 29.88 10.76
CA ASP A 144 5.97 30.65 11.57
C ASP A 144 6.24 30.01 12.93
N SER A 145 5.52 28.96 13.27
CA SER A 145 5.73 28.27 14.54
C SER A 145 7.05 27.54 14.54
N LYS A 146 7.61 27.34 15.74
CA LYS A 146 8.87 26.64 15.87
C LYS A 146 8.74 25.14 15.60
N GLU A 147 7.54 24.58 15.79
CA GLU A 147 7.39 23.13 15.66
C GLU A 147 7.35 22.67 14.21
N THR A 148 6.85 23.49 13.29
CA THR A 148 6.91 23.11 11.89
C THR A 148 8.32 23.25 11.35
N ILE A 149 9.13 24.13 11.94
CA ILE A 149 10.53 24.24 11.54
C ILE A 149 11.36 23.14 12.20
N ASN A 150 11.07 22.81 13.45
CA ASN A 150 11.79 21.73 14.13
C ASN A 150 11.49 20.38 13.52
N ALA A 151 10.40 20.25 12.76
CA ALA A 151 10.13 19.01 12.04
C ALA A 151 11.26 18.67 11.07
N ILE A 152 11.89 19.69 10.49
CA ILE A 152 13.04 19.44 9.62
C ILE A 152 14.17 18.82 10.43
N TYR A 153 14.55 19.44 11.55
CA TYR A 153 15.62 18.89 12.38
C TYR A 153 15.25 17.51 12.91
N TYR A 154 13.98 17.31 13.25
CA TYR A 154 13.53 16.02 13.79
C TYR A 154 13.57 14.93 12.71
N GLN A 155 13.02 15.21 11.53
CA GLN A 155 12.96 14.16 10.51
C GLN A 155 14.27 13.98 9.77
N MET A 156 15.09 15.03 9.67
CA MET A 156 16.41 14.88 9.07
C MET A 156 17.30 13.98 9.91
N GLN A 157 17.14 14.02 11.23
CA GLN A 157 17.90 13.12 12.10
C GLN A 157 17.46 11.67 11.89
N ILE A 158 16.15 11.44 11.73
CA ILE A 158 15.67 10.08 11.47
C ILE A 158 16.09 9.62 10.08
N ALA A 159 15.98 10.50 9.07
CA ALA A 159 16.32 10.11 7.71
C ALA A 159 17.81 9.90 7.51
N SER A 160 18.64 10.41 8.41
CA SER A 160 20.08 10.29 8.23
C SER A 160 20.56 8.86 8.37
N GLN A 161 19.86 8.03 9.14
CA GLN A 161 20.25 6.63 9.28
C GLN A 161 20.10 5.87 7.97
N TYR A 162 19.36 6.40 7.00
CA TYR A 162 19.25 5.76 5.69
C TYR A 162 20.18 6.35 4.65
N LEU A 163 21.02 7.32 5.03
CA LEU A 163 21.95 7.94 4.10
C LEU A 163 23.36 7.39 4.19
N TYR A 164 23.71 6.70 5.28
CA TYR A 164 25.04 6.14 5.47
C TYR A 164 24.92 4.80 6.19
N GLY A 165 25.88 3.91 5.92
CA GLY A 165 25.95 2.65 6.61
C GLY A 165 25.07 1.57 6.01
N PRO A 166 24.74 0.56 6.82
CA PRO A 166 24.03 -0.61 6.27
C PRO A 166 22.60 -0.34 5.84
N HIS A 167 21.92 0.62 6.45
CA HIS A 167 20.54 0.95 6.07
C HIS A 167 20.47 1.89 4.87
N LYS A 168 21.59 2.09 4.17
CA LYS A 168 21.62 3.00 3.03
C LYS A 168 20.59 2.59 1.98
N GLY A 169 19.94 3.58 1.38
CA GLY A 169 18.93 3.36 0.37
C GLY A 169 18.17 4.64 0.05
N PRO A 170 17.20 4.54 -0.85
CA PRO A 170 16.44 5.74 -1.23
C PRO A 170 15.43 6.16 -0.17
N ILE A 171 15.26 7.48 -0.03
CA ILE A 171 14.27 8.08 0.87
C ILE A 171 13.44 9.09 0.09
N HIS A 172 12.27 9.40 0.62
CA HIS A 172 11.32 10.24 -0.09
C HIS A 172 10.70 11.29 0.83
N PHE A 173 10.71 12.54 0.39
CA PHE A 173 9.99 13.63 1.03
C PHE A 173 8.96 14.18 0.05
N ASN A 174 7.70 14.22 0.49
CA ASN A 174 6.65 14.94 -0.23
C ASN A 174 6.49 16.31 0.42
N LEU A 175 6.61 17.37 -0.37
CA LEU A 175 6.62 18.73 0.15
C LEU A 175 5.45 19.54 -0.42
N PRO A 176 4.36 19.68 0.32
CA PRO A 176 3.31 20.61 -0.10
C PRO A 176 3.78 22.05 0.04
N PHE A 177 3.47 22.85 -0.99
CA PHE A 177 3.79 24.27 -1.01
C PHE A 177 2.54 25.06 -1.36
N ARG A 178 2.28 26.12 -0.60
CA ARG A 178 1.10 26.95 -0.79
C ARG A 178 1.45 28.21 -1.59
N ASP A 179 0.56 28.59 -2.50
CA ASP A 179 0.72 29.81 -3.27
C ASP A 179 0.64 31.04 -2.35
N PRO A 180 1.40 32.10 -2.65
CA PRO A 180 2.40 32.22 -3.72
C PRO A 180 3.74 31.59 -3.33
N LEU A 181 4.55 31.24 -4.32
CA LEU A 181 5.66 30.32 -4.11
C LEU A 181 7.04 30.96 -4.21
N THR A 182 7.13 32.28 -4.37
CA THR A 182 8.51 32.74 -4.50
C THR A 182 9.06 33.16 -3.14
N PRO A 183 10.24 32.70 -2.76
CA PRO A 183 10.80 33.03 -1.45
C PRO A 183 11.56 34.36 -1.47
N ASP A 184 11.90 34.83 -0.26
CA ASP A 184 12.66 36.06 -0.09
C ASP A 184 14.14 35.73 -0.28
N LEU A 185 14.66 36.00 -1.48
CA LEU A 185 16.04 35.67 -1.82
C LEU A 185 17.06 36.46 -1.02
N ASN A 186 16.67 37.54 -0.34
CA ASN A 186 17.61 38.33 0.46
C ASN A 186 17.79 37.78 1.86
N ALA A 187 17.05 36.74 2.24
CA ALA A 187 17.19 36.13 3.57
C ALA A 187 18.30 35.06 3.55
N THR A 188 19.50 35.51 3.17
CA THR A 188 20.64 34.61 3.05
C THR A 188 21.17 34.12 4.38
N GLU A 189 20.78 34.76 5.50
CA GLU A 189 21.22 34.31 6.81
C GLU A 189 20.72 32.90 7.14
N LEU A 190 19.63 32.46 6.53
CA LEU A 190 19.07 31.14 6.77
C LEU A 190 19.69 30.06 5.87
N LEU A 191 20.60 30.44 4.97
CA LEU A 191 21.28 29.48 4.10
C LEU A 191 22.62 29.12 4.75
N THR A 192 22.54 28.24 5.74
CA THR A 192 23.69 27.85 6.54
C THR A 192 24.51 26.77 5.84
N SER A 193 25.71 26.53 6.36
CA SER A 193 26.62 25.54 5.79
C SER A 193 27.28 24.74 6.91
N GLU A 194 26.54 24.44 7.97
CA GLU A 194 27.04 23.60 9.04
C GLU A 194 27.29 22.18 8.52
N MET A 195 28.14 21.45 9.22
CA MET A 195 28.45 20.07 8.89
C MET A 195 28.22 19.21 10.12
N LYS A 196 27.36 18.21 9.99
CA LYS A 196 27.00 17.37 11.14
C LYS A 196 28.09 16.35 11.42
N ILE A 197 28.30 16.08 12.71
CA ILE A 197 29.10 14.94 13.12
C ILE A 197 28.22 13.69 13.05
N LEU A 198 28.79 12.59 12.59
CA LEU A 198 27.96 11.43 12.29
C LEU A 198 28.56 10.18 12.91
N PRO A 199 27.73 9.22 13.30
CA PRO A 199 28.23 8.05 14.03
C PRO A 199 29.10 7.17 13.14
N HIS A 200 30.18 6.67 13.73
CA HIS A 200 31.10 5.74 13.07
C HIS A 200 31.28 4.54 13.98
N TYR A 201 31.02 3.35 13.46
CA TYR A 201 31.05 2.12 14.24
C TYR A 201 32.11 1.16 13.70
N GLN A 202 32.45 0.18 14.54
CA GLN A 202 33.24 -0.97 14.14
C GLN A 202 32.57 -2.22 14.69
N LYS A 203 32.52 -3.27 13.87
CA LYS A 203 31.86 -4.51 14.25
C LYS A 203 32.89 -5.63 14.36
N SER A 204 32.53 -6.64 15.15
CA SER A 204 33.31 -7.87 15.26
C SER A 204 32.38 -9.00 15.65
N ILE A 205 32.72 -10.22 15.23
CA ILE A 205 31.90 -11.39 15.51
C ILE A 205 32.71 -12.40 16.30
N ASP A 206 32.00 -13.30 16.98
CA ASP A 206 32.62 -14.43 17.67
C ASP A 206 32.74 -15.59 16.70
N ALA A 207 33.98 -15.98 16.40
CA ALA A 207 34.26 -16.97 15.37
C ALA A 207 34.52 -18.36 15.92
N SER A 208 34.24 -18.60 17.21
CA SER A 208 34.57 -19.89 17.80
C SER A 208 33.86 -21.03 17.09
N ALA A 209 32.56 -20.87 16.80
CA ALA A 209 31.79 -21.93 16.16
C ALA A 209 32.00 -21.99 14.65
N LEU A 210 32.88 -21.16 14.10
CA LEU A 210 33.22 -21.23 12.68
C LEU A 210 34.62 -21.78 12.43
N ARG A 211 35.42 -21.98 13.49
CA ARG A 211 36.81 -22.38 13.30
C ARG A 211 36.91 -23.79 12.73
N HIS A 212 36.00 -24.70 13.14
CA HIS A 212 36.04 -26.05 12.60
C HIS A 212 35.84 -26.06 11.10
N ILE A 213 35.06 -25.12 10.57
CA ILE A 213 34.92 -24.97 9.13
C ILE A 213 36.14 -24.28 8.54
N LEU A 214 36.51 -23.13 9.09
CA LEU A 214 37.57 -22.31 8.50
C LEU A 214 38.93 -23.00 8.51
N ASN A 215 39.13 -24.00 9.35
CA ASN A 215 40.40 -24.71 9.38
C ASN A 215 40.44 -25.86 8.38
N LYS A 216 39.33 -26.19 7.73
CA LYS A 216 39.37 -27.12 6.62
C LYS A 216 40.22 -26.54 5.50
N LYS A 217 40.75 -27.43 4.66
CA LYS A 217 41.77 -27.00 3.69
C LYS A 217 41.14 -26.35 2.47
N LYS A 218 40.17 -27.03 1.84
CA LYS A 218 39.64 -26.61 0.55
C LYS A 218 38.63 -25.48 0.75
N GLY A 219 39.15 -24.27 0.90
CA GLY A 219 38.30 -23.11 1.09
C GLY A 219 38.34 -22.15 -0.09
N LEU A 220 37.30 -21.35 -0.27
CA LEU A 220 37.21 -20.39 -1.35
C LEU A 220 36.56 -19.12 -0.85
N ILE A 221 37.10 -17.98 -1.28
CA ILE A 221 36.54 -16.67 -0.99
C ILE A 221 35.95 -16.12 -2.29
N ILE A 222 34.64 -15.91 -2.32
CA ILE A 222 33.93 -15.47 -3.50
C ILE A 222 33.46 -14.03 -3.24
N VAL A 223 34.04 -13.09 -3.98
CA VAL A 223 33.75 -11.66 -3.80
C VAL A 223 32.98 -11.18 -5.02
N GLY A 224 31.73 -10.78 -4.82
CA GLY A 224 30.92 -10.24 -5.90
C GLY A 224 30.95 -8.73 -6.00
N ASP A 225 29.79 -8.12 -6.17
CA ASP A 225 29.71 -6.66 -6.23
C ASP A 225 30.16 -6.06 -4.91
N MET A 226 31.26 -5.29 -4.96
CA MET A 226 31.78 -4.58 -3.81
C MET A 226 31.96 -3.09 -4.09
N GLN A 227 31.19 -2.56 -5.05
CA GLN A 227 31.32 -1.16 -5.43
C GLN A 227 31.11 -0.26 -4.23
N HIS A 228 31.97 0.77 -4.12
CA HIS A 228 31.88 1.75 -3.04
C HIS A 228 32.03 1.11 -1.66
N GLN A 229 32.73 -0.03 -1.61
CA GLN A 229 33.06 -0.71 -0.36
C GLN A 229 34.56 -0.93 -0.29
N GLU A 230 35.05 -1.13 0.93
CA GLU A 230 36.47 -1.36 1.18
C GLU A 230 36.75 -2.85 1.25
N VAL A 231 37.84 -3.28 0.61
CA VAL A 231 38.09 -4.70 0.43
C VAL A 231 39.53 -5.07 0.78
N ASP A 232 40.26 -4.18 1.45
CA ASP A 232 41.70 -4.39 1.64
C ASP A 232 41.97 -5.59 2.55
N GLN A 233 41.20 -5.76 3.61
CA GLN A 233 41.43 -6.86 4.53
C GLN A 233 41.10 -8.22 3.92
N ILE A 234 40.36 -8.24 2.80
CA ILE A 234 40.18 -9.50 2.07
C ILE A 234 41.51 -9.98 1.52
N LEU A 235 42.33 -9.06 1.02
CA LEU A 235 43.64 -9.46 0.49
C LEU A 235 44.59 -9.83 1.61
N THR A 236 44.50 -9.15 2.75
CA THR A 236 45.35 -9.50 3.89
C THR A 236 45.04 -10.91 4.39
N TYR A 237 43.76 -11.20 4.62
CA TYR A 237 43.37 -12.54 5.07
C TYR A 237 43.75 -13.61 4.06
N SER A 238 43.64 -13.30 2.77
CA SER A 238 43.97 -14.29 1.74
C SER A 238 45.47 -14.56 1.69
N THR A 239 46.29 -13.53 1.93
CA THR A 239 47.73 -13.72 1.95
C THR A 239 48.15 -14.55 3.16
N ILE A 240 47.59 -14.25 4.33
CA ILE A 240 48.02 -14.95 5.54
C ILE A 240 47.54 -16.40 5.54
N TYR A 241 46.38 -16.67 4.94
CA TYR A 241 45.75 -17.99 5.08
C TYR A 241 45.74 -18.80 3.79
N ASP A 242 46.44 -18.36 2.75
CA ASP A 242 46.59 -19.11 1.50
C ASP A 242 45.25 -19.47 0.88
N LEU A 243 44.36 -18.48 0.79
CA LEU A 243 43.03 -18.74 0.26
C LEU A 243 42.86 -18.10 -1.11
N PRO A 244 42.39 -18.87 -2.10
CA PRO A 244 42.11 -18.27 -3.41
C PRO A 244 40.89 -17.37 -3.36
N ILE A 245 40.94 -16.28 -4.13
CA ILE A 245 39.87 -15.30 -4.22
C ILE A 245 39.25 -15.38 -5.61
N LEU A 246 38.00 -15.80 -5.68
CA LEU A 246 37.24 -15.76 -6.92
C LEU A 246 36.62 -14.36 -7.00
N ALA A 247 37.27 -13.46 -7.74
CA ALA A 247 36.97 -12.04 -7.70
C ALA A 247 36.14 -11.61 -8.89
N ASP A 248 34.93 -11.13 -8.62
CA ASP A 248 34.09 -10.50 -9.63
C ASP A 248 34.75 -9.20 -10.13
N PRO A 249 34.48 -8.80 -11.37
CA PRO A 249 34.99 -7.49 -11.84
C PRO A 249 34.61 -6.33 -10.94
N LEU A 250 33.39 -6.35 -10.40
CA LEU A 250 32.90 -5.28 -9.54
C LEU A 250 33.35 -5.43 -8.08
N SER A 251 34.29 -6.34 -7.80
CA SER A 251 34.81 -6.48 -6.45
C SER A 251 35.93 -5.50 -6.16
N HIS A 252 36.42 -4.79 -7.18
CA HIS A 252 37.55 -3.85 -7.09
C HIS A 252 38.86 -4.55 -6.74
N LEU A 253 38.92 -5.88 -6.87
CA LEU A 253 40.10 -6.64 -6.47
C LEU A 253 41.03 -6.99 -7.62
N ARG A 254 40.50 -7.16 -8.83
CA ARG A 254 41.31 -7.61 -9.95
C ARG A 254 42.44 -6.64 -10.30
N LYS A 255 42.32 -5.37 -9.91
CA LYS A 255 43.32 -4.38 -10.29
C LYS A 255 44.61 -4.51 -9.50
N PHE A 256 44.60 -5.17 -8.35
CA PHE A 256 45.78 -5.27 -7.49
C PHE A 256 46.79 -6.29 -7.97
N ASP A 257 46.45 -7.12 -8.96
CA ASP A 257 47.31 -8.20 -9.43
C ASP A 257 47.82 -9.06 -8.27
N HIS A 258 46.91 -9.37 -7.35
CA HIS A 258 47.26 -10.19 -6.21
C HIS A 258 47.54 -11.63 -6.64
N PRO A 259 48.52 -12.30 -6.03
CA PRO A 259 48.84 -13.68 -6.46
C PRO A 259 47.76 -14.70 -6.15
N ASN A 260 46.78 -14.37 -5.33
CA ASN A 260 45.74 -15.32 -4.95
C ASN A 260 44.39 -15.04 -5.60
N VAL A 261 44.31 -14.02 -6.47
CA VAL A 261 43.05 -13.62 -7.08
C VAL A 261 42.89 -14.38 -8.39
N ILE A 262 41.79 -15.12 -8.51
CA ILE A 262 41.44 -15.85 -9.72
C ILE A 262 40.41 -15.04 -10.49
N CYS A 263 40.75 -14.68 -11.73
CA CYS A 263 39.88 -13.87 -12.58
C CYS A 263 39.15 -14.68 -13.64
N THR A 264 39.50 -15.95 -13.85
CA THR A 264 38.98 -16.72 -14.96
C THR A 264 38.00 -17.80 -14.51
N TYR A 265 37.43 -17.66 -13.32
CA TYR A 265 36.59 -18.72 -12.77
C TYR A 265 35.35 -18.98 -13.64
N ASP A 266 34.81 -17.94 -14.29
CA ASP A 266 33.61 -18.15 -15.11
C ASP A 266 33.90 -19.05 -16.29
N LEU A 267 34.99 -18.76 -17.02
CA LEU A 267 35.39 -19.65 -18.11
C LEU A 267 35.79 -21.03 -17.57
N LEU A 268 36.47 -21.05 -16.42
CA LEU A 268 36.82 -22.31 -15.78
C LEU A 268 35.58 -23.16 -15.53
N PHE A 269 34.56 -22.58 -14.88
CA PHE A 269 33.36 -23.34 -14.58
C PHE A 269 32.54 -23.62 -15.84
N ARG A 270 32.60 -22.72 -16.83
CA ARG A 270 31.95 -23.00 -18.11
C ARG A 270 32.60 -24.19 -18.81
N SER A 271 33.91 -24.33 -18.67
CA SER A 271 34.65 -25.41 -19.33
C SER A 271 34.59 -26.73 -18.57
N GLY A 272 33.82 -26.81 -17.49
CA GLY A 272 33.59 -28.07 -16.83
C GLY A 272 34.34 -28.30 -15.53
N LEU A 273 34.88 -27.25 -14.91
CA LEU A 273 35.56 -27.40 -13.62
C LEU A 273 34.60 -27.99 -12.60
N ASP A 274 35.07 -28.99 -11.87
CA ASP A 274 34.24 -29.70 -10.89
C ASP A 274 35.10 -30.15 -9.72
N LEU A 275 35.71 -29.20 -9.01
CA LEU A 275 36.47 -29.53 -7.82
C LEU A 275 35.55 -29.64 -6.61
N ASN A 276 36.01 -30.39 -5.61
CA ASN A 276 35.32 -30.48 -4.33
C ASN A 276 35.84 -29.40 -3.40
N VAL A 277 34.91 -28.74 -2.71
CA VAL A 277 35.23 -27.58 -1.88
C VAL A 277 34.67 -27.79 -0.48
N ASP A 278 35.48 -27.49 0.53
CA ASP A 278 35.04 -27.64 1.92
C ASP A 278 34.12 -26.50 2.35
N PHE A 279 34.47 -25.26 2.01
CA PHE A 279 33.63 -24.13 2.38
C PHE A 279 33.87 -22.97 1.42
N VAL A 280 32.86 -22.10 1.33
CA VAL A 280 32.93 -20.87 0.55
C VAL A 280 32.47 -19.72 1.43
N ILE A 281 33.19 -18.60 1.35
CA ILE A 281 32.82 -17.36 2.01
C ILE A 281 32.36 -16.41 0.90
N ARG A 282 31.05 -16.21 0.80
CA ARG A 282 30.48 -15.30 -0.18
C ARG A 282 30.42 -13.90 0.43
N VAL A 283 31.13 -12.95 -0.18
CA VAL A 283 31.19 -11.59 0.34
C VAL A 283 30.64 -10.66 -0.74
N GLY A 284 29.75 -9.75 -0.34
CA GLY A 284 29.16 -8.80 -1.25
C GLY A 284 27.85 -9.27 -1.86
N LYS A 285 27.44 -8.55 -2.90
CA LYS A 285 26.26 -8.90 -3.67
C LYS A 285 26.60 -10.00 -4.69
N PRO A 286 25.59 -10.69 -5.24
CA PRO A 286 25.85 -11.82 -6.12
C PRO A 286 26.82 -11.49 -7.25
N VAL A 287 27.57 -12.51 -7.68
CA VAL A 287 28.51 -12.34 -8.78
C VAL A 287 27.76 -12.37 -10.11
N ILE A 288 28.44 -11.92 -11.17
CA ILE A 288 27.80 -11.88 -12.49
C ILE A 288 27.63 -13.30 -13.04
N SER A 289 28.59 -14.18 -12.77
CA SER A 289 28.65 -15.48 -13.43
C SER A 289 27.43 -16.35 -13.13
N LYS A 290 26.60 -16.60 -14.15
CA LYS A 290 25.48 -17.52 -13.99
C LYS A 290 25.96 -18.92 -13.61
N LYS A 291 27.08 -19.36 -14.19
CA LYS A 291 27.55 -20.73 -13.97
C LYS A 291 28.05 -20.92 -12.54
N LEU A 292 28.69 -19.90 -11.97
CA LEU A 292 29.14 -20.00 -10.58
C LEU A 292 27.94 -19.99 -9.62
N ASN A 293 26.91 -19.21 -9.94
CA ASN A 293 25.73 -19.20 -9.08
C ASN A 293 24.97 -20.51 -9.14
N GLN A 294 24.96 -21.16 -10.31
CA GLN A 294 24.38 -22.50 -10.41
C GLN A 294 25.17 -23.48 -9.56
N TRP A 295 26.50 -23.40 -9.58
CA TRP A 295 27.34 -24.27 -8.77
C TRP A 295 27.07 -24.11 -7.28
N LEU A 296 26.74 -22.89 -6.85
CA LEU A 296 26.41 -22.69 -5.43
C LEU A 296 25.16 -23.45 -5.05
N LYS A 297 24.25 -23.67 -6.00
CA LYS A 297 23.05 -24.45 -5.74
C LYS A 297 23.31 -25.95 -5.75
N LYS A 298 24.52 -26.38 -6.11
CA LYS A 298 24.87 -27.79 -6.21
C LYS A 298 25.88 -28.25 -5.18
N THR A 299 26.90 -27.43 -4.90
CA THR A 299 27.96 -27.83 -3.99
C THR A 299 27.38 -28.16 -2.61
N ASP A 300 28.03 -29.09 -1.92
CA ASP A 300 27.69 -29.41 -0.54
C ASP A 300 28.59 -28.72 0.46
N ALA A 301 29.38 -27.73 0.00
CA ALA A 301 30.28 -27.02 0.87
C ALA A 301 29.50 -26.21 1.91
N PHE A 302 30.16 -25.93 3.04
CA PHE A 302 29.63 -25.00 4.01
C PHE A 302 29.65 -23.59 3.44
N GLN A 303 28.52 -22.90 3.52
CA GLN A 303 28.35 -21.60 2.88
C GLN A 303 28.19 -20.51 3.94
N ILE A 304 29.07 -19.49 3.87
CA ILE A 304 29.04 -18.34 4.76
C ILE A 304 28.80 -17.10 3.91
N LEU A 305 27.76 -16.33 4.25
CA LEU A 305 27.41 -15.12 3.52
C LEU A 305 27.72 -13.89 4.37
N VAL A 306 28.35 -12.89 3.74
CA VAL A 306 28.79 -11.68 4.42
C VAL A 306 28.38 -10.49 3.57
N GLN A 307 27.50 -9.65 4.10
CA GLN A 307 26.98 -8.50 3.37
C GLN A 307 26.89 -7.30 4.30
N ASN A 308 27.44 -6.17 3.88
CA ASN A 308 27.42 -4.94 4.68
C ASN A 308 26.15 -4.12 4.41
N ASN A 309 24.99 -4.74 4.58
CA ASN A 309 23.73 -4.06 4.36
C ASN A 309 22.63 -4.84 5.04
N ASP A 310 21.53 -4.15 5.35
CA ASP A 310 20.36 -4.79 5.94
C ASP A 310 19.48 -5.37 4.83
N LYS A 311 18.38 -5.99 5.22
CA LYS A 311 17.46 -6.65 4.28
C LYS A 311 18.23 -7.58 3.36
N ILE A 312 19.00 -8.48 3.96
CA ILE A 312 19.88 -9.35 3.19
C ILE A 312 19.05 -10.32 2.37
N ASP A 313 19.30 -10.35 1.07
CA ASP A 313 18.82 -11.43 0.22
C ASP A 313 19.95 -12.41 -0.03
N VAL A 314 19.59 -13.68 -0.15
CA VAL A 314 20.60 -14.74 -0.10
C VAL A 314 20.73 -15.46 -1.44
N PHE A 315 20.51 -14.73 -2.53
CA PHE A 315 20.65 -15.31 -3.86
C PHE A 315 22.07 -15.86 -4.03
N PRO A 316 22.23 -17.05 -4.65
CA PRO A 316 21.17 -17.88 -5.25
C PRO A 316 20.64 -18.99 -4.35
N ILE A 317 21.21 -19.15 -3.17
CA ILE A 317 20.78 -20.20 -2.25
C ILE A 317 21.08 -19.76 -0.82
N ALA A 318 20.19 -20.12 0.10
CA ALA A 318 20.38 -19.77 1.49
C ALA A 318 21.69 -20.36 2.01
N PRO A 319 22.57 -19.56 2.59
CA PRO A 319 23.81 -20.10 3.14
C PRO A 319 23.58 -20.85 4.42
N ASP A 320 24.66 -21.38 5.01
CA ASP A 320 24.53 -21.96 6.34
C ASP A 320 24.44 -20.88 7.42
N ILE A 321 25.01 -19.70 7.16
CA ILE A 321 24.98 -18.59 8.10
C ILE A 321 25.08 -17.29 7.32
N SER A 322 24.40 -16.25 7.80
CA SER A 322 24.39 -14.93 7.20
C SER A 322 24.86 -13.91 8.23
N TYR A 323 25.91 -13.16 7.89
CA TYR A 323 26.44 -12.12 8.75
C TYR A 323 26.22 -10.75 8.13
N GLU A 324 25.65 -9.82 8.89
CA GLU A 324 25.46 -8.45 8.47
C GLU A 324 26.63 -7.63 9.02
N ILE A 325 27.65 -7.45 8.19
CA ILE A 325 28.91 -6.85 8.62
C ILE A 325 29.71 -6.44 7.39
N SER A 326 30.58 -5.44 7.54
CA SER A 326 31.49 -5.09 6.47
C SER A 326 32.54 -6.20 6.28
N ALA A 327 33.10 -6.25 5.07
CA ALA A 327 34.10 -7.26 4.77
C ALA A 327 35.34 -7.10 5.64
N ASN A 328 35.79 -5.85 5.81
CA ASN A 328 36.99 -5.61 6.62
C ASN A 328 36.77 -6.06 8.06
N ASP A 329 35.64 -5.65 8.66
CA ASP A 329 35.36 -6.03 10.04
C ASP A 329 35.17 -7.53 10.21
N PHE A 330 34.72 -8.22 9.16
CA PHE A 330 34.57 -9.66 9.22
C PHE A 330 35.92 -10.36 9.23
N PHE A 331 36.75 -10.08 8.22
CA PHE A 331 38.03 -10.78 8.10
C PHE A 331 39.00 -10.35 9.21
N ARG A 332 38.89 -9.12 9.69
CA ARG A 332 39.74 -8.68 10.80
C ARG A 332 39.48 -9.52 12.05
N SER A 333 38.23 -9.91 12.29
CA SER A 333 37.91 -10.68 13.48
C SER A 333 38.38 -12.13 13.38
N LEU A 334 38.77 -12.59 12.19
CA LEU A 334 39.31 -13.92 12.02
C LEU A 334 40.83 -13.95 11.92
N MET A 335 41.46 -12.79 11.76
CA MET A 335 42.90 -12.75 11.46
C MET A 335 43.73 -13.18 12.65
N GLU A 336 43.38 -12.72 13.85
CA GLU A 336 44.20 -12.99 15.03
C GLU A 336 44.09 -14.46 15.44
N ASP A 337 44.45 -15.36 14.52
CA ASP A 337 44.32 -16.80 14.75
C ASP A 337 45.58 -17.51 14.27
N THR A 338 45.65 -18.80 14.59
CA THR A 338 46.71 -19.67 14.09
C THR A 338 46.45 -20.03 12.63
N THR A 339 47.43 -20.67 12.01
CA THR A 339 47.36 -20.96 10.57
C THR A 339 47.47 -22.46 10.31
N ILE A 340 46.97 -22.85 9.14
CA ILE A 340 46.96 -24.23 8.68
C ILE A 340 47.70 -24.27 7.35
N ASN A 341 48.10 -25.48 6.94
CA ASN A 341 48.83 -25.69 5.70
C ASN A 341 47.85 -26.13 4.62
N ARG A 342 47.50 -25.20 3.73
CA ARG A 342 46.66 -25.50 2.57
C ARG A 342 47.35 -25.05 1.28
N VAL A 343 48.69 -25.11 1.26
CA VAL A 343 49.46 -24.52 0.17
C VAL A 343 49.16 -25.23 -1.15
N SER A 344 49.02 -26.56 -1.12
CA SER A 344 48.79 -27.29 -2.36
C SER A 344 47.42 -26.95 -2.95
N TRP A 345 46.46 -26.55 -2.10
CA TRP A 345 45.16 -26.12 -2.59
C TRP A 345 45.25 -24.75 -3.27
N LEU A 346 46.02 -23.84 -2.69
CA LEU A 346 46.20 -22.52 -3.31
C LEU A 346 46.96 -22.62 -4.61
N GLU A 347 48.01 -23.45 -4.66
CA GLU A 347 48.83 -23.55 -5.85
C GLU A 347 48.09 -24.23 -6.99
N LYS A 348 47.21 -25.19 -6.68
CA LYS A 348 46.36 -25.77 -7.71
C LYS A 348 45.53 -24.69 -8.40
N TRP A 349 44.96 -23.76 -7.62
CA TRP A 349 44.16 -22.69 -8.22
C TRP A 349 45.03 -21.69 -8.94
N GLN A 350 46.21 -21.36 -8.39
CA GLN A 350 47.10 -20.42 -9.06
C GLN A 350 47.57 -20.96 -10.40
N CYS A 351 47.73 -22.28 -10.52
CA CYS A 351 48.15 -22.86 -11.78
C CYS A 351 47.03 -22.82 -12.82
N LEU A 352 45.78 -23.04 -12.37
CA LEU A 352 44.65 -22.91 -13.28
C LEU A 352 44.51 -21.49 -13.79
N GLU A 353 44.85 -20.50 -12.97
CA GLU A 353 44.71 -19.11 -13.37
C GLU A 353 45.81 -18.69 -14.34
N LYS A 354 47.04 -19.16 -14.12
CA LYS A 354 48.15 -18.80 -14.99
C LYS A 354 47.93 -19.32 -16.41
N LYS A 355 47.52 -20.60 -16.53
CA LYS A 355 47.25 -21.16 -17.84
C LYS A 355 46.02 -20.55 -18.47
N GLY A 356 44.96 -20.34 -17.68
CA GLY A 356 43.76 -19.71 -18.22
C GLY A 356 44.03 -18.33 -18.79
N ARG A 357 44.83 -17.53 -18.08
CA ARG A 357 45.18 -16.20 -18.59
C ARG A 357 46.00 -16.31 -19.88
N LYS A 358 46.86 -17.32 -19.98
CA LYS A 358 47.63 -17.52 -21.19
C LYS A 358 46.72 -17.90 -22.36
N GLU A 359 45.65 -18.65 -22.09
CA GLU A 359 44.71 -19.00 -23.14
C GLU A 359 43.89 -17.79 -23.56
N ILE A 360 43.61 -16.87 -22.64
CA ILE A 360 42.83 -15.69 -22.98
C ILE A 360 43.64 -14.77 -23.88
N LYS A 361 44.93 -14.61 -23.58
CA LYS A 361 45.80 -13.79 -24.43
C LYS A 361 45.84 -14.34 -25.85
N CYS A 362 45.84 -15.67 -26.00
CA CYS A 362 45.83 -16.27 -27.32
C CYS A 362 44.53 -15.98 -28.06
N TYR A 363 43.40 -16.15 -27.36
CA TYR A 363 42.10 -15.88 -27.97
C TYR A 363 41.99 -14.43 -28.43
N LEU A 364 42.49 -13.49 -27.63
CA LEU A 364 42.40 -12.06 -27.92
C LEU A 364 43.29 -11.63 -29.08
N GLU A 365 44.10 -12.51 -29.65
CA GLU A 365 44.86 -12.18 -30.84
C GLU A 365 44.18 -12.63 -32.13
N GLN A 366 43.40 -13.71 -32.07
CA GLN A 366 42.70 -14.20 -33.25
C GLN A 366 41.31 -13.60 -33.41
N ALA A 367 40.66 -13.22 -32.31
CA ALA A 367 39.23 -12.97 -32.34
C ALA A 367 38.90 -11.72 -33.14
N THR A 368 37.74 -11.76 -33.82
CA THR A 368 37.26 -10.66 -34.63
C THR A 368 35.85 -10.23 -34.27
N ASP A 369 35.29 -10.75 -33.18
CA ASP A 369 33.91 -10.49 -32.81
C ASP A 369 33.83 -9.38 -31.76
N GLU A 370 32.63 -9.20 -31.18
CA GLU A 370 32.41 -8.14 -30.20
C GLU A 370 33.33 -8.27 -29.00
N SER A 371 33.61 -9.51 -28.58
CA SER A 371 34.50 -9.71 -27.44
C SER A 371 35.92 -9.28 -27.74
N ALA A 372 36.32 -9.30 -29.01
CA ALA A 372 37.64 -8.77 -29.39
C ALA A 372 37.69 -7.26 -29.24
N PHE A 373 36.63 -6.57 -29.65
CA PHE A 373 36.54 -5.12 -29.43
C PHE A 373 36.65 -4.80 -27.94
N VAL A 374 35.94 -5.56 -27.10
CA VAL A 374 35.92 -5.28 -25.67
C VAL A 374 37.30 -5.44 -25.06
N GLY A 375 38.01 -6.51 -25.44
CA GLY A 375 39.36 -6.71 -24.94
C GLY A 375 40.30 -5.59 -25.33
N GLU A 376 40.11 -5.01 -26.51
CA GLU A 376 40.96 -3.91 -26.92
C GLU A 376 40.72 -2.68 -26.07
N LEU A 377 39.45 -2.39 -25.75
CA LEU A 377 39.13 -1.23 -24.93
C LEU A 377 39.78 -1.32 -23.56
N ILE A 378 39.83 -2.52 -22.98
CA ILE A 378 40.52 -2.69 -21.71
C ILE A 378 41.99 -2.33 -21.86
N LYS A 379 42.63 -2.83 -22.93
CA LYS A 379 44.02 -2.49 -23.20
C LYS A 379 44.20 -1.00 -23.42
N LYS A 380 43.25 -0.37 -24.13
CA LYS A 380 43.37 1.04 -24.44
C LYS A 380 43.12 1.94 -23.24
N THR A 381 42.49 1.43 -22.20
CA THR A 381 42.14 2.26 -21.06
C THR A 381 43.38 2.67 -20.28
N SER A 382 43.53 3.98 -20.06
CA SER A 382 44.64 4.48 -19.26
C SER A 382 44.59 3.92 -17.85
N GLU A 383 45.77 3.64 -17.29
CA GLU A 383 45.83 3.15 -15.92
C GLU A 383 45.29 4.19 -14.96
N LYS A 384 44.70 3.72 -13.86
CA LYS A 384 44.06 4.49 -12.80
C LYS A 384 42.75 5.15 -13.26
N ASP A 385 42.35 5.00 -14.52
CA ASP A 385 41.06 5.47 -14.98
C ASP A 385 40.00 4.40 -14.72
N ALA A 386 38.75 4.68 -15.11
CA ALA A 386 37.65 3.79 -14.83
C ALA A 386 36.81 3.57 -16.09
N LEU A 387 36.00 2.52 -16.04
CA LEU A 387 35.02 2.20 -17.08
C LEU A 387 33.66 1.99 -16.44
N PHE A 388 32.62 2.54 -17.06
CA PHE A 388 31.25 2.21 -16.72
C PHE A 388 30.73 1.22 -17.76
N ILE A 389 30.38 0.02 -17.30
CA ILE A 389 29.94 -1.05 -18.18
C ILE A 389 28.42 -1.14 -18.13
N SER A 390 27.80 -1.23 -19.30
CA SER A 390 26.37 -1.44 -19.40
C SER A 390 26.02 -2.84 -18.91
N ASN A 391 24.73 -3.15 -18.93
CA ASN A 391 24.29 -4.52 -18.64
C ASN A 391 24.22 -5.29 -19.95
N SER A 392 23.53 -6.42 -19.96
CA SER A 392 23.46 -7.32 -21.13
C SER A 392 24.88 -7.85 -21.39
N MET A 393 25.28 -8.05 -22.65
CA MET A 393 26.54 -8.71 -22.95
C MET A 393 27.79 -8.00 -22.42
N PRO A 394 27.92 -6.67 -22.47
CA PRO A 394 29.19 -6.04 -22.06
C PRO A 394 29.65 -6.43 -20.66
N ILE A 395 28.74 -6.48 -19.68
CA ILE A 395 29.15 -6.84 -18.33
C ILE A 395 29.61 -8.30 -18.28
N ARG A 396 29.08 -9.15 -19.16
CA ARG A 396 29.54 -10.54 -19.22
C ARG A 396 30.94 -10.62 -19.84
N ASP A 397 31.19 -9.80 -20.87
CA ASP A 397 32.50 -9.86 -21.53
C ASP A 397 33.60 -9.28 -20.66
N VAL A 398 33.30 -8.26 -19.86
CA VAL A 398 34.29 -7.74 -18.91
C VAL A 398 34.63 -8.80 -17.89
N ASP A 399 33.64 -9.60 -17.48
CA ASP A 399 33.88 -10.65 -16.49
C ASP A 399 34.92 -11.65 -16.99
N ASN A 400 34.88 -11.99 -18.27
CA ASN A 400 35.78 -12.99 -18.84
C ASN A 400 37.10 -12.41 -19.33
N LEU A 401 37.15 -11.12 -19.65
CA LEU A 401 38.31 -10.55 -20.31
C LEU A 401 39.15 -9.63 -19.43
N LEU A 402 38.57 -9.05 -18.38
CA LEU A 402 39.33 -8.17 -17.49
C LEU A 402 40.20 -9.02 -16.56
N LEU A 403 41.51 -8.82 -16.63
CA LEU A 403 42.43 -9.65 -15.86
C LEU A 403 43.21 -8.85 -14.83
N ASN A 404 44.38 -8.34 -15.22
CA ASN A 404 45.28 -7.67 -14.29
C ASN A 404 45.40 -6.17 -14.54
N LYS A 405 44.53 -5.60 -15.37
CA LYS A 405 44.60 -4.18 -15.68
C LYS A 405 44.30 -3.35 -14.44
N ASN A 406 45.01 -2.22 -14.30
CA ASN A 406 44.84 -1.35 -13.14
C ASN A 406 43.79 -0.28 -13.45
N ILE A 407 42.55 -0.73 -13.60
CA ILE A 407 41.40 0.15 -13.83
C ILE A 407 40.27 -0.28 -12.90
N ASP A 408 39.29 0.61 -12.77
CA ASP A 408 38.07 0.34 -12.02
C ASP A 408 36.91 0.17 -12.98
N VAL A 409 35.94 -0.65 -12.59
CA VAL A 409 34.74 -0.87 -13.38
C VAL A 409 33.52 -0.68 -12.49
N TYR A 410 32.52 0.02 -13.02
CA TYR A 410 31.27 0.28 -12.31
C TYR A 410 30.10 -0.13 -13.19
N ALA A 411 28.96 -0.39 -12.55
CA ALA A 411 27.77 -0.83 -13.26
C ALA A 411 26.55 -0.70 -12.36
N ASN A 412 25.39 -0.58 -13.00
CA ASN A 412 24.10 -0.64 -12.32
C ASN A 412 23.66 -2.10 -12.24
N ARG A 413 24.15 -2.80 -11.22
CA ARG A 413 23.91 -4.22 -11.06
C ARG A 413 22.94 -4.53 -9.93
N GLY A 414 21.96 -3.66 -9.73
CA GLY A 414 20.88 -3.95 -8.80
C GLY A 414 19.71 -4.58 -9.51
N ALA A 415 18.98 -3.77 -10.27
CA ALA A 415 17.87 -4.26 -11.08
C ALA A 415 18.31 -4.75 -12.45
N ASN A 416 19.59 -4.59 -12.79
CA ASN A 416 20.12 -5.01 -14.09
C ASN A 416 19.30 -4.45 -15.24
N GLY A 417 18.96 -3.17 -15.14
CA GLY A 417 18.17 -2.53 -16.16
C GLY A 417 19.04 -2.01 -17.31
N ILE A 418 18.42 -1.91 -18.49
CA ILE A 418 19.06 -1.26 -19.62
C ILE A 418 18.68 0.21 -19.71
N ASP A 419 17.91 0.72 -18.75
CA ASP A 419 17.52 2.12 -18.72
C ASP A 419 18.50 2.93 -17.88
N GLY A 420 18.68 4.19 -18.27
CA GLY A 420 19.49 5.12 -17.51
C GLY A 420 20.97 4.83 -17.43
N ILE A 421 21.49 3.98 -18.32
CA ILE A 421 22.92 3.68 -18.31
C ILE A 421 23.73 4.92 -18.68
N VAL A 422 23.28 5.64 -19.72
CA VAL A 422 24.01 6.83 -20.17
C VAL A 422 24.06 7.89 -19.08
N SER A 423 22.93 8.13 -18.41
CA SER A 423 22.87 9.18 -17.40
C SER A 423 23.74 8.83 -16.18
N THR A 424 23.70 7.56 -15.74
CA THR A 424 24.53 7.16 -14.60
C THR A 424 26.00 7.33 -14.93
N ALA A 425 26.41 6.90 -16.13
CA ALA A 425 27.81 7.03 -16.53
C ALA A 425 28.24 8.49 -16.53
N LEU A 426 27.42 9.38 -17.09
CA LEU A 426 27.74 10.80 -17.09
C LEU A 426 27.78 11.36 -15.67
N GLY A 427 26.94 10.83 -14.78
CA GLY A 427 26.97 11.29 -13.40
C GLY A 427 28.31 11.03 -12.73
N MET A 428 28.85 9.81 -12.90
CA MET A 428 30.18 9.52 -12.40
C MET A 428 31.24 10.36 -13.11
N ALA A 429 31.07 10.59 -14.42
CA ALA A 429 32.05 11.31 -15.22
C ALA A 429 32.32 12.70 -14.68
N VAL A 430 31.36 13.29 -13.96
CA VAL A 430 31.58 14.59 -13.34
C VAL A 430 32.68 14.50 -12.28
N HIS A 431 32.80 13.35 -11.62
CA HIS A 431 33.75 13.18 -10.52
C HIS A 431 34.90 12.23 -10.83
N LYS A 432 34.84 11.48 -11.93
CA LYS A 432 35.84 10.47 -12.21
C LYS A 432 36.17 10.44 -13.70
N ARG A 433 37.36 9.95 -14.02
CA ARG A 433 37.75 9.72 -15.41
C ARG A 433 37.11 8.41 -15.85
N ILE A 434 36.11 8.51 -16.71
CA ILE A 434 35.21 7.40 -17.01
C ILE A 434 35.04 7.29 -18.52
N THR A 435 35.05 6.06 -19.02
CA THR A 435 34.64 5.74 -20.38
C THR A 435 33.48 4.76 -20.31
N LEU A 436 32.42 5.02 -21.08
CA LEU A 436 31.22 4.20 -21.03
C LEU A 436 31.21 3.21 -22.18
N LEU A 437 30.98 1.94 -21.85
CA LEU A 437 30.80 0.87 -22.83
C LEU A 437 29.35 0.41 -22.75
N ILE A 438 28.65 0.43 -23.87
CA ILE A 438 27.20 0.28 -23.87
C ILE A 438 26.75 -0.34 -25.19
N GLY A 439 25.71 -1.18 -25.12
CA GLY A 439 25.08 -1.70 -26.31
C GLY A 439 24.07 -0.73 -26.91
N ASP A 440 23.65 -1.03 -28.14
CA ASP A 440 22.85 -0.05 -28.90
C ASP A 440 21.46 0.12 -28.31
N LEU A 441 20.84 -0.96 -27.84
CA LEU A 441 19.48 -0.84 -27.31
C LEU A 441 19.47 -0.01 -26.03
N SER A 442 20.45 -0.22 -25.13
CA SER A 442 20.54 0.63 -23.95
C SER A 442 20.93 2.05 -24.33
N PHE A 443 21.79 2.21 -25.34
CA PHE A 443 22.08 3.54 -25.85
C PHE A 443 20.81 4.24 -26.32
N TYR A 444 19.97 3.52 -27.07
CA TYR A 444 18.69 4.07 -27.49
C TYR A 444 17.82 4.41 -26.28
N HIS A 445 17.85 3.56 -25.25
CA HIS A 445 16.95 3.71 -24.11
C HIS A 445 17.15 5.06 -23.42
N ASP A 446 18.40 5.40 -23.11
CA ASP A 446 18.72 6.65 -22.41
C ASP A 446 19.44 7.64 -23.32
N MET A 447 18.99 7.72 -24.57
CA MET A 447 19.55 8.73 -25.48
C MET A 447 19.30 10.14 -24.96
N ASN A 448 18.17 10.35 -24.27
CA ASN A 448 17.88 11.65 -23.67
C ASN A 448 18.89 12.04 -22.60
N GLY A 449 19.59 11.06 -22.01
CA GLY A 449 20.57 11.36 -20.99
C GLY A 449 21.79 12.09 -21.51
N LEU A 450 22.00 12.07 -22.83
CA LEU A 450 23.13 12.77 -23.43
C LEU A 450 23.03 14.29 -23.30
N LEU A 451 21.85 14.82 -22.93
CA LEU A 451 21.68 16.27 -22.87
C LEU A 451 22.65 16.91 -21.89
N MET A 452 23.00 16.20 -20.82
CA MET A 452 23.91 16.77 -19.82
C MET A 452 25.32 16.95 -20.37
N SER A 453 25.77 16.08 -21.26
CA SER A 453 27.07 16.25 -21.87
C SER A 453 27.13 17.51 -22.71
N LYS A 454 26.06 17.79 -23.46
CA LYS A 454 26.03 18.97 -24.32
C LYS A 454 25.92 20.24 -23.49
N LEU A 455 24.98 20.27 -22.55
CA LEU A 455 24.71 21.50 -21.81
C LEU A 455 25.81 21.83 -20.82
N ASN A 456 26.50 20.82 -20.28
CA ASN A 456 27.44 21.02 -19.19
C ASN A 456 28.88 20.62 -19.51
N ASN A 457 29.15 20.17 -20.73
CA ASN A 457 30.51 19.88 -21.17
C ASN A 457 31.18 18.83 -20.29
N ILE A 458 30.48 17.72 -20.08
CA ILE A 458 31.04 16.61 -19.32
C ILE A 458 31.96 15.81 -20.24
N GLN A 459 33.24 15.76 -19.89
CA GLN A 459 34.20 14.98 -20.66
C GLN A 459 33.97 13.50 -20.39
N MET A 460 33.47 12.78 -21.39
CA MET A 460 33.27 11.34 -21.28
C MET A 460 33.12 10.76 -22.68
N ASN A 461 34.02 9.85 -23.06
CA ASN A 461 33.89 9.15 -24.33
C ASN A 461 32.94 7.98 -24.18
N ILE A 462 32.32 7.59 -25.28
CA ILE A 462 31.35 6.50 -25.31
C ILE A 462 31.80 5.49 -26.35
N VAL A 463 32.02 4.24 -25.92
CA VAL A 463 32.25 3.14 -26.84
C VAL A 463 30.91 2.45 -27.07
N LEU A 464 30.39 2.57 -28.28
CA LEU A 464 29.06 2.07 -28.62
C LEU A 464 29.20 0.75 -29.40
N LEU A 465 28.81 -0.35 -28.76
CA LEU A 465 28.77 -1.66 -29.41
C LEU A 465 27.42 -1.81 -30.08
N ASN A 466 27.38 -1.70 -31.40
CA ASN A 466 26.14 -1.75 -32.16
C ASN A 466 26.11 -3.04 -32.98
N ASN A 467 25.29 -4.00 -32.54
CA ASN A 467 24.98 -5.17 -33.34
C ASN A 467 23.51 -5.17 -33.78
N ASP A 468 22.85 -4.03 -33.68
CA ASP A 468 21.47 -3.84 -34.16
C ASP A 468 20.52 -4.89 -33.58
N GLY A 469 20.34 -4.81 -32.28
CA GLY A 469 19.38 -5.64 -31.60
C GLY A 469 19.91 -6.11 -30.26
N GLY A 470 19.22 -7.11 -29.70
CA GLY A 470 19.59 -7.65 -28.41
C GLY A 470 20.38 -8.94 -28.51
N GLY A 471 21.72 -8.82 -28.47
CA GLY A 471 22.56 -9.98 -28.69
C GLY A 471 22.47 -11.04 -27.61
N ILE A 472 22.19 -10.63 -26.36
CA ILE A 472 22.17 -11.57 -25.25
C ILE A 472 21.15 -12.67 -25.48
N PHE A 473 20.09 -12.40 -26.26
CA PHE A 473 19.05 -13.40 -26.46
C PHE A 473 19.47 -14.49 -27.44
N SER A 474 20.61 -14.33 -28.12
CA SER A 474 21.13 -15.41 -28.96
C SER A 474 21.44 -16.65 -28.14
N TYR A 475 21.80 -16.46 -26.86
CA TYR A 475 22.17 -17.56 -25.97
C TYR A 475 20.96 -18.14 -25.23
N LEU A 476 19.75 -17.85 -25.67
CA LEU A 476 18.52 -18.36 -25.09
C LEU A 476 18.04 -19.57 -25.86
N PRO A 477 17.33 -20.50 -25.19
CA PRO A 477 16.78 -21.66 -25.91
C PRO A 477 15.78 -21.28 -26.99
N GLN A 478 15.24 -20.06 -26.95
CA GLN A 478 14.24 -19.65 -27.93
C GLN A 478 14.85 -19.45 -29.32
N LYS A 479 16.15 -19.20 -29.40
CA LYS A 479 16.78 -19.00 -30.70
C LYS A 479 16.57 -20.22 -31.60
N GLU A 480 16.51 -21.41 -31.02
CA GLU A 480 16.22 -22.63 -31.77
C GLU A 480 14.77 -23.05 -31.67
N SER A 481 14.17 -22.99 -30.47
CA SER A 481 12.82 -23.50 -30.26
C SER A 481 11.73 -22.58 -30.80
N ALA A 482 12.04 -21.32 -31.07
CA ALA A 482 11.06 -20.37 -31.58
C ALA A 482 11.67 -19.49 -32.66
N THR A 483 12.30 -20.14 -33.66
CA THR A 483 13.09 -19.41 -34.65
C THR A 483 12.20 -18.53 -35.53
N ASP A 484 10.98 -18.96 -35.83
CA ASP A 484 10.10 -18.17 -36.68
C ASP A 484 9.79 -16.81 -36.06
N TYR A 485 9.79 -16.71 -34.74
CA TYR A 485 9.45 -15.48 -34.05
C TYR A 485 10.65 -14.82 -33.37
N PHE A 486 11.86 -15.38 -33.50
CA PHE A 486 12.97 -14.91 -32.68
C PHE A 486 13.36 -13.47 -33.01
N GLU A 487 13.59 -13.18 -34.29
CA GLU A 487 14.09 -11.85 -34.66
C GLU A 487 13.10 -10.76 -34.26
N ARG A 488 11.80 -11.02 -34.44
CA ARG A 488 10.80 -10.00 -34.14
C ARG A 488 10.63 -9.80 -32.64
N LEU A 489 10.73 -10.87 -31.85
CA LEU A 489 10.46 -10.80 -30.41
C LEU A 489 11.71 -10.51 -29.59
N PHE A 490 12.84 -11.08 -29.97
CA PHE A 490 14.06 -10.95 -29.19
C PHE A 490 15.15 -10.16 -29.88
N GLY A 491 15.25 -10.23 -31.20
CA GLY A 491 16.19 -9.41 -31.94
C GLY A 491 15.90 -7.93 -31.80
N THR A 492 14.72 -7.51 -32.21
CA THR A 492 14.26 -6.12 -32.13
C THR A 492 15.32 -5.11 -32.58
N PRO A 493 15.78 -5.17 -33.83
CA PRO A 493 16.73 -4.17 -34.31
C PRO A 493 16.04 -2.82 -34.49
N THR A 494 16.79 -1.75 -34.21
CA THR A 494 16.31 -0.40 -34.45
C THR A 494 16.68 0.12 -35.84
N GLY A 495 17.83 -0.29 -36.37
CA GLY A 495 18.31 0.26 -37.61
C GLY A 495 18.62 1.74 -37.54
N LEU A 496 18.99 2.24 -36.37
CA LEU A 496 19.24 3.66 -36.18
C LEU A 496 20.67 4.03 -36.55
N ASP A 497 20.81 5.16 -37.23
CA ASP A 497 22.12 5.69 -37.61
C ASP A 497 22.59 6.61 -36.48
N PHE A 498 23.41 6.07 -35.58
CA PHE A 498 23.77 6.83 -34.39
C PHE A 498 24.75 7.96 -34.66
N GLU A 499 25.21 8.16 -35.89
CA GLU A 499 25.99 9.37 -36.17
C GLU A 499 25.13 10.61 -35.98
N TYR A 500 23.85 10.52 -36.34
CA TYR A 500 22.95 11.65 -36.16
C TYR A 500 22.76 11.97 -34.68
N THR A 501 22.75 10.96 -33.82
CA THR A 501 22.70 11.20 -32.38
C THR A 501 23.94 11.96 -31.93
N ALA A 502 25.11 11.59 -32.46
CA ALA A 502 26.34 12.28 -32.09
C ALA A 502 26.30 13.74 -32.50
N LYS A 503 25.74 14.05 -33.67
CA LYS A 503 25.65 15.44 -34.09
C LYS A 503 24.69 16.21 -33.20
N LEU A 504 23.55 15.61 -32.86
CA LEU A 504 22.53 16.30 -32.08
C LEU A 504 23.07 16.73 -30.72
N TYR A 505 23.90 15.89 -30.08
CA TYR A 505 24.41 16.18 -28.75
C TYR A 505 25.87 16.63 -28.77
N GLN A 506 26.38 17.03 -29.94
CA GLN A 506 27.69 17.67 -30.06
C GLN A 506 28.82 16.75 -29.61
N PHE A 507 28.72 15.48 -29.98
CA PHE A 507 29.78 14.50 -29.81
C PHE A 507 30.55 14.34 -31.12
N ASP A 508 31.87 14.17 -31.02
CA ASP A 508 32.61 13.67 -32.17
C ASP A 508 32.23 12.22 -32.43
N PHE A 509 32.47 11.77 -33.66
CA PHE A 509 32.01 10.45 -34.06
C PHE A 509 33.04 9.75 -34.92
N LYS A 510 33.15 8.42 -34.71
CA LYS A 510 34.04 7.57 -35.51
C LYS A 510 33.44 6.16 -35.54
N ARG A 511 33.39 5.57 -36.73
CA ARG A 511 32.76 4.28 -36.95
C ARG A 511 33.79 3.27 -37.42
N PHE A 512 33.89 2.16 -36.71
CA PHE A 512 34.84 1.09 -37.01
C PHE A 512 34.06 -0.19 -37.33
N ASN A 513 34.44 -0.86 -38.42
CA ASN A 513 33.81 -2.11 -38.82
C ASN A 513 34.67 -3.33 -38.54
N SER A 514 35.94 -3.14 -38.15
CA SER A 514 36.83 -4.26 -37.87
C SER A 514 37.70 -3.92 -36.67
N VAL A 515 38.13 -4.96 -35.95
CA VAL A 515 38.97 -4.78 -34.79
C VAL A 515 40.39 -4.37 -35.15
N SER A 516 40.78 -4.52 -36.43
CA SER A 516 42.10 -4.06 -36.86
C SER A 516 42.20 -2.54 -36.80
N GLU A 517 41.19 -1.83 -37.31
CA GLU A 517 41.22 -0.37 -37.27
C GLU A 517 41.18 0.14 -35.83
N PHE A 518 40.32 -0.46 -35.01
CA PHE A 518 40.21 -0.04 -33.61
C PHE A 518 41.53 -0.22 -32.88
N LYS A 519 42.29 -1.26 -33.22
CA LYS A 519 43.54 -1.55 -32.51
C LYS A 519 44.56 -0.44 -32.70
N ASN A 520 44.71 0.05 -33.93
CA ASN A 520 45.66 1.13 -34.19
C ASN A 520 45.08 2.51 -33.90
N ALA A 521 43.81 2.58 -33.49
CA ALA A 521 43.21 3.85 -33.15
C ALA A 521 43.63 4.27 -31.73
N THR A 522 43.27 5.49 -31.38
CA THR A 522 43.56 6.04 -30.07
C THR A 522 42.29 6.63 -29.48
N LEU A 523 42.05 6.35 -28.21
CA LEU A 523 40.87 6.87 -27.53
C LEU A 523 41.09 8.25 -26.94
N LEU A 524 42.34 8.74 -26.95
CA LEU A 524 42.60 10.10 -26.50
C LEU A 524 41.92 11.09 -27.44
N SER A 525 41.15 12.02 -26.86
CA SER A 525 40.30 12.90 -27.64
C SER A 525 40.29 14.30 -27.05
N GLU A 526 40.29 15.30 -27.92
CA GLU A 526 40.15 16.69 -27.47
C GLU A 526 38.78 16.93 -26.85
N THR A 527 37.73 16.44 -27.50
CA THR A 527 36.36 16.55 -27.01
C THR A 527 35.80 15.14 -26.85
N SER A 528 34.75 15.03 -26.03
CA SER A 528 34.02 13.77 -25.92
C SER A 528 33.58 13.28 -27.29
N THR A 529 33.72 11.97 -27.52
CA THR A 529 33.48 11.39 -28.82
C THR A 529 32.83 10.02 -28.66
N ILE A 530 32.10 9.62 -29.71
CA ILE A 530 31.38 8.36 -29.74
C ILE A 530 32.04 7.46 -30.77
N TYR A 531 32.57 6.32 -30.31
CA TYR A 531 33.13 5.31 -31.19
C TYR A 531 32.08 4.21 -31.37
N GLU A 532 31.55 4.09 -32.58
CA GLU A 532 30.59 3.03 -32.90
C GLU A 532 31.33 1.83 -33.48
N LEU A 533 31.25 0.70 -32.79
CA LEU A 533 31.91 -0.54 -33.20
C LEU A 533 30.86 -1.52 -33.71
N ILE A 534 30.86 -1.75 -35.02
CA ILE A 534 29.82 -2.55 -35.67
C ILE A 534 30.19 -4.03 -35.59
N THR A 535 29.29 -4.84 -35.03
CA THR A 535 29.46 -6.29 -34.91
C THR A 535 28.18 -6.99 -35.34
N ASN A 536 28.29 -8.31 -35.47
CA ASN A 536 27.19 -9.16 -35.93
C ASN A 536 26.82 -10.14 -34.83
N ARG A 537 25.51 -10.27 -34.55
CA ARG A 537 25.07 -11.04 -33.40
C ARG A 537 25.34 -12.53 -33.58
N GLU A 538 25.10 -13.05 -34.78
CA GLU A 538 25.39 -14.47 -35.03
C GLU A 538 26.90 -14.74 -35.01
N ASP A 539 27.68 -13.85 -35.63
CA ASP A 539 29.13 -13.97 -35.54
C ASP A 539 29.59 -13.90 -34.08
N ASN A 540 28.98 -13.03 -33.28
CA ASN A 540 29.34 -12.94 -31.88
C ASN A 540 28.94 -14.20 -31.12
N PHE A 541 27.79 -14.79 -31.45
CA PHE A 541 27.37 -16.02 -30.80
C PHE A 541 28.35 -17.16 -31.08
N LYS A 542 28.77 -17.30 -32.33
CA LYS A 542 29.61 -18.43 -32.71
C LYS A 542 31.00 -18.34 -32.07
N GLN A 543 31.58 -17.14 -32.04
CA GLN A 543 32.90 -16.98 -31.44
C GLN A 543 32.86 -17.10 -29.92
N HIS A 544 31.76 -16.67 -29.30
CA HIS A 544 31.64 -16.78 -27.85
C HIS A 544 31.59 -18.24 -27.41
N GLN A 545 30.96 -19.10 -28.21
CA GLN A 545 30.89 -20.51 -27.86
C GLN A 545 32.26 -21.16 -27.88
N ILE A 546 33.16 -20.68 -28.74
CA ILE A 546 34.54 -21.15 -28.72
C ILE A 546 35.26 -20.63 -27.49
N LEU A 547 35.05 -19.35 -27.17
CA LEU A 547 35.63 -18.78 -25.96
C LEU A 547 35.16 -19.52 -24.72
N TYR A 548 33.87 -19.84 -24.65
CA TYR A 548 33.29 -20.45 -23.45
C TYR A 548 33.81 -21.86 -23.21
N GLN A 549 34.36 -22.52 -24.23
CA GLN A 549 34.83 -23.89 -24.12
C GLN A 549 36.34 -24.02 -24.23
N LYS A 550 37.07 -22.90 -24.33
CA LYS A 550 38.49 -22.96 -24.63
C LYS A 550 39.27 -23.66 -23.52
N LEU A 551 38.93 -23.39 -22.27
CA LEU A 551 39.67 -23.91 -21.13
C LEU A 551 39.35 -25.37 -20.82
N SER A 552 38.55 -26.05 -21.65
CA SER A 552 38.15 -27.41 -21.34
C SER A 552 39.33 -28.38 -21.41
N GLU A 553 40.27 -28.15 -22.33
CA GLU A 553 41.41 -29.05 -22.46
C GLU A 553 42.43 -28.84 -21.35
N MET A 554 42.74 -27.58 -21.02
CA MET A 554 43.70 -27.31 -19.95
C MET A 554 43.17 -27.77 -18.59
N ILE A 555 41.85 -27.69 -18.38
CA ILE A 555 41.27 -28.15 -17.13
C ILE A 555 41.49 -29.65 -16.96
N HIS A 556 41.29 -30.41 -18.04
CA HIS A 556 41.48 -31.85 -17.99
C HIS A 556 42.94 -32.26 -17.90
N ASP A 557 43.87 -31.34 -18.13
CA ASP A 557 45.30 -31.58 -17.96
C ASP A 557 45.80 -31.19 -16.56
N THR A 558 44.90 -31.09 -15.59
CA THR A 558 45.28 -30.76 -14.22
C THR A 558 44.89 -31.88 -13.25
N GLY B 4 7.09 -31.72 -21.90
CA GLY B 4 6.70 -32.41 -20.68
C GLY B 4 5.35 -31.97 -20.15
N ASN B 5 5.06 -32.30 -18.89
CA ASN B 5 3.82 -31.85 -18.28
C ASN B 5 3.83 -30.34 -18.07
N HIS B 6 4.98 -29.81 -17.64
CA HIS B 6 5.10 -28.37 -17.41
C HIS B 6 4.85 -27.59 -18.71
N LYS B 7 5.38 -28.07 -19.83
CA LYS B 7 5.22 -27.35 -21.09
C LYS B 7 3.77 -27.32 -21.54
N ALA B 8 2.99 -28.35 -21.22
CA ALA B 8 1.58 -28.36 -21.61
C ALA B 8 0.76 -27.44 -20.72
N ALA B 9 0.96 -27.51 -19.41
CA ALA B 9 0.23 -26.66 -18.49
C ALA B 9 0.52 -25.19 -18.74
N LEU B 10 1.79 -24.85 -18.98
CA LEU B 10 2.15 -23.47 -19.28
C LEU B 10 1.49 -23.00 -20.57
N THR B 11 1.57 -23.83 -21.62
CA THR B 11 0.93 -23.49 -22.89
C THR B 11 -0.57 -23.32 -22.70
N LYS B 12 -1.22 -24.21 -21.94
CA LYS B 12 -2.65 -24.09 -21.72
C LYS B 12 -2.99 -22.80 -20.99
N GLN B 13 -2.07 -22.29 -20.15
CA GLN B 13 -2.34 -21.07 -19.41
C GLN B 13 -2.23 -19.83 -20.29
N VAL B 14 -1.09 -19.68 -20.99
CA VAL B 14 -0.87 -18.45 -21.75
C VAL B 14 -1.74 -18.41 -22.99
N PHE B 15 -2.03 -19.56 -23.60
CA PHE B 15 -2.87 -19.56 -24.80
C PHE B 15 -4.32 -19.25 -24.45
N THR B 16 -4.79 -19.72 -23.29
CA THR B 16 -6.14 -19.40 -22.86
C THR B 16 -6.24 -17.95 -22.38
N PHE B 17 -5.20 -17.46 -21.71
CA PHE B 17 -5.17 -16.06 -21.27
C PHE B 17 -5.28 -15.12 -22.46
N ALA B 18 -4.50 -15.37 -23.51
CA ALA B 18 -4.51 -14.49 -24.67
C ALA B 18 -5.83 -14.57 -25.41
N SER B 19 -6.45 -15.74 -25.45
CA SER B 19 -7.74 -15.87 -26.12
C SER B 19 -8.84 -15.14 -25.35
N GLU B 20 -8.80 -15.22 -24.03
CA GLU B 20 -9.86 -14.58 -23.24
C GLU B 20 -9.72 -13.06 -23.25
N LEU B 21 -8.50 -12.54 -23.40
CA LEU B 21 -8.33 -11.12 -23.66
C LEU B 21 -9.02 -10.73 -24.96
N TYR B 22 -8.81 -11.51 -26.02
CA TYR B 22 -9.49 -11.25 -27.28
C TYR B 22 -11.01 -11.30 -27.11
N ALA B 23 -11.49 -12.30 -26.36
CA ALA B 23 -12.92 -12.45 -26.17
C ALA B 23 -13.55 -11.20 -25.57
N TYR B 24 -12.81 -10.48 -24.74
CA TYR B 24 -13.32 -9.29 -24.07
C TYR B 24 -12.93 -8.00 -24.77
N GLY B 25 -12.32 -8.09 -25.95
CA GLY B 25 -12.16 -6.93 -26.82
C GLY B 25 -10.73 -6.54 -27.19
N VAL B 26 -9.69 -7.21 -26.69
CA VAL B 26 -8.33 -6.81 -27.02
C VAL B 26 -8.01 -7.24 -28.45
N ARG B 27 -7.49 -6.30 -29.24
CA ARG B 27 -7.00 -6.60 -30.58
C ARG B 27 -5.55 -6.20 -30.81
N GLU B 28 -4.97 -5.37 -29.96
CA GLU B 28 -3.57 -4.98 -30.09
C GLU B 28 -2.87 -5.17 -28.76
N VAL B 29 -1.59 -5.54 -28.85
CA VAL B 29 -0.71 -5.68 -27.69
C VAL B 29 0.64 -5.06 -28.03
N VAL B 30 1.20 -4.32 -27.09
CA VAL B 30 2.51 -3.71 -27.26
C VAL B 30 3.48 -4.47 -26.35
N ILE B 31 4.36 -5.26 -26.96
CA ILE B 31 5.28 -6.12 -26.23
C ILE B 31 6.64 -5.43 -26.14
N SER B 32 7.27 -5.53 -24.98
CA SER B 32 8.64 -5.10 -24.82
C SER B 32 9.56 -6.31 -24.68
N PRO B 33 10.75 -6.27 -25.26
CA PRO B 33 11.61 -7.46 -25.23
C PRO B 33 12.07 -7.80 -23.82
N GLY B 34 12.15 -9.10 -23.55
CA GLY B 34 12.66 -9.60 -22.29
C GLY B 34 12.61 -11.11 -22.30
N SER B 35 13.33 -11.72 -21.35
CA SER B 35 13.39 -13.17 -21.30
C SER B 35 12.18 -13.77 -20.58
N ARG B 36 11.84 -13.24 -19.41
CA ARG B 36 10.79 -13.85 -18.59
C ARG B 36 9.40 -13.74 -19.23
N SER B 37 9.20 -12.81 -20.15
CA SER B 37 7.91 -12.63 -20.81
C SER B 37 7.64 -13.65 -21.90
N THR B 38 8.61 -14.53 -22.20
CA THR B 38 8.55 -15.40 -23.38
C THR B 38 7.24 -16.17 -23.56
N PRO B 39 6.67 -16.82 -22.54
CA PRO B 39 5.43 -17.59 -22.82
C PRO B 39 4.30 -16.74 -23.36
N LEU B 40 3.97 -15.62 -22.69
CA LEU B 40 2.86 -14.79 -23.14
C LEU B 40 3.20 -14.06 -24.43
N ALA B 41 4.47 -13.72 -24.65
CA ALA B 41 4.85 -13.00 -25.86
C ALA B 41 4.58 -13.85 -27.11
N LEU B 42 5.00 -15.12 -27.08
CA LEU B 42 4.76 -15.98 -28.23
C LEU B 42 3.28 -16.27 -28.41
N ALA B 43 2.53 -16.37 -27.31
CA ALA B 43 1.09 -16.55 -27.41
C ALA B 43 0.43 -15.42 -28.19
N PHE B 44 0.83 -14.18 -27.90
CA PHE B 44 0.26 -13.04 -28.63
C PHE B 44 0.65 -13.07 -30.11
N GLU B 45 1.92 -13.40 -30.40
CA GLU B 45 2.34 -13.49 -31.78
C GLU B 45 1.64 -14.64 -32.50
N ALA B 46 1.53 -15.79 -31.85
CA ALA B 46 0.93 -16.96 -32.49
C ALA B 46 -0.57 -16.78 -32.70
N HIS B 47 -1.25 -16.06 -31.81
CA HIS B 47 -2.68 -15.85 -31.94
C HIS B 47 -2.97 -15.12 -33.25
N PRO B 48 -3.80 -15.68 -34.13
CA PRO B 48 -3.93 -15.12 -35.48
C PRO B 48 -4.69 -13.80 -35.55
N ASN B 49 -5.41 -13.41 -34.50
CA ASN B 49 -6.24 -12.21 -34.55
C ASN B 49 -5.87 -11.18 -33.49
N ILE B 50 -4.71 -11.32 -32.87
CA ILE B 50 -4.14 -10.29 -32.01
C ILE B 50 -2.91 -9.75 -32.72
N LYS B 51 -2.88 -8.43 -32.95
CA LYS B 51 -1.73 -7.79 -33.57
C LYS B 51 -0.77 -7.28 -32.50
N THR B 52 0.52 -7.48 -32.73
CA THR B 52 1.52 -7.06 -31.77
C THR B 52 2.31 -5.88 -32.30
N TRP B 53 2.76 -5.03 -31.38
CA TRP B 53 3.75 -4.01 -31.62
C TRP B 53 4.93 -4.27 -30.69
N ILE B 54 6.14 -4.12 -31.22
CA ILE B 54 7.36 -4.43 -30.47
C ILE B 54 8.11 -3.13 -30.22
N HIS B 55 8.33 -2.81 -28.94
CA HIS B 55 8.86 -1.53 -28.53
C HIS B 55 9.93 -1.68 -27.45
N PRO B 56 11.15 -1.23 -27.69
CA PRO B 56 12.22 -1.43 -26.69
C PRO B 56 12.18 -0.48 -25.50
N ASP B 57 11.47 0.64 -25.58
CA ASP B 57 11.38 1.61 -24.49
C ASP B 57 10.00 1.52 -23.85
N GLU B 58 9.94 0.92 -22.65
CA GLU B 58 8.68 0.64 -21.99
C GLU B 58 7.91 1.93 -21.68
N ARG B 59 8.62 3.00 -21.28
CA ARG B 59 7.92 4.26 -20.99
C ARG B 59 7.17 4.76 -22.22
N SER B 60 7.86 4.86 -23.36
CA SER B 60 7.17 5.27 -24.58
C SER B 60 6.15 4.22 -25.00
N ALA B 61 6.48 2.93 -24.81
CA ALA B 61 5.58 1.86 -25.22
C ALA B 61 4.22 1.96 -24.56
N ALA B 62 4.20 2.28 -23.25
CA ALA B 62 2.92 2.35 -22.56
C ALA B 62 2.12 3.56 -23.01
N PHE B 63 2.79 4.68 -23.28
CA PHE B 63 2.09 5.84 -23.84
C PHE B 63 1.61 5.56 -25.26
N PHE B 64 2.39 4.80 -26.03
CA PHE B 64 1.95 4.38 -27.35
C PHE B 64 0.65 3.59 -27.27
N ALA B 65 0.56 2.68 -26.29
CA ALA B 65 -0.67 1.90 -26.14
C ALA B 65 -1.84 2.80 -25.76
N VAL B 66 -1.59 3.82 -24.94
CA VAL B 66 -2.64 4.78 -24.60
C VAL B 66 -3.21 5.41 -25.85
N GLY B 67 -2.34 5.76 -26.80
CA GLY B 67 -2.80 6.34 -28.05
C GLY B 67 -3.62 5.36 -28.88
N LEU B 68 -3.21 4.08 -28.89
CA LEU B 68 -3.97 3.07 -29.59
C LEU B 68 -5.35 2.88 -28.97
N ILE B 69 -5.45 3.01 -27.65
CA ILE B 69 -6.76 2.93 -27.00
C ILE B 69 -7.61 4.12 -27.39
N LYS B 70 -7.02 5.32 -27.41
CA LYS B 70 -7.78 6.51 -27.80
C LYS B 70 -8.21 6.43 -29.25
N GLY B 71 -7.34 5.92 -30.12
CA GLY B 71 -7.67 5.85 -31.54
C GLY B 71 -8.70 4.78 -31.84
N SER B 72 -8.53 3.60 -31.25
CA SER B 72 -9.41 2.47 -31.55
C SER B 72 -10.64 2.41 -30.64
N GLU B 73 -10.61 3.13 -29.51
CA GLU B 73 -11.67 3.05 -28.51
C GLU B 73 -11.94 1.60 -28.09
N ARG B 74 -10.85 0.83 -27.96
CA ARG B 74 -10.80 -0.53 -27.46
C ARG B 74 -9.71 -0.63 -26.41
N PRO B 75 -9.83 -1.57 -25.47
CA PRO B 75 -8.72 -1.84 -24.56
C PRO B 75 -7.51 -2.39 -25.30
N VAL B 76 -6.32 -2.00 -24.84
CA VAL B 76 -5.06 -2.51 -25.39
C VAL B 76 -4.21 -3.01 -24.23
N ALA B 77 -3.46 -4.08 -24.46
CA ALA B 77 -2.60 -4.64 -23.43
C ALA B 77 -1.14 -4.30 -23.70
N ILE B 78 -0.37 -4.18 -22.62
CA ILE B 78 1.08 -4.02 -22.69
C ILE B 78 1.72 -5.15 -21.89
N LEU B 79 2.86 -5.63 -22.38
CA LEU B 79 3.56 -6.74 -21.77
C LEU B 79 5.04 -6.40 -21.65
N CYS B 80 5.63 -6.72 -20.50
CA CYS B 80 7.04 -6.46 -20.29
C CYS B 80 7.61 -7.55 -19.40
N THR B 81 8.94 -7.59 -19.35
CA THR B 81 9.66 -8.53 -18.52
C THR B 81 9.80 -7.99 -17.10
N SER B 82 10.35 -8.81 -16.22
CA SER B 82 10.49 -8.43 -14.81
C SER B 82 11.55 -7.34 -14.64
N GLY B 83 11.40 -6.59 -13.55
CA GLY B 83 12.35 -5.58 -13.17
C GLY B 83 11.88 -4.17 -13.47
N THR B 84 12.86 -3.28 -13.64
CA THR B 84 12.58 -1.87 -13.92
C THR B 84 11.82 -1.67 -15.22
N ALA B 85 11.72 -2.69 -16.06
CA ALA B 85 10.85 -2.60 -17.23
C ALA B 85 9.43 -2.22 -16.83
N ALA B 86 8.90 -2.84 -15.78
CA ALA B 86 7.56 -2.50 -15.32
C ALA B 86 7.51 -1.13 -14.67
N ALA B 87 8.60 -0.71 -14.01
CA ALA B 87 8.60 0.60 -13.37
C ALA B 87 8.47 1.72 -14.39
N ASN B 88 8.99 1.52 -15.60
CA ASN B 88 8.83 2.50 -16.67
C ASN B 88 7.38 2.68 -17.12
N TYR B 89 6.49 1.76 -16.74
CA TYR B 89 5.08 1.88 -17.09
C TYR B 89 4.36 2.93 -16.27
N THR B 90 4.93 3.34 -15.13
CA THR B 90 4.20 4.13 -14.15
C THR B 90 3.64 5.44 -14.71
N PRO B 91 4.37 6.24 -15.50
CA PRO B 91 3.81 7.53 -15.95
C PRO B 91 2.58 7.39 -16.83
N ALA B 92 2.56 6.41 -17.75
CA ALA B 92 1.37 6.21 -18.57
C ALA B 92 0.23 5.60 -17.76
N ILE B 93 0.55 4.87 -16.69
CA ILE B 93 -0.51 4.33 -15.83
C ILE B 93 -1.12 5.44 -15.00
N ALA B 94 -0.30 6.40 -14.55
CA ALA B 94 -0.82 7.53 -13.80
C ALA B 94 -1.77 8.36 -14.66
N GLU B 95 -1.37 8.66 -15.90
CA GLU B 95 -2.26 9.37 -16.80
C GLU B 95 -3.53 8.58 -17.09
N SER B 96 -3.41 7.26 -17.21
CA SER B 96 -4.58 6.42 -17.44
C SER B 96 -5.53 6.46 -16.25
N GLN B 97 -5.01 6.64 -15.04
CA GLN B 97 -5.86 6.69 -13.87
C GLN B 97 -6.80 7.89 -13.90
N ILE B 98 -6.26 9.06 -14.23
CA ILE B 98 -7.07 10.29 -14.24
C ILE B 98 -7.95 10.35 -15.48
N SER B 99 -7.41 9.99 -16.64
CA SER B 99 -8.14 10.10 -17.91
C SER B 99 -9.09 8.94 -18.16
N ARG B 100 -9.05 7.89 -17.33
CA ARG B 100 -9.90 6.71 -17.47
C ARG B 100 -9.66 6.00 -18.81
N ILE B 101 -8.45 5.47 -18.94
CA ILE B 101 -7.98 4.75 -20.11
C ILE B 101 -7.92 3.27 -19.77
N PRO B 102 -8.68 2.40 -20.46
CA PRO B 102 -8.66 0.97 -20.12
C PRO B 102 -7.36 0.29 -20.52
N LEU B 103 -6.26 0.71 -19.91
CA LEU B 103 -4.93 0.18 -20.20
C LEU B 103 -4.71 -1.11 -19.41
N ILE B 104 -4.35 -2.18 -20.11
CA ILE B 104 -4.17 -3.51 -19.53
C ILE B 104 -2.67 -3.76 -19.37
N VAL B 105 -2.20 -3.75 -18.12
CA VAL B 105 -0.78 -3.88 -17.80
C VAL B 105 -0.49 -5.32 -17.42
N LEU B 106 0.38 -5.98 -18.18
CA LEU B 106 0.80 -7.35 -17.91
C LEU B 106 2.30 -7.36 -17.61
N THR B 107 2.65 -7.69 -16.37
CA THR B 107 4.05 -7.77 -15.94
C THR B 107 4.42 -9.22 -15.71
N SER B 108 5.50 -9.66 -16.34
CA SER B 108 6.01 -11.02 -16.17
C SER B 108 6.92 -11.08 -14.95
N ASP B 109 6.79 -12.15 -14.18
CA ASP B 109 7.49 -12.28 -12.91
C ASP B 109 8.15 -13.65 -12.79
N ARG B 110 9.19 -13.69 -11.96
CA ARG B 110 9.76 -14.96 -11.57
C ARG B 110 8.74 -15.76 -10.75
N PRO B 111 8.88 -17.09 -10.72
CA PRO B 111 8.01 -17.89 -9.85
C PRO B 111 8.35 -17.66 -8.40
N HIS B 112 7.45 -18.13 -7.52
CA HIS B 112 7.54 -17.80 -6.10
C HIS B 112 8.86 -18.26 -5.48
N GLU B 113 9.44 -19.35 -5.98
CA GLU B 113 10.69 -19.85 -5.42
C GLU B 113 11.84 -18.86 -5.60
N LEU B 114 11.76 -17.96 -6.59
CA LEU B 114 12.79 -16.98 -6.82
C LEU B 114 12.29 -15.56 -6.53
N ARG B 115 11.07 -15.42 -6.03
CA ARG B 115 10.53 -14.14 -5.64
C ARG B 115 11.16 -13.72 -4.32
N SER B 116 11.96 -12.66 -4.33
CA SER B 116 12.58 -12.14 -3.12
C SER B 116 13.10 -10.73 -3.40
N VAL B 117 12.53 -9.73 -2.73
CA VAL B 117 12.98 -8.37 -2.94
C VAL B 117 14.43 -8.23 -2.52
N GLY B 118 15.22 -7.53 -3.34
CA GLY B 118 16.64 -7.39 -3.14
C GLY B 118 17.47 -8.31 -4.02
N ALA B 119 16.91 -9.45 -4.45
CA ALA B 119 17.62 -10.34 -5.36
C ALA B 119 17.89 -9.63 -6.69
N PRO B 120 18.84 -10.17 -7.50
CA PRO B 120 19.08 -9.57 -8.82
C PRO B 120 17.83 -9.39 -9.66
N GLN B 121 17.54 -8.14 -10.06
CA GLN B 121 16.42 -7.82 -10.93
C GLN B 121 15.09 -8.17 -10.28
N ALA B 122 15.03 -8.16 -8.96
CA ALA B 122 13.86 -8.63 -8.21
C ALA B 122 13.33 -7.49 -7.35
N ILE B 123 12.42 -6.69 -7.92
CA ILE B 123 11.59 -5.79 -7.16
C ILE B 123 10.25 -6.48 -6.95
N ASN B 124 9.54 -6.07 -5.90
CA ASN B 124 8.20 -6.60 -5.69
C ASN B 124 7.27 -6.10 -6.79
N GLN B 125 6.61 -7.04 -7.48
CA GLN B 125 5.75 -6.68 -8.59
C GLN B 125 4.27 -6.84 -8.29
N VAL B 126 3.90 -7.61 -7.27
CA VAL B 126 2.49 -7.81 -6.96
C VAL B 126 1.96 -6.56 -6.25
N ASN B 127 0.88 -5.99 -6.80
CA ASN B 127 0.28 -4.76 -6.32
C ASN B 127 1.23 -3.55 -6.41
N MET B 128 2.27 -3.64 -7.24
CA MET B 128 3.21 -2.53 -7.40
C MET B 128 2.53 -1.29 -7.98
N PHE B 129 1.36 -1.44 -8.60
CA PHE B 129 0.60 -0.31 -9.14
C PHE B 129 -0.65 -0.05 -8.30
N ASN B 130 -0.61 -0.43 -7.02
CA ASN B 130 -1.72 -0.19 -6.11
C ASN B 130 -2.13 1.27 -6.07
N ASN B 131 -1.19 2.19 -6.32
CA ASN B 131 -1.46 3.61 -6.23
C ASN B 131 -2.35 4.13 -7.35
N TYR B 132 -2.57 3.35 -8.42
CA TYR B 132 -3.17 3.91 -9.62
C TYR B 132 -4.31 3.09 -10.21
N VAL B 133 -4.32 1.78 -10.01
CA VAL B 133 -5.19 0.90 -10.78
C VAL B 133 -6.43 0.54 -9.97
N SER B 134 -7.50 0.18 -10.68
CA SER B 134 -8.75 -0.23 -10.08
C SER B 134 -8.85 -1.73 -9.91
N TYR B 135 -7.93 -2.50 -10.49
CA TYR B 135 -7.94 -3.95 -10.42
C TYR B 135 -6.52 -4.46 -10.51
N GLU B 136 -6.15 -5.38 -9.62
CA GLU B 136 -4.86 -6.05 -9.68
C GLU B 136 -5.00 -7.50 -9.25
N PHE B 137 -4.20 -8.37 -9.85
CA PHE B 137 -4.24 -9.79 -9.55
C PHE B 137 -2.88 -10.43 -9.80
N ASP B 138 -2.51 -11.38 -8.95
CA ASP B 138 -1.28 -12.17 -9.11
C ASP B 138 -1.70 -13.57 -9.52
N MET B 139 -1.46 -13.91 -10.78
CA MET B 139 -1.88 -15.19 -11.33
C MET B 139 -1.14 -16.35 -10.66
N PRO B 140 -1.77 -17.51 -10.55
CA PRO B 140 -1.06 -18.69 -10.03
C PRO B 140 -0.03 -19.19 -11.02
N ILE B 141 0.92 -19.97 -10.51
CA ILE B 141 1.83 -20.70 -11.37
C ILE B 141 1.06 -21.81 -12.08
N ALA B 142 1.30 -21.95 -13.38
CA ALA B 142 0.57 -22.92 -14.17
C ALA B 142 0.82 -24.34 -13.65
N ASP B 143 -0.24 -25.14 -13.64
CA ASP B 143 -0.15 -26.55 -13.32
C ASP B 143 -1.27 -27.28 -14.06
N ASP B 144 -1.32 -28.60 -13.88
CA ASP B 144 -2.20 -29.44 -14.68
C ASP B 144 -3.66 -29.40 -14.20
N SER B 145 -3.96 -28.74 -13.09
CA SER B 145 -5.32 -28.72 -12.58
C SER B 145 -6.22 -27.83 -13.42
N LYS B 146 -7.52 -28.11 -13.38
CA LYS B 146 -8.46 -27.30 -14.14
C LYS B 146 -8.71 -25.95 -13.49
N GLU B 147 -8.48 -25.85 -12.18
CA GLU B 147 -8.74 -24.59 -11.48
C GLU B 147 -7.74 -23.51 -11.84
N THR B 148 -6.51 -23.90 -12.21
CA THR B 148 -5.56 -22.90 -12.70
C THR B 148 -6.06 -22.26 -13.99
N ILE B 149 -6.72 -23.04 -14.84
CA ILE B 149 -7.31 -22.47 -16.05
C ILE B 149 -8.60 -21.73 -15.72
N ASN B 150 -9.42 -22.30 -14.82
CA ASN B 150 -10.69 -21.67 -14.49
C ASN B 150 -10.50 -20.29 -13.89
N ALA B 151 -9.39 -20.07 -13.18
CA ALA B 151 -9.11 -18.75 -12.62
C ALA B 151 -9.02 -17.69 -13.71
N ILE B 152 -8.63 -18.08 -14.92
CA ILE B 152 -8.57 -17.12 -16.02
C ILE B 152 -9.98 -16.67 -16.41
N TYR B 153 -10.92 -17.63 -16.54
CA TYR B 153 -12.29 -17.28 -16.88
C TYR B 153 -12.94 -16.45 -15.77
N TYR B 154 -12.72 -16.86 -14.53
CA TYR B 154 -13.30 -16.16 -13.38
C TYR B 154 -12.78 -14.73 -13.28
N GLN B 155 -11.45 -14.57 -13.30
CA GLN B 155 -10.87 -13.24 -13.14
C GLN B 155 -11.14 -12.35 -14.35
N MET B 156 -11.25 -12.94 -15.54
CA MET B 156 -11.45 -12.14 -16.75
C MET B 156 -12.82 -11.46 -16.72
N GLN B 157 -13.85 -12.16 -16.26
CA GLN B 157 -15.17 -11.55 -16.16
C GLN B 157 -15.15 -10.38 -15.17
N ILE B 158 -14.49 -10.56 -14.03
CA ILE B 158 -14.38 -9.48 -13.06
C ILE B 158 -13.65 -8.29 -13.67
N ALA B 159 -12.48 -8.53 -14.26
CA ALA B 159 -11.68 -7.45 -14.82
C ALA B 159 -12.38 -6.76 -15.98
N SER B 160 -13.33 -7.43 -16.64
CA SER B 160 -13.98 -6.84 -17.79
C SER B 160 -14.78 -5.60 -17.44
N GLN B 161 -15.33 -5.54 -16.22
CA GLN B 161 -16.12 -4.39 -15.80
C GLN B 161 -15.29 -3.11 -15.69
N TYR B 162 -13.97 -3.21 -15.68
CA TYR B 162 -13.10 -2.04 -15.63
C TYR B 162 -12.58 -1.64 -16.99
N LEU B 163 -13.06 -2.27 -18.07
CA LEU B 163 -12.53 -2.05 -19.40
C LEU B 163 -13.43 -1.22 -20.30
N TYR B 164 -14.66 -0.90 -19.87
CA TYR B 164 -15.60 -0.33 -20.83
C TYR B 164 -16.45 0.82 -20.27
N GLY B 165 -17.10 0.62 -19.14
CA GLY B 165 -18.13 1.55 -18.71
C GLY B 165 -17.62 2.74 -17.93
N PRO B 166 -18.44 3.26 -17.01
CA PRO B 166 -17.99 4.35 -16.14
C PRO B 166 -16.89 3.95 -15.18
N HIS B 167 -16.67 2.65 -14.96
CA HIS B 167 -15.60 2.17 -14.11
C HIS B 167 -14.27 2.03 -14.86
N LYS B 168 -14.19 2.57 -16.07
CA LYS B 168 -13.04 2.34 -16.95
C LYS B 168 -11.75 2.87 -16.33
N GLY B 169 -10.68 2.10 -16.46
CA GLY B 169 -9.39 2.50 -15.96
C GLY B 169 -8.30 1.45 -16.15
N PRO B 170 -7.07 1.79 -15.75
CA PRO B 170 -5.96 0.84 -15.89
C PRO B 170 -6.12 -0.34 -14.93
N ILE B 171 -5.71 -1.52 -15.39
CA ILE B 171 -5.76 -2.73 -14.58
C ILE B 171 -4.43 -3.47 -14.72
N HIS B 172 -4.11 -4.26 -13.70
CA HIS B 172 -2.80 -4.91 -13.59
C HIS B 172 -2.95 -6.42 -13.46
N PHE B 173 -2.17 -7.14 -14.26
CA PHE B 173 -1.99 -8.59 -14.12
C PHE B 173 -0.51 -8.88 -13.95
N ASN B 174 -0.14 -9.49 -12.84
CA ASN B 174 1.20 -10.01 -12.63
C ASN B 174 1.19 -11.52 -12.84
N LEU B 175 2.08 -12.01 -13.71
CA LEU B 175 2.06 -13.41 -14.14
C LEU B 175 3.42 -14.05 -13.91
N PRO B 176 3.54 -14.94 -12.93
CA PRO B 176 4.80 -15.69 -12.76
C PRO B 176 4.92 -16.82 -13.75
N PHE B 177 6.14 -17.02 -14.26
CA PHE B 177 6.42 -18.05 -15.26
C PHE B 177 7.67 -18.80 -14.84
N ARG B 178 7.59 -20.13 -14.88
CA ARG B 178 8.67 -21.01 -14.44
C ARG B 178 9.40 -21.61 -15.63
N ASP B 179 10.72 -21.76 -15.51
CA ASP B 179 11.50 -22.37 -16.58
C ASP B 179 11.17 -23.86 -16.70
N PRO B 180 11.17 -24.42 -17.92
CA PRO B 180 11.46 -23.77 -19.20
C PRO B 180 10.26 -22.98 -19.74
N LEU B 181 10.54 -21.92 -20.50
CA LEU B 181 9.55 -20.90 -20.78
C LEU B 181 8.86 -21.04 -22.14
N THR B 182 9.39 -21.85 -23.04
CA THR B 182 8.86 -21.89 -24.40
C THR B 182 7.59 -22.72 -24.48
N PRO B 183 6.47 -22.16 -24.95
CA PRO B 183 5.24 -22.94 -25.08
C PRO B 183 5.29 -23.85 -26.30
N ASP B 184 4.34 -24.78 -26.33
CA ASP B 184 4.19 -25.69 -27.47
C ASP B 184 3.42 -24.96 -28.56
N LEU B 185 4.15 -24.47 -29.56
CA LEU B 185 3.54 -23.63 -30.60
C LEU B 185 2.63 -24.40 -31.53
N ASN B 186 2.61 -25.73 -31.46
CA ASN B 186 1.69 -26.48 -32.30
C ASN B 186 0.28 -26.58 -31.71
N ALA B 187 0.09 -26.13 -30.47
CA ALA B 187 -1.23 -26.17 -29.84
C ALA B 187 -2.11 -25.01 -30.27
N THR B 188 -2.20 -24.77 -31.59
CA THR B 188 -2.98 -23.65 -32.11
C THR B 188 -4.47 -23.81 -31.87
N GLU B 189 -4.94 -25.00 -31.47
CA GLU B 189 -6.35 -25.18 -31.19
C GLU B 189 -6.78 -24.39 -29.96
N LEU B 190 -5.84 -24.03 -29.07
CA LEU B 190 -6.15 -23.32 -27.85
C LEU B 190 -6.17 -21.80 -28.03
N LEU B 191 -5.83 -21.30 -29.21
CA LEU B 191 -5.87 -19.86 -29.52
C LEU B 191 -7.19 -19.57 -30.24
N THR B 192 -8.23 -19.29 -29.48
CA THR B 192 -9.59 -19.13 -29.99
C THR B 192 -9.96 -17.66 -30.12
N SER B 193 -11.00 -17.40 -30.91
CA SER B 193 -11.45 -16.05 -31.24
C SER B 193 -12.95 -15.92 -31.04
N GLU B 194 -13.43 -16.25 -29.84
CA GLU B 194 -14.81 -15.97 -29.49
C GLU B 194 -14.97 -14.50 -29.12
N MET B 195 -16.22 -14.04 -29.11
CA MET B 195 -16.55 -12.66 -28.77
C MET B 195 -17.63 -12.64 -27.71
N LYS B 196 -17.35 -11.98 -26.59
CA LYS B 196 -18.28 -11.94 -25.48
C LYS B 196 -19.30 -10.82 -25.68
N ILE B 197 -20.50 -11.02 -25.14
CA ILE B 197 -21.53 -9.98 -25.12
C ILE B 197 -21.33 -9.13 -23.88
N LEU B 198 -21.34 -7.81 -24.06
CA LEU B 198 -21.03 -6.90 -22.97
C LEU B 198 -22.25 -6.05 -22.62
N PRO B 199 -22.50 -5.81 -21.33
CA PRO B 199 -23.74 -5.16 -20.92
C PRO B 199 -23.76 -3.69 -21.29
N HIS B 200 -24.97 -3.19 -21.54
CA HIS B 200 -25.21 -1.78 -21.81
C HIS B 200 -26.42 -1.33 -21.01
N TYR B 201 -26.34 -0.12 -20.45
CA TYR B 201 -27.42 0.41 -19.62
C TYR B 201 -27.81 1.80 -20.10
N GLN B 202 -28.98 2.24 -19.65
CA GLN B 202 -29.44 3.60 -19.84
C GLN B 202 -29.95 4.12 -18.51
N LYS B 203 -29.44 5.26 -18.07
CA LYS B 203 -29.82 5.85 -16.80
C LYS B 203 -30.82 6.98 -17.02
N SER B 204 -31.52 7.34 -15.94
CA SER B 204 -32.39 8.51 -15.95
C SER B 204 -32.50 9.04 -14.54
N ILE B 205 -32.58 10.36 -14.42
CA ILE B 205 -32.79 11.02 -13.15
C ILE B 205 -34.16 11.69 -13.16
N ASP B 206 -34.63 12.05 -11.97
CA ASP B 206 -35.89 12.75 -11.82
C ASP B 206 -35.62 14.26 -11.85
N ALA B 207 -35.99 14.90 -12.96
CA ALA B 207 -35.73 16.33 -13.13
C ALA B 207 -36.47 17.18 -12.10
N SER B 208 -37.49 16.61 -11.43
CA SER B 208 -38.30 17.39 -10.50
C SER B 208 -37.48 17.90 -9.33
N ALA B 209 -36.44 17.18 -8.93
CA ALA B 209 -35.63 17.59 -7.79
C ALA B 209 -34.82 18.86 -8.08
N LEU B 210 -34.51 19.11 -9.35
CA LEU B 210 -33.78 20.31 -9.75
C LEU B 210 -34.72 21.41 -10.26
N ARG B 211 -36.04 21.21 -10.16
CA ARG B 211 -36.97 22.13 -10.80
C ARG B 211 -36.80 23.56 -10.29
N HIS B 212 -36.70 23.73 -8.97
CA HIS B 212 -36.60 25.04 -8.35
C HIS B 212 -35.37 25.83 -8.80
N ILE B 213 -34.44 25.20 -9.51
CA ILE B 213 -33.23 25.86 -9.99
C ILE B 213 -33.28 26.12 -11.48
N LEU B 214 -33.67 25.12 -12.26
CA LEU B 214 -33.61 25.21 -13.71
C LEU B 214 -34.69 26.12 -14.31
N ASN B 215 -35.58 26.69 -13.48
CA ASN B 215 -36.57 27.64 -13.98
C ASN B 215 -36.06 29.07 -13.89
N LYS B 216 -34.93 29.28 -13.21
CA LYS B 216 -34.27 30.58 -13.22
C LYS B 216 -33.63 30.83 -14.58
N LYS B 217 -33.50 32.11 -14.93
CA LYS B 217 -33.23 32.44 -16.32
C LYS B 217 -31.75 32.50 -16.68
N LYS B 218 -30.88 32.95 -15.77
CA LYS B 218 -29.47 33.14 -16.10
C LYS B 218 -28.72 31.85 -15.81
N GLY B 219 -28.82 30.91 -16.75
CA GLY B 219 -28.19 29.61 -16.61
C GLY B 219 -27.14 29.38 -17.67
N LEU B 220 -26.12 28.61 -17.31
CA LEU B 220 -25.02 28.30 -18.21
C LEU B 220 -24.74 26.80 -18.19
N ILE B 221 -24.47 26.25 -19.37
CA ILE B 221 -23.92 24.91 -19.51
C ILE B 221 -22.44 25.06 -19.82
N ILE B 222 -21.61 24.35 -19.06
CA ILE B 222 -20.15 24.43 -19.18
C ILE B 222 -19.65 23.01 -19.44
N VAL B 223 -19.09 22.78 -20.63
CA VAL B 223 -18.70 21.45 -21.08
C VAL B 223 -17.19 21.43 -21.27
N GLY B 224 -16.52 20.60 -20.48
CA GLY B 224 -15.08 20.43 -20.55
C GLY B 224 -14.68 19.27 -21.42
N ASP B 225 -13.69 18.50 -20.94
CA ASP B 225 -13.15 17.38 -21.69
C ASP B 225 -14.20 16.29 -21.84
N MET B 226 -14.59 16.01 -23.10
CA MET B 226 -15.58 15.00 -23.42
C MET B 226 -15.12 14.06 -24.52
N GLN B 227 -13.81 13.92 -24.72
CA GLN B 227 -13.33 13.11 -25.83
C GLN B 227 -13.68 11.64 -25.61
N HIS B 228 -14.02 10.95 -26.69
CA HIS B 228 -14.53 9.57 -26.67
C HIS B 228 -15.87 9.46 -25.94
N GLN B 229 -16.66 10.53 -25.94
CA GLN B 229 -17.99 10.52 -25.35
C GLN B 229 -19.01 11.09 -26.34
N GLU B 230 -20.26 10.66 -26.18
CA GLU B 230 -21.34 11.20 -26.99
C GLU B 230 -21.83 12.52 -26.37
N VAL B 231 -22.20 13.45 -27.24
CA VAL B 231 -22.28 14.85 -26.83
C VAL B 231 -23.44 15.56 -27.53
N ASP B 232 -24.20 14.82 -28.34
CA ASP B 232 -25.17 15.43 -29.24
C ASP B 232 -26.41 15.95 -28.52
N GLN B 233 -26.84 15.29 -27.44
CA GLN B 233 -28.06 15.72 -26.76
C GLN B 233 -27.86 16.98 -25.93
N ILE B 234 -26.62 17.44 -25.76
CA ILE B 234 -26.40 18.75 -25.14
C ILE B 234 -26.87 19.85 -26.07
N LEU B 235 -26.60 19.71 -27.37
CA LEU B 235 -27.08 20.67 -28.35
C LEU B 235 -28.60 20.67 -28.41
N THR B 236 -29.21 19.49 -28.39
CA THR B 236 -30.67 19.40 -28.44
C THR B 236 -31.31 20.07 -27.23
N TYR B 237 -30.76 19.82 -26.04
CA TYR B 237 -31.32 20.43 -24.82
C TYR B 237 -31.15 21.95 -24.83
N SER B 238 -29.96 22.42 -25.21
CA SER B 238 -29.70 23.87 -25.21
C SER B 238 -30.59 24.60 -26.20
N THR B 239 -30.94 23.95 -27.31
CA THR B 239 -31.81 24.58 -28.30
C THR B 239 -33.22 24.81 -27.74
N ILE B 240 -33.75 23.80 -27.03
CA ILE B 240 -35.11 23.91 -26.53
C ILE B 240 -35.21 24.91 -25.40
N TYR B 241 -34.16 25.06 -24.59
CA TYR B 241 -34.25 25.83 -23.36
C TYR B 241 -33.44 27.12 -23.41
N ASP B 242 -32.87 27.47 -24.56
CA ASP B 242 -32.22 28.77 -24.79
C ASP B 242 -31.08 29.01 -23.79
N LEU B 243 -30.22 27.99 -23.64
CA LEU B 243 -29.12 28.07 -22.69
C LEU B 243 -27.80 28.18 -23.41
N PRO B 244 -26.96 29.16 -23.06
CA PRO B 244 -25.63 29.25 -23.67
C PRO B 244 -24.72 28.11 -23.23
N ILE B 245 -23.87 27.66 -24.15
CA ILE B 245 -22.96 26.55 -23.91
C ILE B 245 -21.53 27.07 -24.05
N LEU B 246 -20.80 27.12 -22.94
CA LEU B 246 -19.37 27.41 -22.97
C LEU B 246 -18.64 26.09 -23.20
N ALA B 247 -17.98 25.97 -24.35
CA ALA B 247 -17.50 24.68 -24.84
C ALA B 247 -15.98 24.68 -24.93
N ASP B 248 -15.37 23.70 -24.26
CA ASP B 248 -13.95 23.44 -24.36
C ASP B 248 -13.60 22.90 -25.75
N PRO B 249 -12.36 23.13 -26.22
CA PRO B 249 -11.92 22.47 -27.47
C PRO B 249 -12.11 20.96 -27.42
N LEU B 250 -11.81 20.33 -26.29
CA LEU B 250 -11.95 18.89 -26.14
C LEU B 250 -13.39 18.45 -25.88
N SER B 251 -14.35 19.36 -25.93
CA SER B 251 -15.74 18.99 -25.77
C SER B 251 -16.33 18.37 -27.03
N HIS B 252 -15.66 18.49 -28.17
CA HIS B 252 -16.13 18.06 -29.48
C HIS B 252 -17.37 18.83 -29.94
N LEU B 253 -17.72 19.91 -29.25
CA LEU B 253 -18.92 20.67 -29.57
C LEU B 253 -18.66 21.88 -30.46
N ARG B 254 -17.44 22.40 -30.48
CA ARG B 254 -17.16 23.59 -31.28
C ARG B 254 -17.27 23.31 -32.78
N LYS B 255 -16.99 22.08 -33.21
CA LYS B 255 -16.97 21.78 -34.63
C LYS B 255 -18.36 21.88 -35.26
N PHE B 256 -19.41 21.66 -34.49
CA PHE B 256 -20.75 22.07 -34.89
C PHE B 256 -20.85 23.59 -34.72
N ASP B 257 -21.36 24.27 -35.75
CA ASP B 257 -21.59 25.71 -35.64
C ASP B 257 -22.97 25.96 -35.04
N HIS B 258 -23.14 25.49 -33.81
CA HIS B 258 -24.42 25.65 -33.11
C HIS B 258 -24.57 27.08 -32.61
N PRO B 259 -25.75 27.68 -32.79
CA PRO B 259 -25.92 29.10 -32.44
C PRO B 259 -25.72 29.41 -30.97
N ASN B 260 -25.72 28.41 -30.09
CA ASN B 260 -25.62 28.64 -28.66
C ASN B 260 -24.24 28.35 -28.08
N VAL B 261 -23.29 27.91 -28.90
CA VAL B 261 -21.98 27.51 -28.41
C VAL B 261 -21.06 28.73 -28.35
N ILE B 262 -20.45 28.94 -27.18
CA ILE B 262 -19.50 30.01 -26.95
C ILE B 262 -18.10 29.41 -26.93
N CYS B 263 -17.21 29.90 -27.81
CA CYS B 263 -15.82 29.46 -27.83
C CYS B 263 -14.84 30.50 -27.34
N THR B 264 -15.30 31.73 -27.07
CA THR B 264 -14.40 32.84 -26.74
C THR B 264 -14.48 33.25 -25.27
N TYR B 265 -15.06 32.39 -24.42
CA TYR B 265 -15.28 32.77 -23.04
C TYR B 265 -13.99 33.09 -22.31
N ASP B 266 -12.91 32.36 -22.61
CA ASP B 266 -11.65 32.59 -21.91
C ASP B 266 -11.15 34.00 -22.14
N LEU B 267 -11.05 34.41 -23.41
CA LEU B 267 -10.65 35.78 -23.71
C LEU B 267 -11.61 36.79 -23.09
N LEU B 268 -12.91 36.48 -23.10
CA LEU B 268 -13.89 37.37 -22.49
C LEU B 268 -13.61 37.57 -21.01
N PHE B 269 -13.29 36.48 -20.29
CA PHE B 269 -12.97 36.62 -18.88
C PHE B 269 -11.64 37.35 -18.68
N ARG B 270 -10.60 36.94 -19.43
CA ARG B 270 -9.33 37.66 -19.39
C ARG B 270 -9.53 39.15 -19.66
N SER B 271 -10.46 39.49 -20.55
CA SER B 271 -10.74 40.87 -20.89
C SER B 271 -11.62 41.58 -19.86
N GLY B 272 -12.02 40.89 -18.79
CA GLY B 272 -12.71 41.52 -17.69
C GLY B 272 -14.20 41.26 -17.56
N LEU B 273 -14.73 40.24 -18.25
CA LEU B 273 -16.16 39.95 -18.18
C LEU B 273 -16.61 39.67 -16.75
N ASP B 274 -17.60 40.42 -16.30
CA ASP B 274 -18.25 40.21 -15.00
C ASP B 274 -19.69 39.80 -15.23
N LEU B 275 -20.17 38.84 -14.45
CA LEU B 275 -21.47 38.24 -14.74
C LEU B 275 -22.04 37.61 -13.48
N ASN B 276 -23.36 37.68 -13.37
CA ASN B 276 -24.12 37.06 -12.29
C ASN B 276 -24.93 35.91 -12.88
N VAL B 277 -24.70 34.70 -12.40
CA VAL B 277 -25.31 33.50 -12.95
C VAL B 277 -26.25 32.90 -11.91
N ASP B 278 -27.39 32.40 -12.38
CA ASP B 278 -28.31 31.71 -11.47
C ASP B 278 -27.89 30.25 -11.25
N PHE B 279 -27.49 29.55 -12.30
CA PHE B 279 -27.02 28.19 -12.16
C PHE B 279 -26.05 27.85 -13.29
N VAL B 280 -25.11 26.96 -12.98
CA VAL B 280 -24.21 26.38 -13.98
C VAL B 280 -24.37 24.86 -13.96
N ILE B 281 -24.32 24.26 -15.14
CA ILE B 281 -24.33 22.81 -15.28
C ILE B 281 -22.97 22.43 -15.86
N ARG B 282 -22.10 21.90 -15.01
CA ARG B 282 -20.75 21.51 -15.40
C ARG B 282 -20.77 20.08 -15.90
N VAL B 283 -20.36 19.87 -17.15
CA VAL B 283 -20.42 18.57 -17.81
C VAL B 283 -18.99 18.12 -18.12
N GLY B 284 -18.67 16.89 -17.75
CA GLY B 284 -17.39 16.30 -18.10
C GLY B 284 -16.28 16.64 -17.12
N LYS B 285 -15.05 16.46 -17.60
CA LYS B 285 -13.84 16.76 -16.85
C LYS B 285 -13.54 18.25 -16.95
N PRO B 286 -12.64 18.78 -16.12
CA PRO B 286 -12.48 20.25 -16.03
C PRO B 286 -12.13 20.91 -17.35
N VAL B 287 -12.43 22.21 -17.43
CA VAL B 287 -12.08 22.99 -18.62
C VAL B 287 -10.64 23.47 -18.52
N ILE B 288 -10.07 23.81 -19.66
CA ILE B 288 -8.69 24.32 -19.70
C ILE B 288 -8.61 25.71 -19.06
N SER B 289 -9.64 26.53 -19.24
CA SER B 289 -9.52 27.95 -18.91
C SER B 289 -9.30 28.16 -17.42
N LYS B 290 -8.12 28.70 -17.08
CA LYS B 290 -7.84 29.05 -15.69
C LYS B 290 -8.82 30.08 -15.16
N LYS B 291 -9.14 31.10 -15.97
CA LYS B 291 -10.06 32.14 -15.54
C LYS B 291 -11.44 31.58 -15.21
N LEU B 292 -11.98 30.76 -16.11
CA LEU B 292 -13.31 30.19 -15.89
C LEU B 292 -13.33 29.26 -14.67
N ASN B 293 -12.23 28.55 -14.41
CA ASN B 293 -12.17 27.74 -13.20
C ASN B 293 -12.08 28.61 -11.96
N GLN B 294 -11.32 29.71 -12.03
CA GLN B 294 -11.27 30.65 -10.93
C GLN B 294 -12.62 31.32 -10.71
N TRP B 295 -13.34 31.63 -11.80
CA TRP B 295 -14.67 32.22 -11.66
C TRP B 295 -15.62 31.25 -10.96
N LEU B 296 -15.53 29.96 -11.27
CA LEU B 296 -16.38 28.97 -10.62
C LEU B 296 -16.17 28.94 -9.10
N LYS B 297 -15.00 29.38 -8.63
CA LYS B 297 -14.73 29.44 -7.20
C LYS B 297 -15.31 30.69 -6.55
N LYS B 298 -15.69 31.69 -7.34
CA LYS B 298 -16.18 32.97 -6.80
C LYS B 298 -17.68 33.13 -6.91
N THR B 299 -18.32 32.53 -7.91
CA THR B 299 -19.76 32.70 -8.08
C THR B 299 -20.53 32.00 -6.98
N ASP B 300 -21.72 32.52 -6.69
CA ASP B 300 -22.65 31.87 -5.77
C ASP B 300 -23.82 31.23 -6.53
N ALA B 301 -23.63 30.94 -7.81
CA ALA B 301 -24.65 30.21 -8.56
C ALA B 301 -24.78 28.79 -8.04
N PHE B 302 -25.98 28.24 -8.21
CA PHE B 302 -26.19 26.81 -7.96
C PHE B 302 -25.44 26.02 -9.01
N GLN B 303 -24.68 25.02 -8.57
CA GLN B 303 -23.77 24.29 -9.44
C GLN B 303 -24.13 22.81 -9.48
N ILE B 304 -24.31 22.29 -10.69
CA ILE B 304 -24.57 20.88 -10.93
C ILE B 304 -23.38 20.31 -11.69
N LEU B 305 -22.89 19.16 -11.25
CA LEU B 305 -21.80 18.46 -11.92
C LEU B 305 -22.31 17.14 -12.46
N VAL B 306 -22.00 16.84 -13.71
CA VAL B 306 -22.40 15.59 -14.35
C VAL B 306 -21.18 15.00 -15.06
N GLN B 307 -20.78 13.80 -14.64
CA GLN B 307 -19.63 13.11 -15.21
C GLN B 307 -20.02 11.67 -15.50
N ASN B 308 -19.52 11.14 -16.61
CA ASN B 308 -19.80 9.76 -17.00
C ASN B 308 -18.69 8.80 -16.57
N ASN B 309 -18.30 8.90 -15.31
CA ASN B 309 -17.28 8.02 -14.75
C ASN B 309 -17.52 7.90 -13.26
N ASP B 310 -17.02 6.80 -12.68
CA ASP B 310 -17.02 6.66 -11.23
C ASP B 310 -15.87 7.47 -10.62
N LYS B 311 -15.74 7.39 -9.30
CA LYS B 311 -14.68 8.08 -8.56
C LYS B 311 -14.58 9.54 -9.00
N ILE B 312 -15.71 10.25 -8.88
CA ILE B 312 -15.79 11.62 -9.35
C ILE B 312 -14.97 12.53 -8.43
N ASP B 313 -14.12 13.35 -9.04
CA ASP B 313 -13.51 14.51 -8.38
C ASP B 313 -14.21 15.78 -8.88
N VAL B 314 -14.29 16.78 -8.01
CA VAL B 314 -15.19 17.91 -8.25
C VAL B 314 -14.42 19.20 -8.51
N PHE B 315 -13.15 19.10 -8.90
CA PHE B 315 -12.36 20.28 -9.22
C PHE B 315 -13.14 21.21 -10.14
N PRO B 316 -13.15 22.53 -9.89
CA PRO B 316 -12.35 23.28 -8.90
C PRO B 316 -13.04 23.66 -7.59
N ILE B 317 -14.35 23.49 -7.46
CA ILE B 317 -15.04 23.68 -6.19
C ILE B 317 -16.16 22.66 -6.02
N ALA B 318 -16.57 22.47 -4.79
CA ALA B 318 -17.64 21.54 -4.47
C ALA B 318 -18.96 21.99 -5.10
N PRO B 319 -19.55 21.21 -5.98
CA PRO B 319 -20.90 21.55 -6.48
C PRO B 319 -21.94 21.30 -5.41
N ASP B 320 -23.14 21.81 -5.66
CA ASP B 320 -24.26 21.56 -4.75
C ASP B 320 -24.81 20.15 -4.92
N ILE B 321 -24.69 19.57 -6.12
CA ILE B 321 -25.06 18.18 -6.35
C ILE B 321 -24.28 17.69 -7.56
N SER B 322 -23.96 16.40 -7.56
CA SER B 322 -23.17 15.80 -8.63
C SER B 322 -23.77 14.47 -9.03
N TYR B 323 -23.84 14.23 -10.33
CA TYR B 323 -24.47 13.04 -10.91
C TYR B 323 -23.44 12.24 -11.68
N GLU B 324 -23.47 10.91 -11.52
CA GLU B 324 -22.67 10.00 -12.33
C GLU B 324 -23.59 9.44 -13.41
N ILE B 325 -23.44 9.96 -14.63
CA ILE B 325 -24.35 9.66 -15.72
C ILE B 325 -23.77 10.25 -17.00
N SER B 326 -24.11 9.69 -18.15
CA SER B 326 -23.65 10.26 -19.41
C SER B 326 -24.41 11.54 -19.71
N ALA B 327 -23.76 12.44 -20.46
CA ALA B 327 -24.38 13.72 -20.77
C ALA B 327 -25.70 13.54 -21.54
N ASN B 328 -25.74 12.56 -22.45
CA ASN B 328 -26.97 12.33 -23.21
C ASN B 328 -28.10 11.85 -22.33
N ASP B 329 -27.80 10.91 -21.41
CA ASP B 329 -28.86 10.41 -20.52
C ASP B 329 -29.33 11.51 -19.57
N PHE B 330 -28.43 12.37 -19.12
CA PHE B 330 -28.78 13.42 -18.16
C PHE B 330 -29.72 14.44 -18.79
N PHE B 331 -29.40 14.91 -19.99
CA PHE B 331 -30.18 15.99 -20.59
C PHE B 331 -31.48 15.50 -21.20
N ARG B 332 -31.54 14.25 -21.66
CA ARG B 332 -32.81 13.68 -22.05
C ARG B 332 -33.75 13.55 -20.85
N SER B 333 -33.20 13.43 -19.64
CA SER B 333 -34.02 13.42 -18.44
C SER B 333 -34.53 14.82 -18.10
N LEU B 334 -33.73 15.85 -18.37
CA LEU B 334 -34.15 17.23 -18.13
C LEU B 334 -35.09 17.75 -19.21
N MET B 335 -35.37 16.95 -20.24
CA MET B 335 -36.23 17.36 -21.33
C MET B 335 -37.71 17.19 -21.01
N GLU B 336 -38.04 16.82 -19.77
CA GLU B 336 -39.43 16.72 -19.34
C GLU B 336 -39.97 18.04 -18.79
N ASP B 337 -39.11 19.02 -18.57
CA ASP B 337 -39.52 20.29 -18.00
C ASP B 337 -40.05 21.22 -19.08
N THR B 338 -41.02 22.05 -18.71
CA THR B 338 -41.50 23.10 -19.60
C THR B 338 -40.49 24.24 -19.64
N THR B 339 -40.50 24.97 -20.75
CA THR B 339 -39.53 26.04 -20.95
C THR B 339 -39.95 27.31 -20.21
N ILE B 340 -38.99 28.21 -20.04
CA ILE B 340 -39.23 29.54 -19.52
C ILE B 340 -38.70 30.55 -20.53
N ASN B 341 -38.67 31.82 -20.17
CA ASN B 341 -38.22 32.89 -21.04
C ASN B 341 -36.86 33.37 -20.56
N ARG B 342 -35.81 33.02 -21.30
CA ARG B 342 -34.47 33.53 -21.07
C ARG B 342 -33.83 33.98 -22.37
N VAL B 343 -34.65 34.40 -23.33
CA VAL B 343 -34.17 34.70 -24.67
C VAL B 343 -33.20 35.89 -24.63
N SER B 344 -33.47 36.86 -23.76
CA SER B 344 -32.58 38.02 -23.63
C SER B 344 -31.21 37.58 -23.13
N TRP B 345 -31.18 36.72 -22.11
CA TRP B 345 -29.92 36.20 -21.58
C TRP B 345 -29.10 35.53 -22.68
N LEU B 346 -29.75 34.73 -23.52
CA LEU B 346 -29.05 34.05 -24.61
C LEU B 346 -28.50 35.05 -25.61
N GLU B 347 -29.24 36.14 -25.86
CA GLU B 347 -28.82 37.12 -26.86
C GLU B 347 -27.56 37.86 -26.43
N LYS B 348 -27.46 38.23 -25.15
CA LYS B 348 -26.23 38.87 -24.67
C LYS B 348 -25.02 38.01 -24.99
N TRP B 349 -25.13 36.70 -24.77
CA TRP B 349 -24.01 35.80 -25.01
C TRP B 349 -23.77 35.59 -26.50
N GLN B 350 -24.85 35.49 -27.29
CA GLN B 350 -24.68 35.29 -28.72
C GLN B 350 -24.03 36.51 -29.38
N CYS B 351 -24.34 37.71 -28.89
CA CYS B 351 -23.74 38.91 -29.47
CA CYS B 351 -23.74 38.91 -29.47
C CYS B 351 -22.26 39.02 -29.11
N LEU B 352 -21.89 38.67 -27.87
CA LEU B 352 -20.50 38.72 -27.47
C LEU B 352 -19.64 37.75 -28.27
N GLU B 353 -20.18 36.54 -28.53
CA GLU B 353 -19.43 35.56 -29.31
C GLU B 353 -19.24 36.01 -30.75
N LYS B 354 -20.22 36.71 -31.32
CA LYS B 354 -20.09 37.16 -32.71
C LYS B 354 -18.96 38.16 -32.86
N LYS B 355 -18.94 39.20 -32.03
CA LYS B 355 -17.86 40.19 -32.11
C LYS B 355 -16.52 39.57 -31.72
N GLY B 356 -16.53 38.67 -30.73
CA GLY B 356 -15.30 38.04 -30.31
C GLY B 356 -14.62 37.26 -31.42
N ARG B 357 -15.42 36.58 -32.24
CA ARG B 357 -14.84 35.82 -33.35
C ARG B 357 -14.27 36.75 -34.41
N LYS B 358 -14.93 37.89 -34.65
CA LYS B 358 -14.37 38.88 -35.58
C LYS B 358 -13.07 39.45 -35.05
N GLU B 359 -13.00 39.70 -33.75
CA GLU B 359 -11.77 40.22 -33.15
C GLU B 359 -10.64 39.21 -33.23
N ILE B 360 -10.94 37.91 -33.11
CA ILE B 360 -9.91 36.89 -33.22
C ILE B 360 -9.40 36.81 -34.66
N LYS B 361 -10.32 36.81 -35.63
CA LYS B 361 -9.92 36.81 -37.02
C LYS B 361 -9.05 38.03 -37.36
N CYS B 362 -9.39 39.19 -36.79
CA CYS B 362 -8.57 40.37 -36.99
C CYS B 362 -7.17 40.16 -36.43
N TYR B 363 -7.08 39.58 -35.22
CA TYR B 363 -5.79 39.36 -34.58
C TYR B 363 -4.91 38.43 -35.43
N LEU B 364 -5.48 37.33 -35.90
CA LEU B 364 -4.70 36.33 -36.64
C LEU B 364 -4.17 36.88 -37.95
N GLU B 365 -4.81 37.91 -38.51
CA GLU B 365 -4.26 38.53 -39.71
C GLU B 365 -3.03 39.37 -39.40
N GLN B 366 -2.99 40.00 -38.22
CA GLN B 366 -1.87 40.87 -37.86
C GLN B 366 -0.75 40.15 -37.12
N ALA B 367 -1.07 39.11 -36.35
CA ALA B 367 -0.09 38.50 -35.47
C ALA B 367 1.00 37.78 -36.25
N THR B 368 2.22 37.79 -35.70
CA THR B 368 3.36 37.12 -36.31
C THR B 368 4.13 36.25 -35.32
N ASP B 369 3.53 35.88 -34.19
CA ASP B 369 4.19 35.13 -33.14
C ASP B 369 3.81 33.65 -33.21
N GLU B 370 4.08 32.91 -32.13
CA GLU B 370 3.65 31.52 -32.01
C GLU B 370 2.14 31.38 -32.20
N SER B 371 1.37 32.37 -31.73
CA SER B 371 -0.09 32.30 -31.85
C SER B 371 -0.52 32.20 -33.31
N ALA B 372 0.10 33.01 -34.18
CA ALA B 372 -0.29 33.02 -35.58
C ALA B 372 0.01 31.67 -36.25
N PHE B 373 1.12 31.04 -35.87
CA PHE B 373 1.42 29.70 -36.38
C PHE B 373 0.29 28.73 -36.03
N VAL B 374 -0.18 28.77 -34.78
CA VAL B 374 -1.24 27.85 -34.35
C VAL B 374 -2.54 28.16 -35.07
N GLY B 375 -2.90 29.44 -35.15
CA GLY B 375 -4.11 29.81 -35.88
C GLY B 375 -4.06 29.40 -37.34
N GLU B 376 -2.86 29.48 -37.94
CA GLU B 376 -2.71 29.07 -39.33
C GLU B 376 -2.74 27.55 -39.47
N LEU B 377 -2.19 26.82 -38.51
CA LEU B 377 -2.25 25.37 -38.55
C LEU B 377 -3.69 24.88 -38.53
N ILE B 378 -4.53 25.53 -37.71
CA ILE B 378 -5.94 25.15 -37.64
C ILE B 378 -6.60 25.37 -39.00
N LYS B 379 -6.31 26.51 -39.63
CA LYS B 379 -6.89 26.80 -40.93
C LYS B 379 -6.45 25.79 -41.97
N LYS B 380 -5.17 25.37 -41.93
CA LYS B 380 -4.64 24.45 -42.93
C LYS B 380 -5.19 23.04 -42.78
N THR B 381 -5.44 22.60 -41.55
CA THR B 381 -5.87 21.23 -41.31
C THR B 381 -7.12 20.89 -42.12
N SER B 382 -7.10 19.71 -42.75
CA SER B 382 -8.24 19.28 -43.55
C SER B 382 -9.43 18.99 -42.64
N GLU B 383 -10.63 19.30 -43.14
CA GLU B 383 -11.84 19.05 -42.37
C GLU B 383 -12.05 17.56 -42.17
N LYS B 384 -12.65 17.21 -41.03
CA LYS B 384 -12.89 15.85 -40.56
C LYS B 384 -11.59 15.11 -40.24
N ASP B 385 -10.45 15.79 -40.29
CA ASP B 385 -9.20 15.27 -39.78
C ASP B 385 -9.06 15.69 -38.31
N ALA B 386 -7.93 15.36 -37.69
CA ALA B 386 -7.78 15.55 -36.26
C ALA B 386 -6.41 16.13 -35.93
N LEU B 387 -6.35 16.83 -34.81
CA LEU B 387 -5.11 17.32 -34.24
C LEU B 387 -4.90 16.66 -32.88
N PHE B 388 -3.64 16.41 -32.54
CA PHE B 388 -3.25 16.06 -31.19
C PHE B 388 -2.41 17.19 -30.62
N ILE B 389 -2.91 17.82 -29.57
CA ILE B 389 -2.31 19.04 -29.02
C ILE B 389 -1.55 18.69 -27.76
N SER B 390 -0.27 19.07 -27.73
CA SER B 390 0.54 18.88 -26.54
C SER B 390 0.01 19.72 -25.39
N ASN B 391 0.54 19.45 -24.20
CA ASN B 391 0.23 20.27 -23.03
C ASN B 391 1.10 21.54 -23.09
N SER B 392 1.14 22.29 -21.99
CA SER B 392 1.74 23.62 -21.93
C SER B 392 0.95 24.58 -22.83
N MET B 393 1.64 25.46 -23.55
CA MET B 393 0.96 26.55 -24.25
C MET B 393 0.09 26.13 -25.44
N PRO B 394 0.50 25.15 -26.27
CA PRO B 394 -0.36 24.79 -27.42
C PRO B 394 -1.81 24.50 -27.08
N ILE B 395 -2.10 23.90 -25.93
CA ILE B 395 -3.49 23.63 -25.60
C ILE B 395 -4.20 24.91 -25.15
N ARG B 396 -3.48 25.84 -24.54
CA ARG B 396 -4.08 27.14 -24.20
C ARG B 396 -4.38 27.95 -25.45
N ASP B 397 -3.49 27.88 -26.45
CA ASP B 397 -3.70 28.63 -27.68
C ASP B 397 -4.86 28.06 -28.50
N VAL B 398 -5.03 26.73 -28.49
CA VAL B 398 -6.16 26.14 -29.19
C VAL B 398 -7.47 26.52 -28.53
N ASP B 399 -7.47 26.69 -27.21
CA ASP B 399 -8.65 27.18 -26.52
C ASP B 399 -9.04 28.56 -27.03
N ASN B 400 -8.04 29.44 -27.25
CA ASN B 400 -8.32 30.81 -27.63
C ASN B 400 -8.54 30.98 -29.13
N LEU B 401 -8.08 30.06 -29.96
CA LEU B 401 -8.08 30.27 -31.41
C LEU B 401 -8.96 29.31 -32.20
N LEU B 402 -9.38 28.19 -31.62
CA LEU B 402 -10.21 27.23 -32.34
C LEU B 402 -11.68 27.64 -32.19
N LEU B 403 -12.35 27.87 -33.32
CA LEU B 403 -13.72 28.35 -33.32
C LEU B 403 -14.59 27.29 -33.99
N ASN B 404 -14.96 27.48 -35.27
CA ASN B 404 -15.95 26.63 -35.92
C ASN B 404 -15.34 25.73 -36.98
N LYS B 405 -14.02 25.53 -36.96
CA LYS B 405 -13.40 24.54 -37.83
C LYS B 405 -13.98 23.16 -37.54
N ASN B 406 -14.30 22.43 -38.60
CA ASN B 406 -14.85 21.07 -38.48
C ASN B 406 -13.70 20.06 -38.36
N ILE B 407 -13.07 20.07 -37.17
CA ILE B 407 -12.03 19.11 -36.83
C ILE B 407 -12.23 18.66 -35.39
N ASP B 408 -11.53 17.59 -35.04
CA ASP B 408 -11.51 17.07 -33.67
C ASP B 408 -10.15 17.30 -33.05
N VAL B 409 -10.16 17.53 -31.73
CA VAL B 409 -8.95 17.79 -30.96
C VAL B 409 -8.85 16.75 -29.85
N TYR B 410 -7.65 16.20 -29.67
CA TYR B 410 -7.37 15.22 -28.63
C TYR B 410 -6.12 15.64 -27.87
N ALA B 411 -6.02 15.21 -26.62
CA ALA B 411 -4.86 15.54 -25.79
C ALA B 411 -4.83 14.64 -24.57
N ASN B 412 -3.73 14.72 -23.83
CA ASN B 412 -3.56 14.01 -22.56
C ASN B 412 -3.81 15.03 -21.45
N ARG B 413 -5.08 15.18 -21.08
CA ARG B 413 -5.48 16.21 -20.11
C ARG B 413 -5.93 15.61 -18.78
N GLY B 414 -5.34 14.49 -18.39
CA GLY B 414 -5.58 13.96 -17.06
C GLY B 414 -4.52 14.45 -16.09
N ALA B 415 -3.28 14.03 -16.31
CA ALA B 415 -2.16 14.45 -15.48
C ALA B 415 -1.42 15.65 -16.05
N ASN B 416 -1.75 16.07 -17.26
CA ASN B 416 -1.17 17.25 -17.91
C ASN B 416 0.36 17.15 -17.98
N GLY B 417 0.89 15.95 -18.14
CA GLY B 417 2.32 15.78 -18.25
C GLY B 417 2.84 16.07 -19.65
N ILE B 418 4.13 16.36 -19.72
CA ILE B 418 4.76 16.69 -21.00
C ILE B 418 5.50 15.46 -21.49
N ASP B 419 5.25 14.33 -20.85
CA ASP B 419 5.87 13.07 -21.23
C ASP B 419 4.89 12.22 -22.03
N GLY B 420 5.44 11.46 -22.97
CA GLY B 420 4.65 10.54 -23.76
C GLY B 420 3.73 11.17 -24.77
N ILE B 421 3.87 12.47 -25.04
CA ILE B 421 2.99 13.14 -26.00
C ILE B 421 3.20 12.59 -27.41
N VAL B 422 4.47 12.45 -27.81
CA VAL B 422 4.78 11.95 -29.15
C VAL B 422 4.21 10.55 -29.35
N SER B 423 4.45 9.65 -28.39
CA SER B 423 3.99 8.27 -28.52
C SER B 423 2.47 8.19 -28.52
N THR B 424 1.80 9.02 -27.73
CA THR B 424 0.33 8.95 -27.67
C THR B 424 -0.27 9.36 -29.00
N ALA B 425 0.25 10.42 -29.63
CA ALA B 425 -0.25 10.83 -30.93
C ALA B 425 0.00 9.75 -31.97
N LEU B 426 1.20 9.17 -31.98
CA LEU B 426 1.52 8.11 -32.93
C LEU B 426 0.55 6.94 -32.79
N GLY B 427 0.23 6.54 -31.55
CA GLY B 427 -0.74 5.48 -31.35
C GLY B 427 -2.08 5.80 -31.96
N MET B 428 -2.50 7.07 -31.85
CA MET B 428 -3.76 7.49 -32.44
C MET B 428 -3.69 7.52 -33.96
N ALA B 429 -2.53 7.91 -34.50
CA ALA B 429 -2.36 7.98 -35.95
C ALA B 429 -2.49 6.61 -36.61
N VAL B 430 -2.40 5.52 -35.84
CA VAL B 430 -2.61 4.20 -36.41
C VAL B 430 -4.07 4.01 -36.82
N HIS B 431 -4.99 4.63 -36.06
CA HIS B 431 -6.42 4.44 -36.27
C HIS B 431 -7.12 5.68 -36.80
N LYS B 432 -6.49 6.86 -36.76
CA LYS B 432 -7.11 8.10 -37.18
C LYS B 432 -6.09 8.96 -37.93
N ARG B 433 -6.59 9.89 -38.72
CA ARG B 433 -5.75 10.85 -39.42
C ARG B 433 -5.49 12.04 -38.50
N ILE B 434 -4.24 12.21 -38.08
CA ILE B 434 -3.92 13.17 -37.04
C ILE B 434 -2.57 13.82 -37.34
N THR B 435 -2.45 15.09 -36.95
CA THR B 435 -1.20 15.82 -36.97
C THR B 435 -0.91 16.29 -35.56
N LEU B 436 0.35 16.18 -35.14
CA LEU B 436 0.74 16.51 -33.77
C LEU B 436 1.32 17.91 -33.72
N LEU B 437 0.87 18.69 -32.74
CA LEU B 437 1.40 20.02 -32.43
C LEU B 437 2.00 19.96 -31.03
N ILE B 438 3.31 20.23 -30.94
CA ILE B 438 4.04 19.95 -29.71
C ILE B 438 5.17 20.98 -29.56
N GLY B 439 5.38 21.45 -28.32
CA GLY B 439 6.53 22.27 -28.02
C GLY B 439 7.81 21.47 -27.99
N ASP B 440 8.93 22.20 -27.96
CA ASP B 440 10.23 21.54 -28.13
C ASP B 440 10.64 20.75 -26.90
N LEU B 441 10.27 21.19 -25.70
CA LEU B 441 10.67 20.46 -24.51
C LEU B 441 9.93 19.13 -24.39
N SER B 442 8.62 19.12 -24.70
CA SER B 442 7.90 17.86 -24.75
C SER B 442 8.38 17.00 -25.91
N PHE B 443 8.82 17.64 -27.01
CA PHE B 443 9.38 16.88 -28.12
C PHE B 443 10.65 16.15 -27.72
N TYR B 444 11.54 16.83 -26.99
CA TYR B 444 12.74 16.17 -26.48
C TYR B 444 12.38 15.09 -25.47
N HIS B 445 11.33 15.33 -24.67
CA HIS B 445 11.00 14.40 -23.59
C HIS B 445 10.66 13.01 -24.13
N ASP B 446 9.85 12.96 -25.19
CA ASP B 446 9.44 11.69 -25.79
C ASP B 446 10.07 11.47 -27.17
N MET B 447 11.34 11.83 -27.32
CA MET B 447 12.00 11.66 -28.61
C MET B 447 12.09 10.18 -29.01
N ASN B 448 12.24 9.29 -28.03
CA ASN B 448 12.34 7.86 -28.30
C ASN B 448 11.07 7.29 -28.92
N GLY B 449 9.92 7.94 -28.69
CA GLY B 449 8.66 7.45 -29.25
C GLY B 449 8.63 7.46 -30.77
N LEU B 450 9.49 8.26 -31.40
CA LEU B 450 9.55 8.31 -32.86
C LEU B 450 10.04 7.00 -33.48
N LEU B 451 10.62 6.09 -32.68
CA LEU B 451 11.01 4.79 -33.22
C LEU B 451 9.82 4.06 -33.82
N MET B 452 8.65 4.19 -33.21
CA MET B 452 7.45 3.56 -33.77
C MET B 452 7.14 4.08 -35.16
N SER B 453 7.53 5.32 -35.45
CA SER B 453 7.28 5.86 -36.78
C SER B 453 8.29 5.33 -37.80
N LYS B 454 9.57 5.24 -37.41
CA LYS B 454 10.57 4.70 -38.32
C LYS B 454 10.29 3.23 -38.64
N LEU B 455 10.01 2.44 -37.61
CA LEU B 455 9.97 0.99 -37.79
C LEU B 455 8.70 0.52 -38.49
N ASN B 456 7.55 1.11 -38.16
CA ASN B 456 6.26 0.62 -38.66
C ASN B 456 5.59 1.57 -39.64
N ASN B 457 6.24 2.67 -40.00
CA ASN B 457 5.75 3.59 -41.02
C ASN B 457 4.33 4.06 -40.72
N ILE B 458 4.17 4.73 -39.59
CA ILE B 458 2.90 5.37 -39.26
C ILE B 458 2.88 6.74 -39.93
N GLN B 459 1.75 7.07 -40.54
CA GLN B 459 1.58 8.35 -41.23
C GLN B 459 1.16 9.40 -40.22
N MET B 460 2.07 10.34 -39.92
CA MET B 460 1.76 11.45 -39.03
C MET B 460 2.77 12.56 -39.21
N ASN B 461 2.29 13.76 -39.52
CA ASN B 461 3.14 14.94 -39.51
C ASN B 461 3.24 15.50 -38.09
N ILE B 462 4.34 16.22 -37.84
CA ILE B 462 4.61 16.81 -36.54
C ILE B 462 4.91 18.29 -36.75
N VAL B 463 4.12 19.16 -36.12
CA VAL B 463 4.35 20.60 -36.15
C VAL B 463 5.02 20.98 -34.84
N LEU B 464 6.31 21.30 -34.91
CA LEU B 464 7.13 21.55 -33.73
C LEU B 464 7.25 23.05 -33.50
N LEU B 465 6.74 23.52 -32.36
CA LEU B 465 6.86 24.92 -31.96
C LEU B 465 8.12 25.04 -31.12
N ASN B 466 9.21 25.45 -31.74
CA ASN B 466 10.50 25.53 -31.07
C ASN B 466 10.80 26.97 -30.69
N ASN B 467 10.69 27.28 -29.40
CA ASN B 467 11.14 28.54 -28.86
C ASN B 467 12.30 28.35 -27.89
N ASP B 468 12.85 27.13 -27.82
CA ASP B 468 14.08 26.82 -27.08
C ASP B 468 13.95 27.12 -25.58
N GLY B 469 12.90 26.57 -24.98
CA GLY B 469 12.72 26.72 -23.55
C GLY B 469 11.25 26.54 -23.17
N GLY B 470 10.99 26.78 -21.89
CA GLY B 470 9.65 26.68 -21.36
C GLY B 470 8.85 27.95 -21.50
N GLY B 471 8.17 28.12 -22.63
CA GLY B 471 7.44 29.35 -22.89
C GLY B 471 6.38 29.67 -21.87
N ILE B 472 5.69 28.65 -21.34
CA ILE B 472 4.57 28.88 -20.42
C ILE B 472 5.03 29.60 -19.16
N PHE B 473 6.31 29.45 -18.79
CA PHE B 473 6.79 30.11 -17.58
C PHE B 473 6.99 31.61 -17.77
N SER B 474 6.90 32.11 -19.01
CA SER B 474 6.90 33.56 -19.21
C SER B 474 5.71 34.21 -18.54
N TYR B 475 4.59 33.48 -18.46
CA TYR B 475 3.34 34.00 -17.93
C TYR B 475 3.18 33.74 -16.43
N LEU B 476 4.28 33.44 -15.74
CA LEU B 476 4.23 33.14 -14.31
C LEU B 476 4.84 34.29 -13.50
N PRO B 477 4.42 34.46 -12.24
CA PRO B 477 4.97 35.55 -11.42
C PRO B 477 6.47 35.43 -11.16
N GLN B 478 7.06 34.27 -11.44
CA GLN B 478 8.49 34.10 -11.19
C GLN B 478 9.35 34.87 -12.19
N LYS B 479 8.83 35.17 -13.39
CA LYS B 479 9.63 35.89 -14.38
C LYS B 479 10.07 37.25 -13.87
N GLU B 480 9.24 37.89 -13.04
CA GLU B 480 9.59 39.19 -12.48
C GLU B 480 10.07 39.12 -11.04
N SER B 481 9.63 38.12 -10.28
CA SER B 481 10.02 38.05 -8.88
C SER B 481 11.45 37.57 -8.72
N ALA B 482 11.87 36.58 -9.52
CA ALA B 482 13.22 36.04 -9.47
C ALA B 482 13.83 36.04 -10.88
N THR B 483 13.99 37.24 -11.44
CA THR B 483 14.42 37.37 -12.83
C THR B 483 15.84 36.86 -13.04
N ASP B 484 16.68 36.92 -12.00
CA ASP B 484 18.08 36.49 -12.15
C ASP B 484 18.19 34.99 -12.37
N TYR B 485 17.30 34.20 -11.78
CA TYR B 485 17.36 32.75 -11.89
C TYR B 485 16.40 32.18 -12.93
N PHE B 486 15.66 33.04 -13.65
CA PHE B 486 14.53 32.57 -14.44
C PHE B 486 14.98 31.69 -15.61
N GLU B 487 16.01 32.13 -16.34
CA GLU B 487 16.43 31.37 -17.51
C GLU B 487 17.02 30.03 -17.13
N ARG B 488 17.70 29.96 -15.98
CA ARG B 488 18.29 28.69 -15.57
C ARG B 488 17.24 27.71 -15.08
N LEU B 489 16.31 28.18 -14.25
CA LEU B 489 15.35 27.30 -13.59
C LEU B 489 14.06 27.08 -14.37
N PHE B 490 13.66 28.01 -15.22
CA PHE B 490 12.39 27.91 -15.92
C PHE B 490 12.51 27.95 -17.43
N GLY B 491 13.43 28.75 -17.97
CA GLY B 491 13.69 28.74 -19.39
C GLY B 491 14.15 27.37 -19.86
N THR B 492 15.26 26.89 -19.31
CA THR B 492 15.84 25.60 -19.67
C THR B 492 16.07 25.45 -21.18
N PRO B 493 16.83 26.34 -21.81
CA PRO B 493 17.12 26.15 -23.23
C PRO B 493 18.00 24.93 -23.45
N THR B 494 17.65 24.13 -24.45
CA THR B 494 18.44 22.96 -24.79
C THR B 494 19.42 23.22 -25.93
N GLY B 495 19.09 24.12 -26.85
CA GLY B 495 19.96 24.40 -27.98
C GLY B 495 20.06 23.28 -28.99
N LEU B 496 19.21 22.25 -28.89
CA LEU B 496 19.30 21.13 -29.80
C LEU B 496 18.81 21.52 -31.20
N ASP B 497 19.47 20.98 -32.21
CA ASP B 497 19.10 21.17 -33.62
C ASP B 497 18.29 19.94 -34.03
N PHE B 498 16.97 20.11 -34.08
CA PHE B 498 16.06 19.00 -34.31
C PHE B 498 16.02 18.53 -35.76
N GLU B 499 16.82 19.13 -36.64
CA GLU B 499 16.99 18.56 -37.97
C GLU B 499 17.62 17.18 -37.89
N TYR B 500 18.55 17.00 -36.94
CA TYR B 500 19.19 15.70 -36.78
C TYR B 500 18.20 14.65 -36.28
N THR B 501 17.29 15.05 -35.39
CA THR B 501 16.26 14.13 -34.91
C THR B 501 15.41 13.63 -36.06
N ALA B 502 15.12 14.50 -37.03
CA ALA B 502 14.32 14.09 -38.18
C ALA B 502 15.08 13.08 -39.04
N LYS B 503 16.38 13.31 -39.26
CA LYS B 503 17.16 12.37 -40.05
C LYS B 503 17.30 11.03 -39.34
N LEU B 504 17.47 11.06 -38.01
CA LEU B 504 17.66 9.82 -37.26
C LEU B 504 16.43 8.92 -37.37
N TYR B 505 15.23 9.50 -37.33
CA TYR B 505 14.00 8.72 -37.39
C TYR B 505 13.34 8.77 -38.77
N GLN B 506 14.09 9.20 -39.79
CA GLN B 506 13.66 9.12 -41.19
C GLN B 506 12.40 9.93 -41.46
N PHE B 507 12.34 11.12 -40.88
CA PHE B 507 11.31 12.10 -41.19
C PHE B 507 11.84 13.08 -42.22
N ASP B 508 10.92 13.66 -43.00
CA ASP B 508 11.27 14.85 -43.77
C ASP B 508 11.31 16.05 -42.84
N PHE B 509 12.11 17.04 -43.20
CA PHE B 509 12.32 18.19 -42.34
C PHE B 509 12.15 19.47 -43.15
N LYS B 510 11.44 20.43 -42.56
CA LYS B 510 11.29 21.78 -43.11
C LYS B 510 11.27 22.77 -41.95
N ARG B 511 12.03 23.84 -42.07
CA ARG B 511 12.13 24.85 -41.02
C ARG B 511 11.59 26.18 -41.52
N PHE B 512 10.64 26.74 -40.77
CA PHE B 512 10.04 28.03 -41.07
C PHE B 512 10.42 29.03 -39.98
N ASN B 513 10.89 30.20 -40.40
CA ASN B 513 11.22 31.27 -39.46
C ASN B 513 10.20 32.40 -39.48
N SER B 514 9.21 32.35 -40.37
CA SER B 514 8.23 33.42 -40.51
C SER B 514 6.85 32.83 -40.72
N VAL B 515 5.83 33.49 -40.15
CA VAL B 515 4.45 33.07 -40.38
C VAL B 515 4.08 33.23 -41.85
N SER B 516 4.67 34.23 -42.53
CA SER B 516 4.42 34.41 -43.95
C SER B 516 4.86 33.19 -44.74
N GLU B 517 6.04 32.63 -44.43
CA GLU B 517 6.47 31.40 -45.07
C GLU B 517 5.49 30.26 -44.80
N PHE B 518 5.01 30.17 -43.56
CA PHE B 518 4.13 29.07 -43.19
C PHE B 518 2.77 29.18 -43.87
N LYS B 519 2.22 30.39 -43.94
CA LYS B 519 0.91 30.57 -44.57
C LYS B 519 0.94 30.19 -46.04
N ASN B 520 2.05 30.49 -46.73
CA ASN B 520 2.18 30.23 -48.16
C ASN B 520 2.86 28.89 -48.45
N ALA B 521 2.77 27.93 -47.54
CA ALA B 521 3.35 26.61 -47.73
C ALA B 521 2.27 25.55 -47.68
N THR B 522 2.63 24.34 -48.14
CA THR B 522 1.75 23.19 -48.14
C THR B 522 2.30 22.14 -47.20
N LEU B 523 1.44 21.54 -46.37
CA LEU B 523 1.87 20.63 -45.32
C LEU B 523 1.61 19.17 -45.65
N LEU B 524 0.39 18.82 -46.07
CA LEU B 524 0.08 17.45 -46.43
C LEU B 524 1.08 16.95 -47.47
N SER B 525 1.55 15.72 -47.29
CA SER B 525 2.58 15.18 -48.17
C SER B 525 2.56 13.66 -48.09
N GLU B 526 3.31 13.04 -49.00
CA GLU B 526 3.38 11.58 -49.02
C GLU B 526 4.10 11.04 -47.79
N THR B 527 5.20 11.67 -47.40
CA THR B 527 6.01 11.23 -46.28
C THR B 527 5.64 12.01 -45.02
N SER B 528 5.93 11.39 -43.87
CA SER B 528 5.77 12.07 -42.59
C SER B 528 6.87 13.12 -42.42
N THR B 529 6.47 14.30 -41.97
CA THR B 529 7.36 15.46 -41.94
C THR B 529 7.33 16.14 -40.58
N ILE B 530 8.48 16.67 -40.18
CA ILE B 530 8.59 17.50 -38.99
C ILE B 530 8.74 18.95 -39.48
N TYR B 531 7.73 19.77 -39.19
CA TYR B 531 7.78 21.19 -39.51
C TYR B 531 8.15 21.96 -38.25
N GLU B 532 9.36 22.49 -38.21
CA GLU B 532 9.85 23.25 -37.07
C GLU B 532 9.58 24.73 -37.31
N LEU B 533 8.87 25.36 -36.37
CA LEU B 533 8.52 26.78 -36.45
C LEU B 533 9.25 27.51 -35.34
N ILE B 534 10.38 28.13 -35.68
CA ILE B 534 11.18 28.83 -34.67
C ILE B 534 10.49 30.12 -34.28
N THR B 535 10.28 30.31 -32.98
CA THR B 535 9.71 31.52 -32.42
C THR B 535 10.56 31.95 -31.23
N ASN B 536 10.20 33.08 -30.64
CA ASN B 536 10.94 33.64 -29.51
C ASN B 536 10.00 33.82 -28.33
N ARG B 537 10.43 33.34 -27.15
CA ARG B 537 9.55 33.32 -25.98
C ARG B 537 9.21 34.73 -25.51
N GLU B 538 10.12 35.68 -25.67
CA GLU B 538 9.86 37.03 -25.20
C GLU B 538 8.83 37.73 -26.07
N ASP B 539 8.99 37.64 -27.40
CA ASP B 539 8.00 38.25 -28.30
C ASP B 539 6.65 37.56 -28.17
N ASN B 540 6.66 36.24 -27.96
CA ASN B 540 5.40 35.50 -27.79
C ASN B 540 4.62 36.02 -26.59
N PHE B 541 5.32 36.30 -25.48
CA PHE B 541 4.65 36.84 -24.31
C PHE B 541 4.00 38.18 -24.62
N LYS B 542 4.73 39.07 -25.30
CA LYS B 542 4.21 40.41 -25.57
C LYS B 542 3.00 40.35 -26.51
N GLN B 543 3.11 39.60 -27.60
CA GLN B 543 1.99 39.49 -28.53
C GLN B 543 0.79 38.82 -27.88
N HIS B 544 1.02 37.87 -26.97
CA HIS B 544 -0.10 37.25 -26.28
C HIS B 544 -0.81 38.23 -25.34
N GLN B 545 -0.09 39.24 -24.83
CA GLN B 545 -0.73 40.23 -23.98
C GLN B 545 -1.79 41.01 -24.76
N ILE B 546 -1.53 41.28 -26.04
CA ILE B 546 -2.51 41.97 -26.87
C ILE B 546 -3.71 41.08 -27.12
N LEU B 547 -3.47 39.78 -27.32
CA LEU B 547 -4.58 38.85 -27.57
C LEU B 547 -5.44 38.69 -26.33
N TYR B 548 -4.83 38.64 -25.14
CA TYR B 548 -5.58 38.47 -23.91
C TYR B 548 -6.41 39.69 -23.55
N GLN B 549 -6.22 40.82 -24.23
CA GLN B 549 -7.03 42.00 -24.02
C GLN B 549 -7.76 42.45 -25.28
N LYS B 550 -7.79 41.62 -26.32
CA LYS B 550 -8.39 41.98 -27.59
C LYS B 550 -9.91 42.12 -27.52
N LEU B 551 -10.55 41.62 -26.46
CA LEU B 551 -12.00 41.65 -26.33
C LEU B 551 -12.47 42.64 -25.27
N SER B 552 -11.60 43.53 -24.81
CA SER B 552 -11.97 44.44 -23.71
C SER B 552 -12.96 45.49 -24.18
N GLU B 553 -12.82 45.98 -25.41
CA GLU B 553 -13.72 47.02 -25.92
C GLU B 553 -15.13 46.52 -26.17
N MET B 554 -15.38 45.21 -26.04
CA MET B 554 -16.73 44.67 -26.17
C MET B 554 -17.47 44.58 -24.84
N ILE B 555 -16.76 44.66 -23.72
CA ILE B 555 -17.35 44.45 -22.40
C ILE B 555 -17.60 45.81 -21.77
N HIS B 556 -18.88 46.12 -21.54
CA HIS B 556 -19.28 47.40 -20.99
C HIS B 556 -20.09 47.27 -19.71
N ASP B 557 -20.92 46.25 -19.59
CA ASP B 557 -21.78 46.10 -18.43
C ASP B 557 -21.75 44.64 -17.97
N THR B 558 -22.08 44.46 -16.69
CA THR B 558 -22.16 43.11 -16.12
C THR B 558 -23.35 42.36 -16.70
N LEU B 559 -23.16 41.07 -16.96
CA LEU B 559 -24.20 40.24 -17.56
C LEU B 559 -25.34 39.96 -16.58
N GLY C 4 -8.12 34.35 20.28
CA GLY C 4 -7.61 33.00 20.17
C GLY C 4 -7.65 32.49 18.74
N ASN C 5 -6.55 32.65 18.01
CA ASN C 5 -6.53 32.33 16.59
C ASN C 5 -6.68 30.82 16.36
N HIS C 6 -5.99 30.00 17.15
CA HIS C 6 -6.06 28.56 16.97
C HIS C 6 -7.41 28.01 17.41
N LYS C 7 -7.90 28.45 18.57
CA LYS C 7 -9.16 27.93 19.09
C LYS C 7 -10.31 28.20 18.12
N ALA C 8 -10.32 29.37 17.49
CA ALA C 8 -11.35 29.69 16.51
C ALA C 8 -11.29 28.72 15.33
N ALA C 9 -10.11 28.58 14.73
CA ALA C 9 -9.98 27.76 13.53
C ALA C 9 -10.32 26.30 13.81
N LEU C 10 -9.84 25.77 14.93
CA LEU C 10 -10.17 24.40 15.30
C LEU C 10 -11.67 24.23 15.50
N THR C 11 -12.31 25.21 16.13
CA THR C 11 -13.76 25.15 16.32
C THR C 11 -14.49 25.22 14.99
N LYS C 12 -14.06 26.11 14.11
CA LYS C 12 -14.71 26.25 12.80
C LYS C 12 -14.60 24.95 12.00
N GLN C 13 -13.39 24.39 11.92
CA GLN C 13 -13.18 23.15 11.17
C GLN C 13 -14.05 22.03 11.73
N VAL C 14 -14.00 21.84 13.03
CA VAL C 14 -14.63 20.67 13.65
C VAL C 14 -16.16 20.80 13.64
N PHE C 15 -16.68 22.02 13.81
CA PHE C 15 -18.12 22.21 13.79
C PHE C 15 -18.68 22.16 12.37
N THR C 16 -17.93 22.67 11.38
CA THR C 16 -18.37 22.57 9.99
C THR C 16 -18.36 21.12 9.52
N PHE C 17 -17.39 20.33 9.99
CA PHE C 17 -17.31 18.93 9.57
C PHE C 17 -18.50 18.12 10.09
N ALA C 18 -18.90 18.36 11.35
CA ALA C 18 -20.03 17.64 11.91
C ALA C 18 -21.33 18.01 11.20
N SER C 19 -21.49 19.28 10.83
CA SER C 19 -22.70 19.71 10.13
C SER C 19 -22.75 19.15 8.72
N GLU C 20 -21.61 19.12 8.04
CA GLU C 20 -21.56 18.54 6.70
C GLU C 20 -21.81 17.03 6.74
N LEU C 21 -21.44 16.36 7.83
CA LEU C 21 -21.82 14.97 7.98
C LEU C 21 -23.32 14.84 8.15
N TYR C 22 -23.92 15.74 8.92
CA TYR C 22 -25.38 15.77 9.03
C TYR C 22 -26.02 16.05 7.68
N ALA C 23 -25.47 17.01 6.94
CA ALA C 23 -26.07 17.42 5.67
C ALA C 23 -26.16 16.27 4.67
N TYR C 24 -25.35 15.22 4.84
CA TYR C 24 -25.35 14.09 3.91
C TYR C 24 -26.00 12.84 4.51
N GLY C 25 -26.61 12.94 5.68
CA GLY C 25 -27.47 11.86 6.16
C GLY C 25 -27.13 11.29 7.52
N VAL C 26 -25.98 11.66 8.08
CA VAL C 26 -25.54 11.11 9.36
C VAL C 26 -26.44 11.65 10.47
N ARG C 27 -27.04 10.74 11.23
CA ARG C 27 -27.84 11.11 12.39
C ARG C 27 -27.29 10.59 13.71
N GLU C 28 -26.46 9.54 13.70
CA GLU C 28 -25.86 9.05 14.92
C GLU C 28 -24.40 8.68 14.69
N VAL C 29 -23.60 8.76 15.75
CA VAL C 29 -22.20 8.41 15.72
C VAL C 29 -21.90 7.55 16.94
N VAL C 30 -20.89 6.69 16.81
CA VAL C 30 -20.41 5.85 17.91
C VAL C 30 -19.00 6.31 18.25
N ILE C 31 -18.82 6.88 19.44
CA ILE C 31 -17.56 7.47 19.86
C ILE C 31 -16.89 6.55 20.87
N SER C 32 -15.56 6.43 20.78
CA SER C 32 -14.72 5.73 21.74
C SER C 32 -13.85 6.72 22.50
N PRO C 33 -13.69 6.54 23.81
CA PRO C 33 -12.99 7.56 24.61
C PRO C 33 -11.54 7.72 24.17
N GLY C 34 -11.03 8.93 24.33
CA GLY C 34 -9.66 9.25 23.96
C GLY C 34 -9.33 10.73 24.03
N SER C 35 -8.05 11.05 24.13
CA SER C 35 -7.65 12.44 24.32
C SER C 35 -7.61 13.20 23.00
N ARG C 36 -6.93 12.65 21.99
CA ARG C 36 -6.72 13.38 20.74
C ARG C 36 -8.03 13.59 19.96
N SER C 37 -9.06 12.81 20.24
CA SER C 37 -10.35 12.96 19.56
C SER C 37 -11.22 14.04 20.16
N THR C 38 -10.69 14.81 21.11
CA THR C 38 -11.52 15.74 21.88
C THR C 38 -12.29 16.74 21.01
N PRO C 39 -11.67 17.48 20.08
CA PRO C 39 -12.45 18.52 19.37
C PRO C 39 -13.65 17.97 18.62
N LEU C 40 -13.49 16.90 17.84
CA LEU C 40 -14.63 16.38 17.08
C LEU C 40 -15.62 15.66 17.99
N ALA C 41 -15.15 15.01 19.05
CA ALA C 41 -16.07 14.36 19.97
C ALA C 41 -17.05 15.37 20.58
N LEU C 42 -16.53 16.53 20.99
CA LEU C 42 -17.38 17.55 21.59
C LEU C 42 -18.34 18.15 20.57
N ALA C 43 -17.94 18.21 19.28
CA ALA C 43 -18.85 18.71 18.26
C ALA C 43 -20.05 17.80 18.08
N PHE C 44 -19.82 16.48 18.04
CA PHE C 44 -20.93 15.54 17.88
C PHE C 44 -21.90 15.64 19.05
N GLU C 45 -21.38 15.73 20.27
CA GLU C 45 -22.23 15.81 21.45
C GLU C 45 -23.00 17.13 21.49
N ALA C 46 -22.35 18.23 21.10
CA ALA C 46 -22.98 19.54 21.16
C ALA C 46 -23.95 19.78 20.01
N HIS C 47 -23.79 19.08 18.90
CA HIS C 47 -24.72 19.21 17.78
C HIS C 47 -26.08 18.65 18.17
N PRO C 48 -27.15 19.45 18.15
CA PRO C 48 -28.42 19.01 18.75
C PRO C 48 -29.19 18.02 17.91
N ASN C 49 -28.73 17.71 16.69
CA ASN C 49 -29.41 16.74 15.84
C ASN C 49 -28.51 15.57 15.48
N ILE C 50 -27.43 15.35 16.22
CA ILE C 50 -26.57 14.18 16.07
C ILE C 50 -26.57 13.43 17.39
N LYS C 51 -27.08 12.21 17.39
CA LYS C 51 -27.08 11.38 18.59
C LYS C 51 -25.74 10.66 18.72
N THR C 52 -25.27 10.51 19.96
CA THR C 52 -23.98 9.89 20.22
C THR C 52 -24.13 8.62 21.05
N TRP C 53 -23.20 7.69 20.86
CA TRP C 53 -23.10 6.45 21.65
C TRP C 53 -21.65 6.29 22.06
N ILE C 54 -21.40 6.25 23.37
CA ILE C 54 -20.04 6.10 23.90
C ILE C 54 -19.78 4.63 24.15
N HIS C 55 -18.73 4.10 23.52
CA HIS C 55 -18.39 2.69 23.59
C HIS C 55 -16.91 2.55 23.88
N PRO C 56 -16.52 1.90 25.00
CA PRO C 56 -15.08 1.79 25.32
C PRO C 56 -14.33 0.81 24.44
N ASP C 57 -14.98 -0.21 23.88
CA ASP C 57 -14.30 -1.22 23.07
C ASP C 57 -14.43 -0.84 21.59
N GLU C 58 -13.30 -0.50 20.97
CA GLU C 58 -13.32 -0.03 19.59
C GLU C 58 -13.77 -1.13 18.63
N ARG C 59 -13.39 -2.38 18.89
CA ARG C 59 -13.82 -3.46 18.01
C ARG C 59 -15.33 -3.61 18.01
N SER C 60 -15.94 -3.66 19.20
CA SER C 60 -17.38 -3.82 19.29
C SER C 60 -18.12 -2.56 18.86
N ALA C 61 -17.51 -1.39 19.07
CA ALA C 61 -18.16 -0.14 18.67
C ALA C 61 -18.40 -0.10 17.17
N ALA C 62 -17.41 -0.51 16.37
CA ALA C 62 -17.54 -0.46 14.92
C ALA C 62 -18.61 -1.43 14.43
N PHE C 63 -18.67 -2.63 15.02
CA PHE C 63 -19.73 -3.58 14.64
C PHE C 63 -21.09 -3.07 15.09
N PHE C 64 -21.16 -2.40 16.24
CA PHE C 64 -22.40 -1.78 16.69
C PHE C 64 -22.87 -0.75 15.68
N ALA C 65 -21.96 0.08 15.18
CA ALA C 65 -22.33 1.07 14.15
C ALA C 65 -22.81 0.37 12.88
N VAL C 66 -22.16 -0.73 12.50
CA VAL C 66 -22.67 -1.50 11.36
C VAL C 66 -24.10 -1.93 11.60
N GLY C 67 -24.44 -2.27 12.86
CA GLY C 67 -25.81 -2.61 13.19
C GLY C 67 -26.76 -1.44 13.05
N LEU C 68 -26.37 -0.27 13.55
CA LEU C 68 -27.20 0.92 13.40
C LEU C 68 -27.43 1.24 11.92
N ILE C 69 -26.45 0.99 11.07
CA ILE C 69 -26.60 1.27 9.64
C ILE C 69 -27.59 0.31 9.01
N LYS C 70 -27.52 -0.98 9.37
CA LYS C 70 -28.46 -1.95 8.82
C LYS C 70 -29.87 -1.72 9.34
N GLY C 71 -30.00 -1.11 10.52
CA GLY C 71 -31.31 -0.86 11.09
C GLY C 71 -31.92 0.45 10.63
N SER C 72 -31.09 1.49 10.49
CA SER C 72 -31.56 2.81 10.11
C SER C 72 -31.46 3.08 8.61
N GLU C 73 -30.70 2.26 7.87
CA GLU C 73 -30.45 2.48 6.45
C GLU C 73 -29.88 3.86 6.19
N ARG C 74 -29.11 4.37 7.16
CA ARG C 74 -28.40 5.63 7.07
C ARG C 74 -26.92 5.41 7.35
N PRO C 75 -26.04 6.22 6.75
CA PRO C 75 -24.63 6.14 7.13
C PRO C 75 -24.41 6.59 8.56
N VAL C 76 -23.52 5.88 9.26
CA VAL C 76 -23.17 6.18 10.64
C VAL C 76 -21.64 6.32 10.71
N ALA C 77 -21.17 7.20 11.58
CA ALA C 77 -19.76 7.47 11.75
C ALA C 77 -19.26 6.92 13.08
N ILE C 78 -17.98 6.52 13.10
CA ILE C 78 -17.30 6.09 14.31
C ILE C 78 -16.08 6.99 14.51
N LEU C 79 -15.77 7.30 15.76
CA LEU C 79 -14.67 8.20 16.10
C LEU C 79 -13.85 7.60 17.23
N CYS C 80 -12.53 7.53 17.02
CA CYS C 80 -11.60 7.01 18.01
C CYS C 80 -10.36 7.87 18.06
N THR C 81 -9.56 7.68 19.10
CA THR C 81 -8.30 8.38 19.25
C THR C 81 -7.21 7.69 18.43
N SER C 82 -5.99 8.20 18.52
CA SER C 82 -4.87 7.69 17.74
C SER C 82 -4.28 6.43 18.37
N GLY C 83 -3.71 5.58 17.52
CA GLY C 83 -3.02 4.39 17.98
C GLY C 83 -3.74 3.08 17.73
N THR C 84 -3.63 2.13 18.66
CA THR C 84 -4.26 0.83 18.50
C THR C 84 -5.79 0.91 18.44
N ALA C 85 -6.37 1.99 18.96
CA ALA C 85 -7.82 2.16 18.87
C ALA C 85 -8.30 2.00 17.45
N ALA C 86 -7.66 2.72 16.51
CA ALA C 86 -8.07 2.63 15.11
C ALA C 86 -7.85 1.23 14.55
N ALA C 87 -6.80 0.53 15.01
CA ALA C 87 -6.54 -0.81 14.50
C ALA C 87 -7.64 -1.79 14.89
N ASN C 88 -8.34 -1.51 15.99
CA ASN C 88 -9.45 -2.38 16.41
C ASN C 88 -10.65 -2.29 15.49
N TYR C 89 -10.68 -1.29 14.59
CA TYR C 89 -11.79 -1.14 13.66
C TYR C 89 -11.72 -2.13 12.50
N THR C 90 -10.54 -2.65 12.18
CA THR C 90 -10.36 -3.42 10.94
C THR C 90 -11.34 -4.57 10.74
N PRO C 91 -11.70 -5.37 11.75
CA PRO C 91 -12.67 -6.46 11.46
C PRO C 91 -14.00 -5.97 10.92
N ALA C 92 -14.60 -4.94 11.55
CA ALA C 92 -15.87 -4.42 11.04
C ALA C 92 -15.71 -3.66 9.74
N ILE C 93 -14.55 -3.03 9.53
CA ILE C 93 -14.27 -2.40 8.25
C ILE C 93 -14.16 -3.45 7.15
N ALA C 94 -13.59 -4.62 7.48
CA ALA C 94 -13.49 -5.69 6.49
C ALA C 94 -14.86 -6.25 6.14
N GLU C 95 -15.72 -6.48 7.13
CA GLU C 95 -17.08 -6.90 6.84
C GLU C 95 -17.84 -5.81 6.08
N SER C 96 -17.59 -4.54 6.42
CA SER C 96 -18.23 -3.45 5.70
C SER C 96 -17.84 -3.46 4.23
N GLN C 97 -16.59 -3.81 3.93
CA GLN C 97 -16.11 -3.80 2.54
C GLN C 97 -16.88 -4.81 1.70
N ILE C 98 -17.00 -6.04 2.17
CA ILE C 98 -17.65 -7.08 1.38
C ILE C 98 -19.16 -6.87 1.36
N SER C 99 -19.76 -6.53 2.51
CA SER C 99 -21.20 -6.37 2.60
C SER C 99 -21.68 -5.01 2.11
N ARG C 100 -20.77 -4.10 1.76
CA ARG C 100 -21.09 -2.76 1.28
C ARG C 100 -21.94 -2.01 2.30
N ILE C 101 -21.29 -1.66 3.40
CA ILE C 101 -21.89 -0.91 4.50
C ILE C 101 -21.27 0.49 4.50
N PRO C 102 -22.07 1.55 4.42
CA PRO C 102 -21.48 2.92 4.34
C PRO C 102 -21.01 3.42 5.70
N LEU C 103 -19.97 2.77 6.22
CA LEU C 103 -19.39 3.10 7.51
C LEU C 103 -18.37 4.22 7.35
N ILE C 104 -18.51 5.27 8.15
CA ILE C 104 -17.66 6.45 8.07
C ILE C 104 -16.66 6.37 9.22
N VAL C 105 -15.40 6.09 8.90
CA VAL C 105 -14.36 5.87 9.90
C VAL C 105 -13.57 7.17 10.07
N LEU C 106 -13.54 7.68 11.30
CA LEU C 106 -12.80 8.90 11.63
C LEU C 106 -11.75 8.56 12.69
N THR C 107 -10.48 8.67 12.30
CA THR C 107 -9.36 8.50 13.22
C THR C 107 -8.72 9.86 13.47
N SER C 108 -8.54 10.21 14.75
CA SER C 108 -7.85 11.44 15.10
C SER C 108 -6.35 11.18 15.19
N ASP C 109 -5.57 12.21 14.86
CA ASP C 109 -4.14 12.05 14.68
C ASP C 109 -3.41 13.24 15.31
N ARG C 110 -2.12 13.07 15.54
CA ARG C 110 -1.27 14.18 15.91
C ARG C 110 -1.10 15.12 14.73
N PRO C 111 -0.82 16.40 14.99
CA PRO C 111 -0.63 17.35 13.88
C PRO C 111 0.48 16.90 12.93
N HIS C 112 0.42 17.42 11.71
CA HIS C 112 1.34 17.00 10.66
C HIS C 112 2.79 17.18 11.08
N GLU C 113 3.11 18.29 11.73
CA GLU C 113 4.49 18.59 12.08
C GLU C 113 5.03 17.72 13.21
N LEU C 114 4.16 17.00 13.93
CA LEU C 114 4.57 16.19 15.07
C LEU C 114 4.54 14.69 14.78
N ARG C 115 4.08 14.28 13.60
CA ARG C 115 3.91 12.87 13.33
C ARG C 115 5.25 12.18 13.11
N SER C 116 5.34 10.93 13.58
CA SER C 116 6.56 10.14 13.40
C SER C 116 6.28 8.67 13.70
N VAL C 117 6.26 7.84 12.65
CA VAL C 117 6.03 6.41 12.86
C VAL C 117 7.13 5.84 13.73
N GLY C 118 6.74 5.15 14.80
CA GLY C 118 7.68 4.57 15.74
C GLY C 118 7.74 5.31 17.06
N ALA C 119 7.16 6.49 17.15
CA ALA C 119 7.07 7.20 18.41
C ALA C 119 6.00 6.54 19.29
N PRO C 120 5.92 6.89 20.58
CA PRO C 120 4.90 6.28 21.44
C PRO C 120 3.49 6.58 20.94
N GLN C 121 2.70 5.51 20.78
CA GLN C 121 1.33 5.56 20.26
C GLN C 121 1.27 6.09 18.82
N ALA C 122 2.37 5.99 18.08
CA ALA C 122 2.46 6.57 16.75
C ALA C 122 2.64 5.48 15.70
N ILE C 123 1.52 4.99 15.18
CA ILE C 123 1.52 4.19 13.96
C ILE C 123 1.15 5.11 12.81
N ASN C 124 1.43 4.67 11.58
CA ASN C 124 1.01 5.42 10.42
C ASN C 124 -0.47 5.17 10.19
N GLN C 125 -1.28 6.22 10.32
CA GLN C 125 -2.71 6.11 10.14
C GLN C 125 -3.16 6.54 8.75
N VAL C 126 -2.35 7.35 8.05
CA VAL C 126 -2.66 7.76 6.68
C VAL C 126 -2.76 6.51 5.81
N ASN C 127 -3.94 6.32 5.21
CA ASN C 127 -4.22 5.20 4.30
C ASN C 127 -4.04 3.85 4.98
N MET C 128 -4.16 3.79 6.31
CA MET C 128 -3.98 2.54 7.04
C MET C 128 -5.05 1.52 6.70
N PHE C 129 -6.21 1.95 6.18
CA PHE C 129 -7.27 1.05 5.75
C PHE C 129 -7.32 0.91 4.24
N ASN C 130 -6.21 1.19 3.54
CA ASN C 130 -6.20 1.14 2.08
C ASN C 130 -6.64 -0.22 1.55
N ASN C 131 -6.43 -1.28 2.33
CA ASN C 131 -6.81 -2.63 1.89
C ASN C 131 -8.32 -2.82 1.81
N TYR C 132 -9.12 -1.89 2.34
CA TYR C 132 -10.55 -2.12 2.47
C TYR C 132 -11.42 -0.98 1.95
N VAL C 133 -10.97 0.26 2.09
CA VAL C 133 -11.82 1.41 1.80
C VAL C 133 -11.62 1.84 0.35
N SER C 134 -12.61 2.57 -0.16
CA SER C 134 -12.56 3.16 -1.49
C SER C 134 -12.29 4.66 -1.45
N TYR C 135 -12.44 5.29 -0.29
CA TYR C 135 -12.13 6.70 -0.10
C TYR C 135 -11.30 6.83 1.17
N GLU C 136 -10.23 7.62 1.10
CA GLU C 136 -9.38 7.90 2.24
C GLU C 136 -8.74 9.26 2.05
N PHE C 137 -8.76 10.10 3.08
CA PHE C 137 -8.24 11.45 2.97
C PHE C 137 -7.61 11.87 4.29
N ASP C 138 -6.52 12.62 4.21
CA ASP C 138 -5.82 13.16 5.37
C ASP C 138 -6.16 14.65 5.46
N MET C 139 -6.90 15.03 6.48
CA MET C 139 -7.43 16.38 6.57
C MET C 139 -6.30 17.38 6.79
N PRO C 140 -6.38 18.57 6.19
CA PRO C 140 -5.42 19.62 6.54
C PRO C 140 -5.58 20.05 7.99
N ILE C 141 -4.52 20.59 8.57
CA ILE C 141 -4.60 21.14 9.90
C ILE C 141 -5.43 22.41 9.87
N ALA C 142 -6.14 22.68 10.96
CA ALA C 142 -7.05 23.82 11.01
C ALA C 142 -6.27 25.12 11.00
N ASP C 143 -6.72 26.08 10.20
CA ASP C 143 -6.21 27.44 10.22
C ASP C 143 -7.34 28.38 9.82
N ASP C 144 -7.03 29.67 9.74
CA ASP C 144 -8.06 30.68 9.51
C ASP C 144 -8.47 30.81 8.05
N SER C 145 -7.72 30.20 7.13
CA SER C 145 -7.94 30.44 5.70
C SER C 145 -9.29 29.87 5.24
N LYS C 146 -9.80 30.45 4.16
CA LYS C 146 -11.05 29.97 3.59
C LYS C 146 -10.87 28.66 2.84
N GLU C 147 -9.67 28.40 2.29
CA GLU C 147 -9.46 27.20 1.50
C GLU C 147 -9.55 25.93 2.35
N THR C 148 -9.02 25.98 3.57
CA THR C 148 -9.01 24.78 4.40
C THR C 148 -10.38 24.44 4.95
N ILE C 149 -11.29 25.41 5.06
CA ILE C 149 -12.67 25.09 5.39
C ILE C 149 -13.38 24.49 4.18
N ASN C 150 -13.17 25.07 3.00
CA ASN C 150 -13.82 24.55 1.79
C ASN C 150 -13.40 23.12 1.49
N ALA C 151 -12.26 22.68 2.02
CA ALA C 151 -11.87 21.27 1.89
C ALA C 151 -12.95 20.35 2.44
N ILE C 152 -13.61 20.76 3.51
CA ILE C 152 -14.70 19.95 4.06
C ILE C 152 -15.81 19.80 3.02
N TYR C 153 -16.27 20.91 2.45
CA TYR C 153 -17.30 20.84 1.42
C TYR C 153 -16.81 20.07 0.20
N TYR C 154 -15.56 20.29 -0.20
CA TYR C 154 -14.99 19.63 -1.36
C TYR C 154 -14.94 18.12 -1.16
N GLN C 155 -14.40 17.69 -0.02
CA GLN C 155 -14.16 16.27 0.22
C GLN C 155 -15.43 15.52 0.58
N MET C 156 -16.34 16.16 1.32
CA MET C 156 -17.61 15.50 1.63
C MET C 156 -18.44 15.28 0.38
N GLN C 157 -18.36 16.18 -0.59
CA GLN C 157 -19.06 15.99 -1.85
C GLN C 157 -18.51 14.77 -2.60
N ILE C 158 -17.19 14.60 -2.60
CA ILE C 158 -16.60 13.39 -3.18
C ILE C 158 -16.99 12.16 -2.36
N ALA C 159 -16.88 12.25 -1.04
CA ALA C 159 -17.15 11.10 -0.20
C ALA C 159 -18.61 10.65 -0.29
N SER C 160 -19.52 11.58 -0.62
CA SER C 160 -20.94 11.28 -0.59
C SER C 160 -21.32 10.21 -1.61
N GLN C 161 -20.54 10.04 -2.67
CA GLN C 161 -20.85 9.00 -3.66
C GLN C 161 -20.62 7.59 -3.12
N TYR C 162 -19.99 7.44 -1.96
CA TYR C 162 -19.78 6.14 -1.36
C TYR C 162 -20.73 5.84 -0.21
N LEU C 163 -21.68 6.75 0.08
CA LEU C 163 -22.61 6.55 1.18
C LEU C 163 -23.96 5.99 0.74
N TYR C 164 -24.32 6.14 -0.53
CA TYR C 164 -25.57 5.60 -1.06
C TYR C 164 -25.31 5.02 -2.46
N GLY C 165 -26.21 4.14 -2.87
CA GLY C 165 -26.14 3.58 -4.21
C GLY C 165 -25.14 2.45 -4.33
N PRO C 166 -24.77 2.12 -5.57
CA PRO C 166 -23.92 0.94 -5.80
C PRO C 166 -22.48 1.09 -5.36
N HIS C 167 -21.96 2.31 -5.21
CA HIS C 167 -20.59 2.52 -4.77
C HIS C 167 -20.47 2.54 -3.26
N LYS C 168 -21.51 2.13 -2.54
CA LYS C 168 -21.54 2.28 -1.09
C LYS C 168 -20.55 1.33 -0.42
N GLY C 169 -19.85 1.83 0.59
CA GLY C 169 -18.83 1.10 1.29
C GLY C 169 -18.10 1.95 2.30
N PRO C 170 -17.16 1.36 3.04
CA PRO C 170 -16.50 2.11 4.12
C PRO C 170 -15.57 3.19 3.59
N ILE C 171 -15.51 4.32 4.31
CA ILE C 171 -14.63 5.43 3.98
C ILE C 171 -13.86 5.83 5.23
N HIS C 172 -12.75 6.53 5.01
CA HIS C 172 -11.81 6.86 6.08
C HIS C 172 -11.42 8.33 5.99
N PHE C 173 -11.65 9.07 7.09
CA PHE C 173 -11.10 10.39 7.29
C PHE C 173 -10.07 10.32 8.42
N ASN C 174 -8.85 10.76 8.16
CA ASN C 174 -7.83 10.91 9.19
C ASN C 174 -7.73 12.39 9.55
N LEU C 175 -7.80 12.70 10.85
CA LEU C 175 -8.01 14.06 11.32
C LEU C 175 -6.93 14.49 12.32
N PRO C 176 -5.89 15.18 11.87
CA PRO C 176 -4.89 15.71 12.81
C PRO C 176 -5.42 16.92 13.58
N PHE C 177 -5.14 16.94 14.89
CA PHE C 177 -5.62 18.00 15.76
C PHE C 177 -4.47 18.52 16.63
N ARG C 178 -4.33 19.84 16.69
CA ARG C 178 -3.24 20.50 17.41
C ARG C 178 -3.72 20.99 18.77
N ASP C 179 -2.85 20.90 19.77
CA ASP C 179 -3.17 21.38 21.11
C ASP C 179 -3.17 22.91 21.14
N PRO C 180 -4.02 23.53 21.97
CA PRO C 180 -5.03 22.94 22.87
C PRO C 180 -6.24 22.39 22.11
N LEU C 181 -6.86 21.34 22.64
CA LEU C 181 -7.82 20.55 21.89
C LEU C 181 -9.28 20.94 22.13
N THR C 182 -9.58 21.66 23.19
CA THR C 182 -10.98 21.87 23.50
C THR C 182 -11.53 23.06 22.71
N PRO C 183 -12.63 22.89 21.96
CA PRO C 183 -13.12 23.98 21.13
C PRO C 183 -14.06 24.92 21.88
N ASP C 184 -14.52 25.98 21.19
CA ASP C 184 -15.37 27.01 21.79
C ASP C 184 -16.83 26.55 21.67
N LEU C 185 -17.39 26.09 22.78
CA LEU C 185 -18.74 25.53 22.80
C LEU C 185 -19.84 26.58 22.68
N ASN C 186 -19.49 27.87 22.62
CA ASN C 186 -20.48 28.91 22.44
C ASN C 186 -20.81 29.18 20.98
N ALA C 187 -19.99 28.68 20.04
CA ALA C 187 -20.23 28.94 18.63
C ALA C 187 -21.26 27.99 18.05
N THR C 188 -22.44 27.93 18.67
CA THR C 188 -23.50 27.04 18.20
C THR C 188 -24.03 27.44 16.84
N GLU C 189 -23.78 28.67 16.39
CA GLU C 189 -24.24 29.10 15.08
C GLU C 189 -23.58 28.30 13.96
N LEU C 190 -22.46 27.65 14.24
CA LEU C 190 -21.76 26.80 13.28
C LEU C 190 -22.21 25.34 13.35
N LEU C 191 -23.21 25.02 14.16
CA LEU C 191 -23.75 23.67 14.28
C LEU C 191 -25.09 23.63 13.53
N THR C 192 -25.01 23.54 12.21
CA THR C 192 -26.17 23.63 11.34
C THR C 192 -26.75 22.26 11.01
N SER C 193 -27.99 22.26 10.52
CA SER C 193 -28.74 21.05 10.23
C SER C 193 -29.35 21.11 8.82
N GLU C 194 -28.59 21.59 7.84
CA GLU C 194 -29.06 21.60 6.47
C GLU C 194 -29.12 20.17 5.92
N MET C 195 -29.79 20.01 4.79
CA MET C 195 -29.99 18.70 4.18
C MET C 195 -29.71 18.78 2.69
N LYS C 196 -28.71 18.05 2.23
CA LYS C 196 -28.34 18.07 0.82
C LYS C 196 -29.34 17.27 -0.01
N ILE C 197 -29.41 17.61 -1.29
CA ILE C 197 -30.24 16.88 -2.25
C ILE C 197 -29.42 15.71 -2.77
N LEU C 198 -29.93 14.49 -2.57
CA LEU C 198 -29.05 13.43 -3.03
C LEU C 198 -29.47 12.94 -4.41
N PRO C 199 -28.50 12.66 -5.28
CA PRO C 199 -28.85 12.12 -6.61
C PRO C 199 -29.50 10.76 -6.49
N HIS C 200 -30.54 10.54 -7.31
CA HIS C 200 -31.22 9.25 -7.39
C HIS C 200 -31.42 8.91 -8.85
N TYR C 201 -31.06 7.69 -9.23
CA TYR C 201 -31.07 7.26 -10.62
C TYR C 201 -32.06 6.11 -10.80
N GLN C 202 -32.37 5.84 -12.08
CA GLN C 202 -33.14 4.69 -12.49
C GLN C 202 -32.48 4.12 -13.74
N LYS C 203 -32.33 2.80 -13.78
CA LYS C 203 -31.62 2.12 -14.84
C LYS C 203 -32.57 1.25 -15.66
N SER C 204 -32.15 0.96 -16.88
CA SER C 204 -32.86 0.06 -17.77
C SER C 204 -31.87 -0.58 -18.72
N ILE C 205 -32.24 -1.74 -19.26
CA ILE C 205 -31.42 -2.42 -20.24
C ILE C 205 -32.27 -2.79 -21.44
N ASP C 206 -31.63 -2.91 -22.60
CA ASP C 206 -32.25 -3.47 -23.78
C ASP C 206 -32.01 -4.98 -23.77
N ALA C 207 -33.09 -5.76 -23.71
CA ALA C 207 -32.99 -7.20 -23.58
C ALA C 207 -33.29 -7.93 -24.89
N SER C 208 -33.15 -7.25 -26.02
CA SER C 208 -33.52 -7.86 -27.30
C SER C 208 -32.70 -9.12 -27.56
N ALA C 209 -31.38 -9.03 -27.43
CA ALA C 209 -30.51 -10.18 -27.66
C ALA C 209 -30.66 -11.26 -26.60
N LEU C 210 -31.45 -11.01 -25.55
CA LEU C 210 -31.66 -11.96 -24.46
C LEU C 210 -33.01 -12.65 -24.54
N ARG C 211 -33.94 -12.16 -25.36
CA ARG C 211 -35.28 -12.74 -25.42
C ARG C 211 -35.27 -14.18 -25.89
N HIS C 212 -34.29 -14.55 -26.74
CA HIS C 212 -34.22 -15.93 -27.20
C HIS C 212 -33.81 -16.89 -26.09
N ILE C 213 -33.15 -16.40 -25.05
CA ILE C 213 -32.87 -17.23 -23.88
C ILE C 213 -34.07 -17.23 -22.93
N LEU C 214 -34.54 -16.04 -22.55
CA LEU C 214 -35.62 -15.89 -21.58
C LEU C 214 -36.92 -16.53 -22.05
N ASN C 215 -37.07 -16.85 -23.33
CA ASN C 215 -38.28 -17.49 -23.83
C ASN C 215 -38.18 -19.02 -23.79
N LYS C 216 -37.04 -19.57 -23.42
CA LYS C 216 -36.95 -21.00 -23.19
C LYS C 216 -37.76 -21.39 -21.95
N LYS C 217 -38.16 -22.66 -21.90
CA LYS C 217 -39.17 -23.08 -20.95
C LYS C 217 -38.60 -23.26 -19.54
N LYS C 218 -37.51 -24.03 -19.40
CA LYS C 218 -36.99 -24.40 -18.08
C LYS C 218 -36.07 -23.30 -17.56
N GLY C 219 -36.67 -22.21 -17.11
CA GLY C 219 -35.95 -21.09 -16.54
C GLY C 219 -36.09 -21.07 -15.03
N LEU C 220 -35.04 -20.58 -14.36
CA LEU C 220 -35.01 -20.50 -12.91
C LEU C 220 -34.52 -19.13 -12.46
N ILE C 221 -35.17 -18.56 -11.46
CA ILE C 221 -34.72 -17.34 -10.81
C ILE C 221 -34.14 -17.71 -9.46
N ILE C 222 -32.88 -17.32 -9.22
CA ILE C 222 -32.18 -17.63 -7.98
C ILE C 222 -31.81 -16.30 -7.32
N VAL C 223 -32.33 -16.06 -6.12
CA VAL C 223 -32.15 -14.81 -5.40
C VAL C 223 -31.39 -15.11 -4.12
N GLY C 224 -30.25 -14.45 -3.95
CA GLY C 224 -29.40 -14.63 -2.78
C GLY C 224 -29.60 -13.51 -1.78
N ASP C 225 -28.50 -13.10 -1.15
CA ASP C 225 -28.54 -12.02 -0.16
C ASP C 225 -29.10 -10.76 -0.80
N MET C 226 -30.22 -10.26 -0.23
CA MET C 226 -30.88 -9.06 -0.73
C MET C 226 -31.34 -8.16 0.42
N GLN C 227 -30.68 -8.24 1.57
CA GLN C 227 -30.99 -7.35 2.67
C GLN C 227 -30.91 -5.90 2.20
N HIS C 228 -31.87 -5.08 2.66
CA HIS C 228 -31.87 -3.64 2.41
C HIS C 228 -32.02 -3.31 0.92
N GLN C 229 -32.61 -4.21 0.14
CA GLN C 229 -32.93 -3.98 -1.26
C GLN C 229 -34.39 -4.29 -1.50
N GLU C 230 -34.93 -3.76 -2.59
CA GLU C 230 -36.32 -3.99 -2.95
C GLU C 230 -36.42 -5.20 -3.88
N VAL C 231 -37.44 -6.04 -3.65
CA VAL C 231 -37.54 -7.32 -4.34
C VAL C 231 -38.94 -7.52 -4.93
N ASP C 232 -39.77 -6.47 -4.89
CA ASP C 232 -41.18 -6.63 -5.24
C ASP C 232 -41.37 -7.02 -6.70
N GLN C 233 -40.58 -6.41 -7.60
CA GLN C 233 -40.76 -6.71 -9.02
C GLN C 233 -40.29 -8.10 -9.39
N ILE C 234 -39.46 -8.73 -8.56
CA ILE C 234 -39.09 -10.13 -8.79
C ILE C 234 -40.33 -11.01 -8.71
N LEU C 235 -41.23 -10.72 -7.77
CA LEU C 235 -42.47 -11.47 -7.64
C LEU C 235 -43.41 -11.20 -8.80
N THR C 236 -43.43 -9.96 -9.31
CA THR C 236 -44.31 -9.62 -10.41
C THR C 236 -43.89 -10.33 -11.69
N TYR C 237 -42.60 -10.31 -11.99
CA TYR C 237 -42.09 -11.02 -13.17
C TYR C 237 -42.37 -12.52 -13.05
N SER C 238 -42.22 -13.09 -11.85
CA SER C 238 -42.43 -14.52 -11.70
C SER C 238 -43.89 -14.90 -11.91
N THR C 239 -44.82 -14.02 -11.51
CA THR C 239 -46.24 -14.32 -11.67
C THR C 239 -46.66 -14.24 -13.13
N ILE C 240 -46.19 -13.22 -13.86
CA ILE C 240 -46.59 -13.05 -15.25
C ILE C 240 -46.01 -14.16 -16.12
N TYR C 241 -44.79 -14.61 -15.82
CA TYR C 241 -44.06 -15.49 -16.72
C TYR C 241 -43.90 -16.91 -16.18
N ASP C 242 -44.53 -17.23 -15.04
CA ASP C 242 -44.60 -18.59 -14.52
C ASP C 242 -43.21 -19.16 -14.23
N LEU C 243 -42.36 -18.35 -13.61
CA LEU C 243 -40.99 -18.74 -13.34
C LEU C 243 -40.80 -19.07 -11.87
N PRO C 244 -40.28 -20.26 -11.55
CA PRO C 244 -40.00 -20.58 -10.14
C PRO C 244 -38.89 -19.71 -9.58
N ILE C 245 -39.01 -19.40 -8.29
CA ILE C 245 -38.03 -18.58 -7.58
C ILE C 245 -37.43 -19.43 -6.45
N LEU C 246 -36.14 -19.71 -6.55
CA LEU C 246 -35.38 -20.28 -5.44
C LEU C 246 -34.89 -19.13 -4.58
N ALA C 247 -35.45 -18.98 -3.38
CA ALA C 247 -35.29 -17.77 -2.57
C ALA C 247 -34.50 -18.08 -1.30
N ASP C 248 -33.32 -17.45 -1.19
CA ASP C 248 -32.53 -17.50 0.02
C ASP C 248 -33.31 -16.92 1.19
N PRO C 249 -32.97 -17.29 2.43
CA PRO C 249 -33.61 -16.63 3.57
C PRO C 249 -33.36 -15.12 3.60
N LEU C 250 -32.16 -14.68 3.23
CA LEU C 250 -31.85 -13.26 3.22
C LEU C 250 -32.34 -12.56 1.96
N SER C 251 -33.15 -13.23 1.14
CA SER C 251 -33.75 -12.61 -0.04
C SER C 251 -34.98 -11.77 0.30
N HIS C 252 -35.51 -11.89 1.52
CA HIS C 252 -36.75 -11.28 1.96
C HIS C 252 -37.97 -11.75 1.18
N LEU C 253 -37.85 -12.86 0.43
CA LEU C 253 -38.92 -13.29 -0.47
C LEU C 253 -39.78 -14.40 0.10
N ARG C 254 -39.31 -15.13 1.12
CA ARG C 254 -40.10 -16.23 1.66
C ARG C 254 -41.28 -15.77 2.50
N LYS C 255 -41.27 -14.52 2.97
CA LYS C 255 -42.33 -14.04 3.84
C LYS C 255 -43.63 -13.76 3.10
N PHE C 256 -43.59 -13.62 1.78
CA PHE C 256 -44.79 -13.26 1.01
C PHE C 256 -45.70 -14.45 0.75
N ASP C 257 -45.24 -15.68 1.00
CA ASP C 257 -46.00 -16.88 0.69
C ASP C 257 -46.44 -16.92 -0.78
N HIS C 258 -45.49 -16.59 -1.65
CA HIS C 258 -45.77 -16.58 -3.09
C HIS C 258 -45.82 -18.00 -3.62
N PRO C 259 -46.84 -18.35 -4.41
CA PRO C 259 -46.97 -19.75 -4.88
C PRO C 259 -45.86 -20.21 -5.81
N ASN C 260 -44.96 -19.31 -6.23
CA ASN C 260 -43.84 -19.67 -7.08
C ASN C 260 -42.50 -19.67 -6.34
N VAL C 261 -42.49 -19.35 -5.06
CA VAL C 261 -41.25 -19.32 -4.30
C VAL C 261 -40.92 -20.72 -3.81
N ILE C 262 -39.71 -21.18 -4.11
CA ILE C 262 -39.22 -22.49 -3.68
C ILE C 262 -38.25 -22.26 -2.52
N CYS C 263 -38.61 -22.76 -1.34
CA CYS C 263 -37.78 -22.60 -0.14
C CYS C 263 -36.95 -23.83 0.18
N THR C 264 -37.39 -25.01 -0.25
CA THR C 264 -36.78 -26.28 0.13
C THR C 264 -35.71 -26.74 -0.86
N TYR C 265 -35.13 -25.82 -1.62
CA TYR C 265 -34.21 -26.22 -2.68
C TYR C 265 -32.93 -26.84 -2.14
N ASP C 266 -32.45 -26.39 -0.98
CA ASP C 266 -31.21 -26.95 -0.44
C ASP C 266 -31.40 -28.41 -0.02
N LEU C 267 -32.57 -28.75 0.51
CA LEU C 267 -32.83 -30.14 0.88
C LEU C 267 -33.08 -30.99 -0.35
N LEU C 268 -33.77 -30.43 -1.36
CA LEU C 268 -34.01 -31.16 -2.60
C LEU C 268 -32.70 -31.47 -3.31
N PHE C 269 -31.81 -30.49 -3.43
CA PHE C 269 -30.54 -30.72 -4.10
C PHE C 269 -29.65 -31.67 -3.30
N ARG C 270 -29.65 -31.53 -1.97
CA ARG C 270 -28.89 -32.44 -1.11
C ARG C 270 -29.33 -33.87 -1.29
N SER C 271 -30.63 -34.09 -1.50
CA SER C 271 -31.21 -35.42 -1.61
C SER C 271 -31.18 -35.95 -3.04
N GLY C 272 -30.54 -35.25 -3.96
CA GLY C 272 -30.30 -35.78 -5.29
C GLY C 272 -31.17 -35.26 -6.41
N LEU C 273 -31.81 -34.09 -6.25
CA LEU C 273 -32.56 -33.51 -7.35
C LEU C 273 -31.62 -33.20 -8.51
N ASP C 274 -32.03 -33.57 -9.72
CA ASP C 274 -31.18 -33.40 -10.89
C ASP C 274 -32.09 -33.12 -12.09
N LEU C 275 -32.16 -31.86 -12.49
CA LEU C 275 -33.02 -31.43 -13.58
C LEU C 275 -32.21 -30.61 -14.58
N ASN C 276 -32.51 -30.80 -15.87
CA ASN C 276 -31.94 -29.96 -16.90
C ASN C 276 -32.73 -28.64 -16.95
N VAL C 277 -32.04 -27.53 -16.78
CA VAL C 277 -32.66 -26.21 -16.81
C VAL C 277 -32.02 -25.38 -17.92
N ASP C 278 -32.84 -24.56 -18.58
CA ASP C 278 -32.39 -23.81 -19.75
C ASP C 278 -31.57 -22.58 -19.36
N PHE C 279 -32.03 -21.82 -18.36
CA PHE C 279 -31.30 -20.63 -17.93
C PHE C 279 -31.58 -20.37 -16.45
N VAL C 280 -30.66 -19.65 -15.83
CA VAL C 280 -30.80 -19.20 -14.45
C VAL C 280 -30.49 -17.72 -14.37
N ILE C 281 -31.28 -16.99 -13.59
CA ILE C 281 -31.07 -15.57 -13.32
C ILE C 281 -30.61 -15.46 -11.87
N ARG C 282 -29.31 -15.30 -11.68
CA ARG C 282 -28.73 -15.12 -10.34
C ARG C 282 -28.81 -13.65 -9.97
N VAL C 283 -29.60 -13.32 -8.95
CA VAL C 283 -29.78 -11.94 -8.52
C VAL C 283 -29.27 -11.80 -7.09
N GLY C 284 -28.49 -10.76 -6.84
CA GLY C 284 -27.97 -10.48 -5.52
C GLY C 284 -26.65 -11.19 -5.25
N LYS C 285 -26.28 -11.16 -3.97
CA LYS C 285 -25.08 -11.83 -3.50
C LYS C 285 -25.33 -13.33 -3.42
N PRO C 286 -24.28 -14.15 -3.34
CA PRO C 286 -24.46 -15.60 -3.42
C PRO C 286 -25.38 -16.16 -2.35
N VAL C 287 -26.01 -17.29 -2.67
CA VAL C 287 -26.90 -17.96 -1.72
C VAL C 287 -26.07 -18.72 -0.69
N ILE C 288 -26.73 -19.10 0.41
CA ILE C 288 -26.06 -19.85 1.46
C ILE C 288 -25.81 -21.29 1.04
N SER C 289 -26.73 -21.87 0.28
CA SER C 289 -26.70 -23.31 -0.01
C SER C 289 -25.39 -23.71 -0.66
N LYS C 290 -24.62 -24.56 0.03
CA LYS C 290 -23.40 -25.09 -0.55
C LYS C 290 -23.71 -25.94 -1.77
N LYS C 291 -24.75 -26.78 -1.69
CA LYS C 291 -25.05 -27.71 -2.77
C LYS C 291 -25.55 -26.98 -4.02
N LEU C 292 -26.36 -25.92 -3.84
CA LEU C 292 -26.84 -25.19 -5.00
C LEU C 292 -25.70 -24.44 -5.69
N ASN C 293 -24.80 -23.83 -4.92
CA ASN C 293 -23.64 -23.16 -5.50
C ASN C 293 -22.78 -24.14 -6.29
N GLN C 294 -22.66 -25.38 -5.80
CA GLN C 294 -21.90 -26.39 -6.54
C GLN C 294 -22.63 -26.82 -7.80
N TRP C 295 -23.97 -26.73 -7.80
CA TRP C 295 -24.71 -27.07 -9.00
C TRP C 295 -24.51 -26.04 -10.10
N LEU C 296 -24.31 -24.77 -9.72
CA LEU C 296 -24.07 -23.74 -10.73
C LEU C 296 -22.75 -23.96 -11.46
N LYS C 297 -21.79 -24.61 -10.80
CA LYS C 297 -20.51 -24.95 -11.42
C LYS C 297 -20.58 -26.24 -12.23
N LYS C 298 -21.77 -26.79 -12.45
CA LYS C 298 -21.91 -28.05 -13.19
C LYS C 298 -22.94 -27.93 -14.30
N THR C 299 -23.94 -27.05 -14.11
CA THR C 299 -24.99 -26.92 -15.09
C THR C 299 -24.47 -26.28 -16.38
N ASP C 300 -25.16 -26.57 -17.48
CA ASP C 300 -24.90 -25.94 -18.77
C ASP C 300 -25.89 -24.85 -19.11
N ALA C 301 -26.72 -24.45 -18.14
CA ALA C 301 -27.70 -23.41 -18.36
C ALA C 301 -27.04 -22.06 -18.63
N PHE C 302 -27.74 -21.22 -19.39
CA PHE C 302 -27.31 -19.85 -19.60
C PHE C 302 -27.43 -19.08 -18.29
N GLN C 303 -26.33 -18.46 -17.86
CA GLN C 303 -26.26 -17.83 -16.54
C GLN C 303 -26.23 -16.32 -16.71
N ILE C 304 -27.19 -15.63 -16.07
CA ILE C 304 -27.26 -14.18 -16.01
C ILE C 304 -27.15 -13.74 -14.56
N LEU C 305 -26.21 -12.87 -14.26
CA LEU C 305 -26.01 -12.35 -12.91
C LEU C 305 -26.47 -10.90 -12.82
N VAL C 306 -27.24 -10.59 -11.78
CA VAL C 306 -27.78 -9.26 -11.54
C VAL C 306 -27.39 -8.84 -10.13
N GLN C 307 -26.67 -7.74 -10.01
CA GLN C 307 -26.19 -7.26 -8.72
C GLN C 307 -26.22 -5.74 -8.71
N ASN C 308 -26.70 -5.17 -7.60
CA ASN C 308 -26.84 -3.72 -7.48
C ASN C 308 -25.66 -3.10 -6.73
N ASN C 309 -24.44 -3.40 -7.17
CA ASN C 309 -23.26 -2.80 -6.56
C ASN C 309 -22.13 -2.78 -7.59
N ASP C 310 -21.13 -1.95 -7.31
CA ASP C 310 -19.91 -1.97 -8.10
C ASP C 310 -19.01 -3.11 -7.62
N LYS C 311 -17.84 -3.23 -8.25
CA LYS C 311 -16.84 -4.24 -7.88
C LYS C 311 -17.48 -5.61 -7.71
N ILE C 312 -18.20 -6.03 -8.74
CA ILE C 312 -18.97 -7.27 -8.67
C ILE C 312 -18.03 -8.47 -8.60
N ASP C 313 -18.39 -9.44 -7.76
CA ASP C 313 -17.75 -10.75 -7.75
C ASP C 313 -18.75 -11.79 -8.21
N VAL C 314 -18.26 -12.79 -8.95
CA VAL C 314 -19.13 -13.70 -9.67
C VAL C 314 -19.15 -15.09 -9.05
N PHE C 315 -18.93 -15.16 -7.74
CA PHE C 315 -19.01 -16.45 -7.05
C PHE C 315 -20.39 -17.07 -7.29
N PRO C 316 -20.47 -18.38 -7.55
CA PRO C 316 -19.40 -19.38 -7.57
C PRO C 316 -18.72 -19.60 -8.93
N ILE C 317 -19.21 -18.96 -9.99
CA ILE C 317 -18.67 -19.21 -11.32
C ILE C 317 -19.04 -18.04 -12.22
N ALA C 318 -18.17 -17.74 -13.17
CA ALA C 318 -18.43 -16.66 -14.12
C ALA C 318 -19.71 -16.93 -14.89
N PRO C 319 -20.64 -15.98 -14.93
CA PRO C 319 -21.86 -16.15 -15.72
C PRO C 319 -21.60 -15.76 -17.17
N ASP C 320 -22.66 -15.86 -17.99
CA ASP C 320 -22.53 -15.44 -19.38
C ASP C 320 -22.55 -13.92 -19.52
N ILE C 321 -23.16 -13.22 -18.57
CA ILE C 321 -23.23 -11.76 -18.60
C ILE C 321 -23.54 -11.28 -17.18
N SER C 322 -22.91 -10.17 -16.80
CA SER C 322 -23.07 -9.58 -15.47
C SER C 322 -23.62 -8.17 -15.60
N TYR C 323 -24.77 -7.92 -14.99
CA TYR C 323 -25.45 -6.62 -15.06
C TYR C 323 -25.35 -5.92 -13.71
N GLU C 324 -24.81 -4.70 -13.71
CA GLU C 324 -24.79 -3.86 -12.52
C GLU C 324 -26.06 -3.01 -12.53
N ILE C 325 -27.11 -3.51 -11.88
CA ILE C 325 -28.42 -2.87 -11.92
C ILE C 325 -29.24 -3.42 -10.76
N SER C 326 -30.19 -2.61 -10.29
CA SER C 326 -31.09 -3.04 -9.25
C SER C 326 -32.05 -4.12 -9.76
N ALA C 327 -32.43 -5.03 -8.87
CA ALA C 327 -33.34 -6.11 -9.26
C ALA C 327 -34.65 -5.56 -9.80
N ASN C 328 -35.17 -4.49 -9.20
CA ASN C 328 -36.43 -3.94 -9.67
C ASN C 328 -36.29 -3.33 -11.06
N ASP C 329 -35.18 -2.64 -11.33
CA ASP C 329 -35.00 -2.05 -12.65
C ASP C 329 -34.73 -3.13 -13.69
N PHE C 330 -33.97 -4.16 -13.33
CA PHE C 330 -33.70 -5.25 -14.27
C PHE C 330 -35.00 -5.90 -14.74
N PHE C 331 -35.81 -6.40 -13.79
CA PHE C 331 -37.01 -7.11 -14.17
C PHE C 331 -38.08 -6.21 -14.79
N ARG C 332 -38.00 -4.90 -14.57
CA ARG C 332 -38.93 -4.00 -15.26
C ARG C 332 -38.57 -3.85 -16.74
N SER C 333 -37.28 -3.94 -17.09
CA SER C 333 -36.89 -3.94 -18.49
C SER C 333 -37.28 -5.22 -19.20
N LEU C 334 -37.60 -6.27 -18.45
CA LEU C 334 -37.84 -7.59 -19.00
C LEU C 334 -39.31 -7.87 -19.29
N MET C 335 -40.21 -6.97 -18.90
CA MET C 335 -41.64 -7.20 -19.05
C MET C 335 -42.07 -6.82 -20.46
N GLU C 336 -42.52 -7.81 -21.23
CA GLU C 336 -42.93 -7.61 -22.61
C GLU C 336 -43.79 -8.80 -23.02
N ASP C 337 -44.95 -8.52 -23.60
CA ASP C 337 -45.92 -9.55 -23.93
C ASP C 337 -45.30 -10.65 -24.77
N THR C 338 -45.38 -11.89 -24.27
CA THR C 338 -44.86 -13.05 -24.97
C THR C 338 -45.79 -14.22 -24.75
N THR C 339 -45.73 -15.18 -25.68
CA THR C 339 -46.56 -16.37 -25.65
C THR C 339 -45.72 -17.60 -25.39
N ILE C 340 -45.16 -17.68 -24.18
CA ILE C 340 -44.36 -18.80 -23.74
C ILE C 340 -45.14 -19.52 -22.63
N ASN C 341 -45.45 -20.78 -22.87
CA ASN C 341 -46.14 -21.62 -21.90
C ASN C 341 -45.12 -22.48 -21.17
N ARG C 342 -44.99 -22.27 -19.86
CA ARG C 342 -44.13 -23.11 -19.03
C ARG C 342 -44.87 -23.55 -17.77
N VAL C 343 -46.19 -23.73 -17.87
CA VAL C 343 -46.98 -24.17 -16.73
C VAL C 343 -46.53 -25.54 -16.25
N SER C 344 -46.13 -26.41 -17.18
CA SER C 344 -45.65 -27.73 -16.81
C SER C 344 -44.38 -27.63 -15.96
N TRP C 345 -43.44 -26.77 -16.38
CA TRP C 345 -42.20 -26.58 -15.64
C TRP C 345 -42.49 -26.02 -14.24
N LEU C 346 -43.38 -25.03 -14.14
CA LEU C 346 -43.68 -24.44 -12.83
C LEU C 346 -44.48 -25.38 -11.96
N GLU C 347 -45.36 -26.20 -12.54
CA GLU C 347 -46.16 -27.12 -11.74
C GLU C 347 -45.30 -28.23 -11.15
N LYS C 348 -44.19 -28.58 -11.82
CA LYS C 348 -43.28 -29.56 -11.25
C LYS C 348 -42.63 -29.03 -9.98
N TRP C 349 -42.11 -27.80 -10.02
CA TRP C 349 -41.45 -27.23 -8.85
C TRP C 349 -42.45 -26.96 -7.73
N GLN C 350 -43.64 -26.47 -8.08
CA GLN C 350 -44.68 -26.27 -7.06
C GLN C 350 -45.06 -27.58 -6.38
N CYS C 351 -44.95 -28.70 -7.10
CA CYS C 351 -45.32 -30.00 -6.53
C CYS C 351 -44.23 -30.53 -5.61
N LEU C 352 -42.97 -30.42 -6.04
CA LEU C 352 -41.85 -30.82 -5.19
C LEU C 352 -41.83 -30.01 -3.89
N GLU C 353 -42.06 -28.70 -3.99
CA GLU C 353 -42.06 -27.85 -2.81
C GLU C 353 -43.20 -28.22 -1.86
N LYS C 354 -44.35 -28.63 -2.41
CA LYS C 354 -45.46 -29.07 -1.56
C LYS C 354 -45.06 -30.30 -0.73
N LYS C 355 -44.56 -31.35 -1.39
CA LYS C 355 -44.16 -32.54 -0.65
C LYS C 355 -42.97 -32.28 0.24
N GLY C 356 -42.05 -31.42 -0.18
CA GLY C 356 -40.89 -31.11 0.66
C GLY C 356 -41.26 -30.36 1.92
N ARG C 357 -42.15 -29.37 1.80
CA ARG C 357 -42.65 -28.68 2.98
C ARG C 357 -43.32 -29.64 3.94
N LYS C 358 -44.00 -30.67 3.42
CA LYS C 358 -44.64 -31.65 4.28
C LYS C 358 -43.61 -32.50 5.00
N GLU C 359 -42.58 -32.96 4.28
CA GLU C 359 -41.57 -33.81 4.90
C GLU C 359 -40.79 -33.08 5.98
N ILE C 360 -40.60 -31.76 5.83
CA ILE C 360 -39.94 -30.98 6.88
C ILE C 360 -40.81 -30.95 8.13
N LYS C 361 -42.12 -30.78 7.97
CA LYS C 361 -43.02 -30.76 9.11
C LYS C 361 -43.03 -32.11 9.84
N CYS C 362 -42.85 -33.20 9.10
CA CYS C 362 -42.75 -34.51 9.74
C CYS C 362 -41.43 -34.67 10.49
N TYR C 363 -40.32 -34.23 9.89
CA TYR C 363 -39.06 -34.25 10.62
C TYR C 363 -39.12 -33.40 11.87
N LEU C 364 -39.72 -32.20 11.77
CA LEU C 364 -39.76 -31.29 12.90
C LEU C 364 -40.64 -31.80 14.03
N GLU C 365 -41.54 -32.75 13.76
CA GLU C 365 -42.38 -33.29 14.82
C GLU C 365 -41.64 -34.31 15.67
N GLN C 366 -40.66 -35.01 15.09
CA GLN C 366 -39.90 -36.02 15.80
C GLN C 366 -38.50 -35.57 16.18
N ALA C 367 -38.10 -34.35 15.81
CA ALA C 367 -36.76 -33.87 16.04
C ALA C 367 -36.59 -33.35 17.47
N THR C 368 -35.49 -33.73 18.10
CA THR C 368 -35.16 -33.28 19.45
C THR C 368 -33.82 -32.57 19.52
N ASP C 369 -33.25 -32.20 18.36
CA ASP C 369 -31.89 -31.68 18.28
C ASP C 369 -31.90 -30.16 18.17
N GLU C 370 -30.72 -29.60 17.84
CA GLU C 370 -30.59 -28.16 17.65
C GLU C 370 -31.55 -27.65 16.59
N SER C 371 -31.82 -28.45 15.55
CA SER C 371 -32.74 -28.01 14.51
C SER C 371 -34.16 -27.86 15.03
N ALA C 372 -34.56 -28.69 16.00
CA ALA C 372 -35.87 -28.53 16.60
C ALA C 372 -35.98 -27.20 17.35
N PHE C 373 -34.94 -26.85 18.11
CA PHE C 373 -34.93 -25.56 18.81
C PHE C 373 -35.08 -24.40 17.84
N VAL C 374 -34.40 -24.48 16.68
CA VAL C 374 -34.46 -23.40 15.70
C VAL C 374 -35.85 -23.31 15.09
N GLY C 375 -36.49 -24.45 14.85
CA GLY C 375 -37.84 -24.43 14.32
C GLY C 375 -38.83 -23.79 15.28
N GLU C 376 -38.65 -24.05 16.58
CA GLU C 376 -39.57 -23.49 17.57
C GLU C 376 -39.41 -21.98 17.67
N LEU C 377 -38.17 -21.48 17.61
CA LEU C 377 -37.98 -20.04 17.61
C LEU C 377 -38.61 -19.39 16.39
N ILE C 378 -38.56 -20.07 15.24
CA ILE C 378 -39.24 -19.58 14.05
C ILE C 378 -40.74 -19.48 14.31
N LYS C 379 -41.31 -20.49 14.97
CA LYS C 379 -42.74 -20.46 15.27
C LYS C 379 -43.08 -19.36 16.27
N LYS C 380 -42.20 -19.12 17.24
CA LYS C 380 -42.50 -18.16 18.31
C LYS C 380 -42.36 -16.71 17.88
N THR C 381 -41.63 -16.45 16.79
CA THR C 381 -41.39 -15.08 16.37
C THR C 381 -42.68 -14.47 15.81
N SER C 382 -43.02 -13.28 16.28
CA SER C 382 -44.22 -12.61 15.82
C SER C 382 -44.07 -12.18 14.36
N GLU C 383 -45.19 -12.19 13.64
CA GLU C 383 -45.19 -11.65 12.28
C GLU C 383 -44.80 -10.19 12.29
N LYS C 384 -44.21 -9.74 11.19
CA LYS C 384 -43.66 -8.39 11.02
C LYS C 384 -42.50 -8.09 11.95
N ASP C 385 -41.95 -9.11 12.61
CA ASP C 385 -40.76 -8.94 13.44
C ASP C 385 -39.53 -9.37 12.64
N ALA C 386 -38.38 -9.44 13.30
CA ALA C 386 -37.13 -9.75 12.62
C ALA C 386 -36.25 -10.62 13.49
N LEU C 387 -35.46 -11.47 12.84
CA LEU C 387 -34.43 -12.27 13.48
C LEU C 387 -33.07 -11.86 12.94
N PHE C 388 -32.10 -11.70 13.83
CA PHE C 388 -30.69 -11.63 13.43
C PHE C 388 -30.06 -13.00 13.67
N ILE C 389 -29.59 -13.62 12.59
CA ILE C 389 -29.02 -14.96 12.63
C ILE C 389 -27.51 -14.85 12.53
N SER C 390 -26.81 -15.43 13.49
CA SER C 390 -25.35 -15.47 13.43
C SER C 390 -24.90 -16.44 12.34
N ASN C 391 -23.58 -16.46 12.11
CA ASN C 391 -22.99 -17.33 11.10
C ASN C 391 -22.86 -18.74 11.67
N SER C 392 -22.07 -19.59 11.00
CA SER C 392 -21.99 -21.02 11.30
C SER C 392 -23.32 -21.71 11.02
N MET C 393 -23.72 -22.65 11.88
CA MET C 393 -24.90 -23.47 11.62
C MET C 393 -26.25 -22.77 11.74
N PRO C 394 -26.43 -21.79 12.65
CA PRO C 394 -27.74 -21.11 12.72
C PRO C 394 -28.26 -20.61 11.38
N ILE C 395 -27.39 -20.01 10.56
CA ILE C 395 -27.85 -19.50 9.27
C ILE C 395 -28.17 -20.64 8.31
N ARG C 396 -27.52 -21.80 8.48
CA ARG C 396 -27.83 -22.95 7.63
C ARG C 396 -29.11 -23.63 8.06
N ASP C 397 -29.42 -23.62 9.36
CA ASP C 397 -30.69 -24.19 9.83
C ASP C 397 -31.86 -23.33 9.39
N VAL C 398 -31.68 -22.01 9.39
CA VAL C 398 -32.72 -21.11 8.91
C VAL C 398 -33.02 -21.39 7.44
N ASP C 399 -32.00 -21.63 6.64
CA ASP C 399 -32.19 -21.95 5.23
C ASP C 399 -33.10 -23.16 5.06
N ASN C 400 -32.86 -24.23 5.83
CA ASN C 400 -33.66 -25.44 5.69
C ASN C 400 -35.02 -25.35 6.36
N LEU C 401 -35.23 -24.41 7.28
CA LEU C 401 -36.40 -24.45 8.16
C LEU C 401 -37.36 -23.28 8.00
N LEU C 402 -36.93 -22.14 7.47
CA LEU C 402 -37.82 -21.00 7.32
C LEU C 402 -38.61 -21.14 6.03
N LEU C 403 -39.94 -21.21 6.14
CA LEU C 403 -40.76 -21.53 4.99
C LEU C 403 -41.65 -20.36 4.56
N ASN C 404 -42.73 -20.09 5.31
CA ASN C 404 -43.69 -19.08 4.89
C ASN C 404 -44.03 -18.07 5.99
N LYS C 405 -43.25 -18.00 7.06
CA LYS C 405 -43.50 -17.00 8.10
C LYS C 405 -43.22 -15.60 7.58
N ASN C 406 -44.12 -14.66 7.88
CA ASN C 406 -43.97 -13.27 7.46
C ASN C 406 -43.06 -12.55 8.45
N ILE C 407 -41.75 -12.83 8.34
CA ILE C 407 -40.74 -12.18 9.15
C ILE C 407 -39.53 -11.86 8.27
N ASP C 408 -38.64 -11.01 8.79
CA ASP C 408 -37.38 -10.67 8.14
C ASP C 408 -36.24 -11.34 8.88
N VAL C 409 -35.20 -11.71 8.14
CA VAL C 409 -33.97 -12.22 8.73
C VAL C 409 -32.79 -11.40 8.22
N TYR C 410 -31.83 -11.15 9.11
CA TYR C 410 -30.64 -10.38 8.79
C TYR C 410 -29.42 -11.14 9.28
N ALA C 411 -28.26 -10.78 8.72
CA ALA C 411 -27.03 -11.49 9.04
C ALA C 411 -25.85 -10.67 8.55
N ASN C 412 -24.67 -11.01 9.06
CA ASN C 412 -23.41 -10.48 8.55
C ASN C 412 -22.80 -11.51 7.59
N ARG C 413 -23.46 -11.67 6.44
CA ARG C 413 -23.04 -12.66 5.45
C ARG C 413 -22.07 -12.10 4.42
N GLY C 414 -21.19 -11.19 4.82
CA GLY C 414 -20.18 -10.66 3.92
C GLY C 414 -18.87 -11.38 4.09
N ALA C 415 -18.16 -11.10 5.18
CA ALA C 415 -16.95 -11.84 5.49
C ALA C 415 -17.22 -13.15 6.24
N ASN C 416 -18.47 -13.39 6.63
CA ASN C 416 -18.90 -14.63 7.28
C ASN C 416 -18.14 -14.89 8.58
N GLY C 417 -17.70 -13.83 9.25
CA GLY C 417 -17.01 -14.01 10.51
C GLY C 417 -17.96 -14.26 11.67
N ILE C 418 -17.43 -14.93 12.70
CA ILE C 418 -18.17 -15.14 13.94
C ILE C 418 -17.93 -14.03 14.95
N ASP C 419 -17.28 -12.95 14.53
CA ASP C 419 -17.02 -11.81 15.40
C ASP C 419 -18.06 -10.70 15.17
N GLY C 420 -18.33 -9.94 16.23
CA GLY C 420 -19.20 -8.77 16.13
C GLY C 420 -20.70 -9.02 16.03
N ILE C 421 -21.13 -10.28 16.15
CA ILE C 421 -22.54 -10.59 15.94
C ILE C 421 -23.41 -9.92 17.00
N VAL C 422 -22.99 -9.95 18.26
CA VAL C 422 -23.77 -9.31 19.32
C VAL C 422 -23.90 -7.82 19.07
N SER C 423 -22.79 -7.15 18.80
CA SER C 423 -22.82 -5.70 18.58
C SER C 423 -23.65 -5.34 17.36
N THR C 424 -23.56 -6.13 16.29
CA THR C 424 -24.33 -5.82 15.09
C THR C 424 -25.82 -6.01 15.34
N ALA C 425 -26.20 -7.04 16.08
CA ALA C 425 -27.61 -7.26 16.39
C ALA C 425 -28.16 -6.14 17.27
N LEU C 426 -27.39 -5.74 18.29
CA LEU C 426 -27.84 -4.68 19.20
C LEU C 426 -28.05 -3.37 18.46
N GLY C 427 -27.16 -3.04 17.53
CA GLY C 427 -27.34 -1.84 16.74
C GLY C 427 -28.61 -1.86 15.92
N MET C 428 -28.98 -3.03 15.40
CA MET C 428 -30.23 -3.14 14.66
C MET C 428 -31.44 -3.02 15.59
N ALA C 429 -31.33 -3.52 16.83
CA ALA C 429 -32.43 -3.45 17.78
C ALA C 429 -32.74 -2.02 18.19
N VAL C 430 -31.79 -1.10 18.07
CA VAL C 430 -32.05 0.31 18.35
C VAL C 430 -33.20 0.81 17.50
N HIS C 431 -33.32 0.32 16.26
CA HIS C 431 -34.31 0.79 15.31
C HIS C 431 -35.38 -0.24 14.97
N LYS C 432 -35.13 -1.54 15.19
CA LYS C 432 -36.05 -2.59 14.78
C LYS C 432 -36.38 -3.50 15.95
N ARG C 433 -37.47 -4.24 15.80
CA ARG C 433 -37.85 -5.28 16.76
C ARG C 433 -37.16 -6.57 16.34
N ILE C 434 -36.06 -6.89 17.01
CA ILE C 434 -35.20 -7.99 16.58
C ILE C 434 -34.92 -8.91 17.75
N THR C 435 -34.71 -10.19 17.43
CA THR C 435 -34.28 -11.21 18.39
C THR C 435 -33.07 -11.91 17.77
N LEU C 436 -32.03 -12.11 18.57
CA LEU C 436 -30.76 -12.62 18.09
C LEU C 436 -30.67 -14.13 18.33
N LEU C 437 -30.22 -14.86 17.31
CA LEU C 437 -29.95 -16.29 17.38
C LEU C 437 -28.47 -16.51 17.12
N ILE C 438 -27.76 -17.12 18.07
CA ILE C 438 -26.30 -17.14 18.03
C ILE C 438 -25.79 -18.41 18.69
N GLY C 439 -24.64 -18.89 18.20
CA GLY C 439 -23.93 -19.98 18.84
C GLY C 439 -23.00 -19.49 19.93
N ASP C 440 -22.50 -20.43 20.74
CA ASP C 440 -21.76 -20.05 21.94
C ASP C 440 -20.38 -19.48 21.63
N LEU C 441 -19.76 -19.92 20.53
CA LEU C 441 -18.43 -19.38 20.20
C LEU C 441 -18.52 -17.94 19.73
N SER C 442 -19.49 -17.61 18.86
CA SER C 442 -19.69 -16.21 18.49
C SER C 442 -20.13 -15.38 19.68
N PHE C 443 -20.94 -15.95 20.57
CA PHE C 443 -21.38 -15.23 21.76
C PHE C 443 -20.18 -14.86 22.64
N TYR C 444 -19.25 -15.80 22.84
CA TYR C 444 -18.03 -15.49 23.56
C TYR C 444 -17.20 -14.45 22.80
N HIS C 445 -17.14 -14.56 21.48
CA HIS C 445 -16.30 -13.68 20.69
C HIS C 445 -16.64 -12.22 20.92
N ASP C 446 -17.93 -11.87 20.95
CA ASP C 446 -18.38 -10.49 21.10
C ASP C 446 -19.14 -10.30 22.41
N MET C 447 -18.72 -11.00 23.47
CA MET C 447 -19.32 -10.78 24.77
C MET C 447 -19.26 -9.31 25.18
N ASN C 448 -18.14 -8.64 24.89
CA ASN C 448 -18.00 -7.22 25.19
C ASN C 448 -19.10 -6.37 24.56
N GLY C 449 -19.74 -6.86 23.50
CA GLY C 449 -20.78 -6.07 22.85
C GLY C 449 -22.02 -5.85 23.71
N LEU C 450 -22.25 -6.70 24.70
CA LEU C 450 -23.43 -6.60 25.55
C LEU C 450 -23.44 -5.34 26.40
N LEU C 451 -22.33 -4.61 26.47
CA LEU C 451 -22.30 -3.41 27.30
C LEU C 451 -23.29 -2.36 26.81
N MET C 452 -23.56 -2.32 25.50
CA MET C 452 -24.52 -1.36 24.98
C MET C 452 -25.94 -1.67 25.43
N SER C 453 -26.26 -2.95 25.65
CA SER C 453 -27.55 -3.29 26.22
C SER C 453 -27.65 -2.83 27.67
N LYS C 454 -26.57 -3.00 28.44
CA LYS C 454 -26.59 -2.66 29.85
C LYS C 454 -26.65 -1.16 30.07
N LEU C 455 -25.88 -0.40 29.29
CA LEU C 455 -25.77 1.04 29.55
C LEU C 455 -26.94 1.84 28.98
N ASN C 456 -27.61 1.34 27.94
CA ASN C 456 -28.64 2.12 27.26
C ASN C 456 -29.97 1.38 27.13
N ASN C 457 -30.12 0.23 27.79
CA ASN C 457 -31.38 -0.53 27.82
C ASN C 457 -31.95 -0.70 26.42
N ILE C 458 -31.15 -1.31 25.55
CA ILE C 458 -31.61 -1.70 24.22
C ILE C 458 -32.39 -2.99 24.34
N GLN C 459 -33.63 -2.98 23.84
CA GLN C 459 -34.52 -4.13 23.99
C GLN C 459 -34.17 -5.19 22.96
N MET C 460 -33.63 -6.31 23.43
CA MET C 460 -33.31 -7.41 22.52
C MET C 460 -33.14 -8.68 23.35
N ASN C 461 -33.95 -9.70 23.05
CA ASN C 461 -33.70 -11.02 23.59
C ASN C 461 -32.63 -11.72 22.76
N ILE C 462 -31.98 -12.70 23.39
CA ILE C 462 -30.94 -13.50 22.75
C ILE C 462 -31.28 -14.97 22.96
N VAL C 463 -31.28 -15.73 21.88
CA VAL C 463 -31.50 -17.18 21.94
C VAL C 463 -30.13 -17.82 21.73
N LEU C 464 -29.52 -18.26 22.83
CA LEU C 464 -28.16 -18.79 22.81
C LEU C 464 -28.20 -20.31 22.65
N LEU C 465 -27.67 -20.80 21.54
CA LEU C 465 -27.49 -22.24 21.34
C LEU C 465 -26.11 -22.61 21.85
N ASN C 466 -26.07 -23.43 22.89
CA ASN C 466 -24.81 -23.84 23.51
C ASN C 466 -24.64 -25.35 23.34
N ASN C 467 -23.90 -25.73 22.30
CA ASN C 467 -23.42 -27.09 22.15
C ASN C 467 -21.95 -27.23 22.55
N ASP C 468 -21.40 -26.22 23.22
CA ASP C 468 -20.07 -26.24 23.82
C ASP C 468 -18.97 -26.52 22.79
N GLY C 469 -18.90 -25.66 21.79
CA GLY C 469 -17.84 -25.71 20.82
C GLY C 469 -18.34 -25.37 19.42
N GLY C 470 -17.49 -25.64 18.43
CA GLY C 470 -17.84 -25.42 17.05
C GLY C 470 -18.54 -26.59 16.41
N GLY C 471 -19.87 -26.50 16.28
CA GLY C 471 -20.63 -27.62 15.75
C GLY C 471 -20.49 -27.81 14.25
N ILE C 472 -20.27 -26.73 13.51
CA ILE C 472 -20.21 -26.81 12.05
C ILE C 472 -19.10 -27.74 11.59
N PHE C 473 -18.04 -27.90 12.40
CA PHE C 473 -16.92 -28.74 12.01
C PHE C 473 -17.24 -30.22 12.07
N SER C 474 -18.32 -30.62 12.75
CA SER C 474 -18.73 -32.01 12.74
C SER C 474 -19.07 -32.50 11.33
N TYR C 475 -19.46 -31.60 10.43
CA TYR C 475 -19.84 -31.95 9.07
C TYR C 475 -18.68 -31.87 8.10
N LEU C 476 -17.45 -31.78 8.58
CA LEU C 476 -16.30 -31.68 7.71
C LEU C 476 -15.52 -33.00 7.69
N PRO C 477 -14.76 -33.27 6.64
CA PRO C 477 -14.06 -34.56 6.55
C PRO C 477 -13.03 -34.79 7.65
N GLN C 478 -12.52 -33.73 8.28
CA GLN C 478 -11.50 -33.89 9.32
C GLN C 478 -12.06 -34.56 10.57
N LYS C 479 -13.38 -34.61 10.73
CA LYS C 479 -13.95 -35.36 11.85
C LYS C 479 -13.57 -36.84 11.79
N GLU C 480 -13.35 -37.36 10.59
CA GLU C 480 -13.01 -38.76 10.37
C GLU C 480 -11.54 -38.98 10.06
N SER C 481 -10.92 -38.10 9.27
CA SER C 481 -9.53 -38.26 8.87
C SER C 481 -8.56 -37.67 9.87
N ALA C 482 -9.04 -37.03 10.93
CA ALA C 482 -8.19 -36.51 11.99
C ALA C 482 -8.91 -36.64 13.33
N THR C 483 -9.50 -37.81 13.57
CA THR C 483 -10.29 -38.05 14.79
C THR C 483 -9.48 -37.72 16.05
N ASP C 484 -8.21 -38.10 16.08
CA ASP C 484 -7.40 -37.93 17.28
C ASP C 484 -7.15 -36.46 17.62
N TYR C 485 -7.30 -35.56 16.65
CA TYR C 485 -7.05 -34.14 16.87
C TYR C 485 -8.31 -33.29 16.75
N PHE C 486 -9.47 -33.89 16.52
CA PHE C 486 -10.65 -33.12 16.15
C PHE C 486 -11.10 -32.21 17.29
N GLU C 487 -11.28 -32.76 18.49
CA GLU C 487 -11.83 -31.97 19.58
C GLU C 487 -10.88 -30.87 20.05
N ARG C 488 -9.58 -31.01 19.84
CA ARG C 488 -8.67 -29.96 20.24
C ARG C 488 -8.62 -28.83 19.21
N LEU C 489 -8.59 -29.17 17.92
CA LEU C 489 -8.46 -28.15 16.88
C LEU C 489 -9.81 -27.62 16.40
N PHE C 490 -10.87 -28.42 16.44
CA PHE C 490 -12.13 -28.02 15.85
C PHE C 490 -13.26 -27.94 16.87
N GLY C 491 -13.29 -28.82 17.86
CA GLY C 491 -14.30 -28.75 18.89
C GLY C 491 -14.18 -27.49 19.72
N THR C 492 -13.00 -27.28 20.30
CA THR C 492 -12.67 -26.09 21.09
C THR C 492 -13.75 -25.73 22.11
N PRO C 493 -14.11 -26.63 23.01
CA PRO C 493 -15.13 -26.30 24.02
C PRO C 493 -14.62 -25.25 24.98
N THR C 494 -15.50 -24.34 25.37
CA THR C 494 -15.17 -23.35 26.39
C THR C 494 -15.62 -23.77 27.78
N GLY C 495 -16.74 -24.49 27.88
CA GLY C 495 -17.26 -24.90 29.18
C GLY C 495 -17.72 -23.75 30.05
N LEU C 496 -17.97 -22.59 29.47
CA LEU C 496 -18.25 -21.39 30.26
C LEU C 496 -19.70 -21.44 30.74
N ASP C 497 -19.96 -20.85 31.89
CA ASP C 497 -21.32 -20.75 32.44
C ASP C 497 -21.85 -19.36 32.07
N PHE C 498 -22.66 -19.32 31.01
CA PHE C 498 -23.16 -18.04 30.50
C PHE C 498 -24.27 -17.44 31.36
N GLU C 499 -24.72 -18.15 32.40
CA GLU C 499 -25.60 -17.51 33.37
C GLU C 499 -24.89 -16.35 34.07
N TYR C 500 -23.57 -16.47 34.27
CA TYR C 500 -22.80 -15.37 34.84
C TYR C 500 -22.69 -14.21 33.86
N THR C 501 -22.74 -14.49 32.55
CA THR C 501 -22.71 -13.41 31.57
C THR C 501 -23.98 -12.57 31.63
N ALA C 502 -25.12 -13.23 31.83
CA ALA C 502 -26.38 -12.49 31.93
C ALA C 502 -26.39 -11.57 33.15
N LYS C 503 -25.91 -12.08 34.29
CA LYS C 503 -25.89 -11.26 35.50
C LYS C 503 -24.92 -10.10 35.37
N LEU C 504 -23.79 -10.30 34.67
CA LEU C 504 -22.83 -9.22 34.50
C LEU C 504 -23.43 -8.08 33.69
N TYR C 505 -24.18 -8.39 32.64
CA TYR C 505 -24.75 -7.38 31.75
C TYR C 505 -26.25 -7.21 31.97
N GLN C 506 -26.78 -7.72 33.09
CA GLN C 506 -28.13 -7.43 33.57
C GLN C 506 -29.20 -7.92 32.61
N PHE C 507 -28.94 -9.04 31.93
CA PHE C 507 -29.98 -9.78 31.23
C PHE C 507 -30.64 -10.75 32.20
N ASP C 508 -31.92 -11.03 31.96
CA ASP C 508 -32.52 -12.18 32.62
C ASP C 508 -32.06 -13.45 31.93
N PHE C 509 -32.09 -14.56 32.67
CA PHE C 509 -31.54 -15.81 32.17
C PHE C 509 -32.52 -16.96 32.37
N LYS C 510 -32.65 -17.79 31.34
CA LYS C 510 -33.38 -19.05 31.45
C LYS C 510 -32.65 -20.10 30.63
N ARG C 511 -32.57 -21.31 31.18
CA ARG C 511 -31.87 -22.42 30.53
C ARG C 511 -32.86 -23.55 30.29
N PHE C 512 -32.81 -24.12 29.09
CA PHE C 512 -33.64 -25.25 28.71
C PHE C 512 -32.73 -26.40 28.29
N ASN C 513 -33.11 -27.62 28.69
CA ASN C 513 -32.36 -28.82 28.33
C ASN C 513 -33.15 -29.73 27.40
N SER C 514 -34.28 -29.27 26.88
CA SER C 514 -35.06 -30.04 25.92
C SER C 514 -35.96 -29.10 25.16
N VAL C 515 -36.33 -29.50 23.94
CA VAL C 515 -37.22 -28.68 23.14
C VAL C 515 -38.60 -28.59 23.79
N SER C 516 -38.99 -29.62 24.55
CA SER C 516 -40.32 -29.64 25.17
C SER C 516 -40.51 -28.44 26.09
N GLU C 517 -39.56 -28.21 27.00
CA GLU C 517 -39.67 -27.03 27.85
C GLU C 517 -39.61 -25.76 27.04
N PHE C 518 -38.87 -25.75 25.93
CA PHE C 518 -38.83 -24.59 25.06
C PHE C 518 -40.15 -24.40 24.33
N LYS C 519 -40.84 -25.50 23.99
CA LYS C 519 -42.07 -25.40 23.22
C LYS C 519 -43.17 -24.68 23.99
N ASN C 520 -43.41 -25.05 25.24
CA ASN C 520 -44.48 -24.46 26.03
C ASN C 520 -44.05 -23.21 26.79
N ALA C 521 -42.83 -22.73 26.58
CA ALA C 521 -42.41 -21.46 27.15
C ALA C 521 -42.80 -20.31 26.23
N THR C 522 -42.70 -19.09 26.74
CA THR C 522 -43.06 -17.90 25.99
C THR C 522 -41.95 -16.86 26.11
N LEU C 523 -41.42 -16.44 24.97
CA LEU C 523 -40.51 -15.31 24.94
C LEU C 523 -41.30 -14.04 25.28
N LEU C 524 -40.80 -13.27 26.24
CA LEU C 524 -41.50 -12.09 26.72
C LEU C 524 -40.59 -10.88 26.66
N SER C 525 -41.18 -9.73 26.32
CA SER C 525 -40.46 -8.47 26.23
C SER C 525 -40.48 -7.68 27.53
N GLU C 526 -40.82 -8.32 28.65
CA GLU C 526 -40.80 -7.63 29.94
C GLU C 526 -39.42 -7.06 30.23
N THR C 527 -38.38 -7.82 29.91
CA THR C 527 -37.01 -7.34 29.96
C THR C 527 -36.21 -8.13 28.95
N SER C 528 -35.06 -7.58 28.58
CA SER C 528 -34.13 -8.30 27.71
C SER C 528 -33.60 -9.52 28.46
N THR C 529 -33.80 -10.71 27.90
CA THR C 529 -33.43 -11.94 28.56
C THR C 529 -32.65 -12.84 27.61
N ILE C 530 -31.76 -13.64 28.18
CA ILE C 530 -30.97 -14.61 27.44
C ILE C 530 -31.57 -16.00 27.69
N TYR C 531 -31.97 -16.67 26.63
CA TYR C 531 -32.46 -18.04 26.69
C TYR C 531 -31.36 -18.97 26.16
N GLU C 532 -30.85 -19.84 27.01
CA GLU C 532 -29.76 -20.75 26.64
C GLU C 532 -30.33 -22.15 26.44
N LEU C 533 -30.23 -22.65 25.21
CA LEU C 533 -30.71 -23.97 24.83
C LEU C 533 -29.51 -24.90 24.70
N ILE C 534 -29.51 -26.00 25.44
CA ILE C 534 -28.38 -26.93 25.50
C ILE C 534 -28.59 -28.02 24.45
N THR C 535 -27.60 -28.20 23.58
CA THR C 535 -27.62 -29.22 22.55
C THR C 535 -26.30 -29.97 22.56
N ASN C 536 -26.27 -31.10 21.86
CA ASN C 536 -25.10 -31.98 21.78
C ASN C 536 -24.65 -32.06 20.33
N ARG C 537 -23.36 -31.80 20.09
CA ARG C 537 -22.85 -31.71 18.71
C ARG C 537 -22.91 -33.07 18.01
N GLU C 538 -22.65 -34.15 18.74
CA GLU C 538 -22.77 -35.48 18.13
C GLU C 538 -24.23 -35.80 17.83
N ASP C 539 -25.14 -35.48 18.75
CA ASP C 539 -26.56 -35.70 18.50
C ASP C 539 -27.08 -34.84 17.36
N ASN C 540 -26.61 -33.59 17.28
CA ASN C 540 -27.03 -32.71 16.19
C ASN C 540 -26.61 -33.26 14.84
N PHE C 541 -25.40 -33.82 14.74
CA PHE C 541 -24.93 -34.37 13.48
C PHE C 541 -25.79 -35.54 13.03
N LYS C 542 -26.11 -36.45 13.96
CA LYS C 542 -26.94 -37.60 13.62
C LYS C 542 -28.29 -37.15 13.07
N GLN C 543 -28.96 -36.24 13.79
CA GLN C 543 -30.30 -35.82 13.39
C GLN C 543 -30.27 -34.97 12.12
N HIS C 544 -29.22 -34.16 11.94
CA HIS C 544 -29.11 -33.40 10.70
C HIS C 544 -28.92 -34.32 9.50
N GLN C 545 -28.20 -35.43 9.67
CA GLN C 545 -28.06 -36.40 8.59
C GLN C 545 -29.41 -36.96 8.18
N ILE C 546 -30.28 -37.25 9.15
CA ILE C 546 -31.64 -37.68 8.85
C ILE C 546 -32.34 -36.64 8.00
N LEU C 547 -32.21 -35.37 8.38
CA LEU C 547 -32.94 -34.30 7.71
C LEU C 547 -32.41 -34.06 6.29
N TYR C 548 -31.10 -34.20 6.09
CA TYR C 548 -30.49 -33.89 4.79
C TYR C 548 -30.86 -34.91 3.72
N GLN C 549 -31.43 -36.06 4.08
CA GLN C 549 -31.84 -37.07 3.11
C GLN C 549 -33.32 -37.42 3.23
N LYS C 550 -34.09 -36.57 3.91
CA LYS C 550 -35.52 -36.87 4.08
C LYS C 550 -36.25 -36.87 2.75
N LEU C 551 -35.97 -35.89 1.90
CA LEU C 551 -36.66 -35.75 0.62
C LEU C 551 -36.19 -36.75 -0.43
N SER C 552 -35.21 -37.60 -0.10
CA SER C 552 -34.59 -38.45 -1.10
C SER C 552 -35.57 -39.46 -1.69
N GLU C 553 -36.59 -39.86 -0.92
CA GLU C 553 -37.55 -40.83 -1.42
C GLU C 553 -38.53 -40.19 -2.41
N MET C 554 -39.09 -39.03 -2.04
CA MET C 554 -40.04 -38.36 -2.92
C MET C 554 -39.42 -37.99 -4.26
N ILE C 555 -38.11 -37.69 -4.27
CA ILE C 555 -37.44 -37.34 -5.53
C ILE C 555 -37.51 -38.51 -6.50
N HIS C 556 -37.13 -39.71 -6.04
CA HIS C 556 -37.22 -40.89 -6.91
C HIS C 556 -38.67 -41.27 -7.18
N ASP C 557 -39.57 -40.97 -6.24
CA ASP C 557 -40.98 -41.32 -6.42
C ASP C 557 -41.64 -40.39 -7.45
N THR C 558 -41.38 -39.09 -7.34
CA THR C 558 -41.97 -38.14 -8.29
C THR C 558 -41.41 -38.34 -9.69
N LEU C 559 -40.10 -38.63 -9.79
CA LEU C 559 -39.34 -38.78 -11.04
C LEU C 559 -40.15 -38.94 -12.32
N GLY D 4 2.33 -37.96 -8.32
CA GLY D 4 2.06 -36.55 -8.12
C GLY D 4 0.81 -36.29 -7.30
N ASN D 5 0.81 -36.79 -6.07
CA ASN D 5 -0.35 -36.66 -5.20
C ASN D 5 -0.42 -35.26 -4.60
N HIS D 6 -1.60 -34.65 -4.68
CA HIS D 6 -1.83 -33.39 -3.98
C HIS D 6 -1.61 -33.55 -2.49
N LYS D 7 -1.98 -34.70 -1.92
CA LYS D 7 -1.88 -34.89 -0.48
C LYS D 7 -0.43 -34.92 -0.01
N ALA D 8 0.43 -35.63 -0.75
CA ALA D 8 1.84 -35.70 -0.34
C ALA D 8 2.53 -34.34 -0.50
N ALA D 9 2.19 -33.60 -1.55
CA ALA D 9 2.78 -32.27 -1.74
C ALA D 9 2.36 -31.33 -0.62
N LEU D 10 1.06 -31.29 -0.30
CA LEU D 10 0.59 -30.48 0.81
C LEU D 10 1.27 -30.90 2.12
N THR D 11 1.41 -32.20 2.35
CA THR D 11 2.05 -32.68 3.57
C THR D 11 3.51 -32.27 3.62
N LYS D 12 4.21 -32.34 2.50
CA LYS D 12 5.62 -31.95 2.48
C LYS D 12 5.77 -30.47 2.78
N GLN D 13 4.84 -29.64 2.30
CA GLN D 13 4.97 -28.20 2.47
C GLN D 13 4.78 -27.79 3.93
N VAL D 14 3.70 -28.24 4.56
CA VAL D 14 3.40 -27.76 5.91
C VAL D 14 4.28 -28.43 6.95
N PHE D 15 4.71 -29.67 6.72
CA PHE D 15 5.60 -30.33 7.66
C PHE D 15 7.01 -29.74 7.60
N THR D 16 7.45 -29.32 6.42
CA THR D 16 8.75 -28.65 6.31
C THR D 16 8.69 -27.24 6.89
N PHE D 17 7.56 -26.55 6.69
CA PHE D 17 7.41 -25.19 7.22
C PHE D 17 7.43 -25.19 8.73
N ALA D 18 6.66 -26.10 9.35
CA ALA D 18 6.65 -26.19 10.80
C ALA D 18 8.03 -26.55 11.34
N SER D 19 8.70 -27.51 10.72
CA SER D 19 10.05 -27.87 11.15
C SER D 19 11.01 -26.71 11.00
N GLU D 20 10.90 -25.96 9.90
CA GLU D 20 11.82 -24.85 9.67
C GLU D 20 11.55 -23.70 10.63
N LEU D 21 10.29 -23.50 11.04
CA LEU D 21 10.02 -22.55 12.11
C LEU D 21 10.68 -22.99 13.40
N TYR D 22 10.63 -24.29 13.71
CA TYR D 22 11.34 -24.81 14.89
C TYR D 22 12.83 -24.56 14.78
N ALA D 23 13.40 -24.78 13.59
CA ALA D 23 14.85 -24.66 13.41
C ALA D 23 15.37 -23.27 13.72
N TYR D 24 14.53 -22.24 13.63
CA TYR D 24 14.95 -20.86 13.88
C TYR D 24 14.45 -20.34 15.22
N GLY D 25 13.93 -21.21 16.10
CA GLY D 25 13.69 -20.84 17.48
C GLY D 25 12.24 -20.92 17.95
N VAL D 26 11.28 -21.32 17.12
CA VAL D 26 9.89 -21.37 17.54
C VAL D 26 9.65 -22.61 18.39
N ARG D 27 9.08 -22.43 19.58
CA ARG D 27 8.67 -23.53 20.44
C ARG D 27 7.17 -23.52 20.76
N GLU D 28 6.45 -22.44 20.43
CA GLU D 28 5.06 -22.29 20.81
C GLU D 28 4.28 -21.66 19.67
N VAL D 29 3.03 -22.11 19.52
CA VAL D 29 2.15 -21.59 18.48
C VAL D 29 0.76 -21.40 19.09
N VAL D 30 0.13 -20.27 18.76
CA VAL D 30 -1.23 -19.95 19.19
C VAL D 30 -2.14 -20.10 17.98
N ILE D 31 -3.03 -21.09 18.01
CA ILE D 31 -3.89 -21.39 16.89
C ILE D 31 -5.32 -20.96 17.21
N SER D 32 -5.97 -20.36 16.24
CA SER D 32 -7.38 -20.03 16.30
C SER D 32 -8.16 -20.94 15.35
N PRO D 33 -9.35 -21.40 15.74
CA PRO D 33 -10.03 -22.43 14.96
C PRO D 33 -10.47 -21.94 13.59
N GLY D 34 -10.51 -22.87 12.64
CA GLY D 34 -10.93 -22.58 11.29
C GLY D 34 -10.62 -23.69 10.31
N SER D 35 -11.36 -23.73 9.21
CA SER D 35 -11.26 -24.85 8.28
C SER D 35 -10.13 -24.68 7.26
N ARG D 36 -9.79 -23.44 6.90
CA ARG D 36 -8.73 -23.26 5.91
C ARG D 36 -7.35 -23.50 6.49
N SER D 37 -7.21 -23.46 7.82
CA SER D 37 -5.92 -23.59 8.46
C SER D 37 -5.55 -25.02 8.85
N THR D 38 -6.37 -26.02 8.51
CA THR D 38 -6.12 -27.37 9.01
C THR D 38 -4.81 -27.99 8.53
N PRO D 39 -4.29 -27.73 7.32
CA PRO D 39 -2.99 -28.33 6.97
C PRO D 39 -1.89 -27.96 7.95
N LEU D 40 -1.68 -26.66 8.17
CA LEU D 40 -0.61 -26.22 9.06
C LEU D 40 -0.98 -26.37 10.53
N ALA D 41 -2.27 -26.29 10.87
CA ALA D 41 -2.68 -26.50 12.25
C ALA D 41 -2.33 -27.91 12.70
N LEU D 42 -2.64 -28.91 11.87
CA LEU D 42 -2.31 -30.29 12.21
C LEU D 42 -0.80 -30.51 12.24
N ALA D 43 -0.06 -29.83 11.37
CA ALA D 43 1.41 -29.91 11.42
C ALA D 43 1.93 -29.51 12.79
N PHE D 44 1.46 -28.38 13.33
CA PHE D 44 1.93 -27.93 14.63
C PHE D 44 1.52 -28.91 15.73
N GLU D 45 0.33 -29.49 15.63
CA GLU D 45 -0.10 -30.46 16.63
C GLU D 45 0.71 -31.74 16.54
N ALA D 46 0.95 -32.24 15.32
CA ALA D 46 1.69 -33.48 15.16
C ALA D 46 3.16 -33.31 15.50
N HIS D 47 3.72 -32.12 15.31
CA HIS D 47 5.14 -31.90 15.60
C HIS D 47 5.41 -32.16 17.07
N PRO D 48 6.31 -33.08 17.41
CA PRO D 48 6.48 -33.47 18.82
C PRO D 48 7.05 -32.36 19.69
N ASN D 49 7.80 -31.43 19.13
CA ASN D 49 8.52 -30.43 19.92
C ASN D 49 7.99 -29.01 19.72
N ILE D 50 6.75 -28.86 19.31
CA ILE D 50 6.11 -27.55 19.18
C ILE D 50 4.83 -27.58 19.99
N LYS D 51 4.71 -26.69 20.97
CA LYS D 51 3.54 -26.60 21.81
C LYS D 51 2.49 -25.71 21.16
N THR D 52 1.23 -26.12 21.26
CA THR D 52 0.11 -25.38 20.68
C THR D 52 -0.81 -24.87 21.78
N TRP D 53 -1.34 -23.67 21.58
CA TRP D 53 -2.41 -23.10 22.39
C TRP D 53 -3.60 -22.79 21.50
N ILE D 54 -4.79 -23.21 21.92
CA ILE D 54 -6.01 -23.02 21.13
C ILE D 54 -6.79 -21.86 21.72
N HIS D 55 -6.95 -20.80 20.94
CA HIS D 55 -7.59 -19.57 21.40
C HIS D 55 -8.66 -19.14 20.41
N PRO D 56 -9.93 -19.09 20.81
CA PRO D 56 -10.99 -18.75 19.85
C PRO D 56 -11.15 -17.27 19.53
N ASP D 57 -10.58 -16.36 20.32
CA ASP D 57 -10.63 -14.94 20.02
C ASP D 57 -9.28 -14.52 19.45
N GLU D 58 -9.26 -14.21 18.15
CA GLU D 58 -8.00 -13.90 17.47
C GLU D 58 -7.34 -12.66 18.03
N ARG D 59 -8.12 -11.66 18.45
CA ARG D 59 -7.53 -10.44 19.00
C ARG D 59 -6.78 -10.73 20.30
N SER D 60 -7.37 -11.55 21.16
CA SER D 60 -6.69 -11.91 22.41
C SER D 60 -5.56 -12.88 22.15
N ALA D 61 -5.72 -13.78 21.18
CA ALA D 61 -4.68 -14.75 20.87
C ALA D 61 -3.39 -14.06 20.46
N ALA D 62 -3.48 -13.03 19.62
CA ALA D 62 -2.28 -12.34 19.18
C ALA D 62 -1.59 -11.63 20.34
N PHE D 63 -2.37 -11.04 21.25
CA PHE D 63 -1.79 -10.42 22.43
C PHE D 63 -1.23 -11.48 23.39
N PHE D 64 -1.90 -12.62 23.49
CA PHE D 64 -1.36 -13.74 24.25
C PHE D 64 0.03 -14.11 23.77
N ALA D 65 0.20 -14.21 22.45
CA ALA D 65 1.49 -14.58 21.88
C ALA D 65 2.54 -13.50 22.13
N VAL D 66 2.14 -12.23 22.05
CA VAL D 66 3.03 -11.14 22.45
C VAL D 66 3.51 -11.36 23.88
N GLY D 67 2.62 -11.87 24.75
CA GLY D 67 3.03 -12.17 26.11
C GLY D 67 3.97 -13.35 26.20
N LEU D 68 3.74 -14.39 25.39
CA LEU D 68 4.64 -15.54 25.40
C LEU D 68 6.02 -15.14 24.90
N ILE D 69 6.10 -14.31 23.86
CA ILE D 69 7.40 -13.83 23.39
C ILE D 69 8.09 -13.02 24.48
N LYS D 70 7.35 -12.13 25.14
CA LYS D 70 7.95 -11.33 26.22
C LYS D 70 8.39 -12.21 27.38
N GLY D 71 7.61 -13.24 27.70
CA GLY D 71 7.96 -14.10 28.82
C GLY D 71 9.05 -15.09 28.52
N SER D 72 9.13 -15.56 27.26
CA SER D 72 10.10 -16.57 26.88
C SER D 72 11.26 -16.02 26.06
N GLU D 73 11.15 -14.80 25.55
CA GLU D 73 12.20 -14.17 24.75
C GLU D 73 12.59 -15.04 23.55
N ARG D 74 11.60 -15.70 22.95
CA ARG D 74 11.71 -16.46 21.72
C ARG D 74 10.62 -16.00 20.77
N PRO D 75 10.81 -16.17 19.46
CA PRO D 75 9.71 -15.91 18.52
C PRO D 75 8.59 -16.92 18.71
N VAL D 76 7.36 -16.45 18.53
CA VAL D 76 6.15 -17.25 18.65
C VAL D 76 5.27 -16.96 17.45
N ALA D 77 4.61 -17.98 16.92
CA ALA D 77 3.76 -17.84 15.74
C ALA D 77 2.29 -17.86 16.13
N ILE D 78 1.47 -17.27 15.26
CA ILE D 78 0.02 -17.31 15.40
C ILE D 78 -0.59 -17.75 14.08
N LEU D 79 -1.62 -18.58 14.15
CA LEU D 79 -2.25 -19.16 12.97
C LEU D 79 -3.74 -18.94 13.04
N CYS D 80 -4.32 -18.39 11.97
CA CYS D 80 -5.76 -18.18 11.88
C CYS D 80 -6.24 -18.63 10.50
N THR D 81 -7.55 -18.81 10.39
CA THR D 81 -8.15 -19.16 9.12
C THR D 81 -8.41 -17.89 8.30
N SER D 82 -8.92 -18.06 7.09
CA SER D 82 -9.07 -16.93 6.19
C SER D 82 -10.23 -16.04 6.63
N GLY D 83 -10.13 -14.75 6.29
CA GLY D 83 -11.20 -13.81 6.54
C GLY D 83 -10.96 -12.79 7.64
N THR D 84 -12.02 -12.41 8.36
CA THR D 84 -11.91 -11.43 9.43
C THR D 84 -11.02 -11.92 10.57
N ALA D 85 -10.74 -13.22 10.63
CA ALA D 85 -9.85 -13.74 11.66
C ALA D 85 -8.51 -13.00 11.65
N ALA D 86 -7.94 -12.81 10.46
CA ALA D 86 -6.66 -12.12 10.36
C ALA D 86 -6.79 -10.64 10.74
N ALA D 87 -7.92 -10.01 10.41
CA ALA D 87 -8.10 -8.59 10.75
C ALA D 87 -8.04 -8.36 12.26
N ASN D 88 -8.46 -9.33 13.06
CA ASN D 88 -8.38 -9.18 14.51
C ASN D 88 -6.95 -9.15 15.03
N TYR D 89 -5.96 -9.54 14.23
CA TYR D 89 -4.57 -9.50 14.65
C TYR D 89 -3.98 -8.09 14.61
N THR D 90 -4.62 -7.15 13.91
CA THR D 90 -4.00 -5.85 13.66
C THR D 90 -3.57 -5.11 14.91
N PRO D 91 -4.39 -4.99 15.96
CA PRO D 91 -3.91 -4.23 17.15
C PRO D 91 -2.62 -4.78 17.76
N ALA D 92 -2.51 -6.10 17.90
CA ALA D 92 -1.30 -6.67 18.47
C ALA D 92 -0.11 -6.55 17.51
N ILE D 93 -0.36 -6.61 16.20
CA ILE D 93 0.74 -6.38 15.27
C ILE D 93 1.21 -4.94 15.36
N ALA D 94 0.28 -4.01 15.61
CA ALA D 94 0.65 -2.60 15.75
C ALA D 94 1.54 -2.40 16.97
N GLU D 95 1.15 -2.95 18.13
CA GLU D 95 2.01 -2.87 19.31
C GLU D 95 3.35 -3.54 19.06
N SER D 96 3.36 -4.65 18.31
CA SER D 96 4.62 -5.33 17.99
C SER D 96 5.52 -4.48 17.12
N GLN D 97 4.93 -3.62 16.27
CA GLN D 97 5.76 -2.81 15.38
C GLN D 97 6.55 -1.77 16.17
N ILE D 98 5.94 -1.17 17.18
CA ILE D 98 6.62 -0.13 17.95
C ILE D 98 7.50 -0.73 19.04
N SER D 99 7.02 -1.75 19.75
CA SER D 99 7.79 -2.37 20.81
C SER D 99 8.83 -3.37 20.30
N ARG D 100 8.81 -3.66 19.00
CA ARG D 100 9.77 -4.57 18.35
C ARG D 100 9.66 -5.99 18.92
N ILE D 101 8.48 -6.56 18.77
CA ILE D 101 8.18 -7.91 19.21
C ILE D 101 8.26 -8.82 17.98
N PRO D 102 9.09 -9.87 17.99
CA PRO D 102 9.21 -10.78 16.82
C PRO D 102 8.04 -11.76 16.71
N LEU D 103 6.87 -11.21 16.41
CA LEU D 103 5.64 -11.99 16.28
C LEU D 103 5.50 -12.50 14.85
N ILE D 104 5.28 -13.81 14.70
CA ILE D 104 5.21 -14.46 13.41
C ILE D 104 3.75 -14.69 13.07
N VAL D 105 3.23 -13.92 12.11
CA VAL D 105 1.82 -13.97 11.74
C VAL D 105 1.65 -14.88 10.52
N LEU D 106 0.89 -15.96 10.69
CA LEU D 106 0.57 -16.89 9.62
C LEU D 106 -0.93 -16.84 9.36
N THR D 107 -1.31 -16.43 8.15
CA THR D 107 -2.70 -16.33 7.76
C THR D 107 -3.00 -17.34 6.67
N SER D 108 -3.90 -18.27 6.96
CA SER D 108 -4.36 -19.22 5.95
C SER D 108 -5.22 -18.51 4.93
N ASP D 109 -5.08 -18.91 3.66
CA ASP D 109 -5.75 -18.24 2.57
C ASP D 109 -6.33 -19.27 1.61
N ARG D 110 -7.34 -18.84 0.85
N ARG D 110 -7.33 -18.84 0.85
CA ARG D 110 -7.83 -19.67 -0.22
CA ARG D 110 -7.83 -19.64 -0.25
C ARG D 110 -6.83 -19.67 -1.39
C ARG D 110 -6.80 -19.68 -1.37
N PRO D 111 -6.78 -20.75 -2.18
CA PRO D 111 -5.83 -20.80 -3.28
C PRO D 111 -6.14 -19.75 -4.34
N HIS D 112 -5.19 -19.59 -5.26
CA HIS D 112 -5.28 -18.50 -6.24
C HIS D 112 -6.55 -18.59 -7.08
N GLU D 113 -7.04 -19.79 -7.36
CA GLU D 113 -8.21 -19.93 -8.21
C GLU D 113 -9.46 -19.40 -7.53
N LEU D 114 -9.49 -19.39 -6.20
CA LEU D 114 -10.69 -18.99 -5.47
C LEU D 114 -10.55 -17.65 -4.77
N ARG D 115 -9.37 -17.04 -4.77
CA ARG D 115 -9.21 -15.76 -4.09
C ARG D 115 -9.77 -14.66 -4.98
N SER D 116 -10.71 -13.90 -4.44
CA SER D 116 -11.35 -12.82 -5.17
C SER D 116 -11.93 -11.87 -4.14
N VAL D 117 -11.38 -10.66 -4.07
CA VAL D 117 -11.84 -9.69 -3.07
C VAL D 117 -13.31 -9.37 -3.33
N GLY D 118 -14.15 -9.63 -2.32
CA GLY D 118 -15.57 -9.46 -2.43
C GLY D 118 -16.36 -10.75 -2.42
N ALA D 119 -15.72 -11.88 -2.75
CA ALA D 119 -16.34 -13.19 -2.63
C ALA D 119 -16.61 -13.48 -1.14
N PRO D 120 -17.41 -14.51 -0.84
CA PRO D 120 -17.69 -14.80 0.57
C PRO D 120 -16.42 -15.09 1.36
N GLN D 121 -16.24 -14.36 2.48
CA GLN D 121 -15.11 -14.57 3.40
C GLN D 121 -13.77 -14.31 2.72
N ALA D 122 -13.74 -13.39 1.75
CA ALA D 122 -12.57 -13.17 0.91
C ALA D 122 -12.18 -11.69 0.92
N ILE D 123 -11.36 -11.30 1.89
CA ILE D 123 -10.63 -10.04 1.82
C ILE D 123 -9.27 -10.33 1.23
N ASN D 124 -8.62 -9.28 0.73
CA ASN D 124 -7.25 -9.45 0.24
C ASN D 124 -6.31 -9.62 1.42
N GLN D 125 -5.61 -10.76 1.46
CA GLN D 125 -4.72 -11.04 2.58
C GLN D 125 -3.25 -10.83 2.25
N VAL D 126 -2.88 -10.79 0.97
CA VAL D 126 -1.48 -10.60 0.62
C VAL D 126 -1.10 -9.15 0.90
N ASN D 127 -0.02 -8.97 1.66
CA ASN D 127 0.47 -7.66 2.10
C ASN D 127 -0.57 -6.89 2.93
N MET D 128 -1.50 -7.59 3.60
CA MET D 128 -2.53 -6.88 4.35
C MET D 128 -1.97 -6.17 5.57
N PHE D 129 -0.79 -6.57 6.06
CA PHE D 129 -0.13 -5.88 7.17
C PHE D 129 1.10 -5.10 6.70
N ASN D 130 1.14 -4.71 5.43
CA ASN D 130 2.28 -3.94 4.90
C ASN D 130 2.53 -2.68 5.71
N ASN D 131 1.50 -2.14 6.35
CA ASN D 131 1.60 -0.93 7.15
C ASN D 131 2.36 -1.12 8.46
N TYR D 132 2.70 -2.37 8.83
CA TYR D 132 3.29 -2.66 10.13
C TYR D 132 4.50 -3.58 10.09
N VAL D 133 4.61 -4.50 9.13
CA VAL D 133 5.61 -5.56 9.20
C VAL D 133 6.89 -5.13 8.49
N SER D 134 7.99 -5.81 8.82
CA SER D 134 9.25 -5.63 8.12
C SER D 134 9.49 -6.69 7.04
N TYR D 135 8.73 -7.78 7.07
CA TYR D 135 8.84 -8.85 6.09
C TYR D 135 7.45 -9.42 5.81
N GLU D 136 7.18 -9.71 4.54
CA GLU D 136 5.92 -10.30 4.13
C GLU D 136 6.16 -11.13 2.88
N PHE D 137 5.44 -12.25 2.77
CA PHE D 137 5.64 -13.17 1.65
C PHE D 137 4.37 -13.98 1.45
N ASP D 138 3.94 -14.11 0.19
CA ASP D 138 2.80 -14.93 -0.18
C ASP D 138 3.32 -16.25 -0.72
N MET D 139 3.12 -17.32 0.04
CA MET D 139 3.73 -18.60 -0.29
C MET D 139 3.07 -19.20 -1.55
N PRO D 140 3.81 -20.03 -2.29
CA PRO D 140 3.22 -20.68 -3.45
C PRO D 140 2.32 -21.84 -3.05
N ILE D 141 1.40 -22.18 -3.96
CA ILE D 141 0.58 -23.37 -3.77
C ILE D 141 1.46 -24.60 -3.92
N ALA D 142 1.24 -25.58 -3.06
CA ALA D 142 2.13 -26.75 -3.00
C ALA D 142 2.00 -27.60 -4.24
N ASP D 143 3.14 -28.04 -4.79
CA ASP D 143 3.16 -29.05 -5.84
C ASP D 143 4.41 -29.91 -5.66
N ASP D 144 4.59 -30.87 -6.55
CA ASP D 144 5.66 -31.85 -6.42
C ASP D 144 7.05 -31.28 -6.67
N SER D 145 7.14 -30.07 -7.23
CA SER D 145 8.43 -29.47 -7.52
C SER D 145 9.26 -29.31 -6.25
N LYS D 146 10.56 -29.59 -6.35
CA LYS D 146 11.46 -29.31 -5.25
C LYS D 146 11.52 -27.83 -4.93
N GLU D 147 11.17 -26.97 -5.90
CA GLU D 147 11.25 -25.53 -5.69
C GLU D 147 10.16 -25.02 -4.75
N THR D 148 9.05 -25.75 -4.63
CA THR D 148 8.08 -25.45 -3.58
C THR D 148 8.74 -25.55 -2.21
N ILE D 149 9.51 -26.61 -1.97
CA ILE D 149 10.19 -26.80 -0.70
C ILE D 149 11.38 -25.86 -0.57
N ASN D 150 12.05 -25.56 -1.69
CA ASN D 150 13.20 -24.66 -1.65
C ASN D 150 12.81 -23.24 -1.26
N ALA D 151 11.58 -22.82 -1.59
CA ALA D 151 11.12 -21.50 -1.17
C ALA D 151 11.05 -21.39 0.35
N ILE D 152 10.76 -22.49 1.04
CA ILE D 152 10.70 -22.47 2.49
C ILE D 152 12.08 -22.20 3.07
N TYR D 153 13.08 -22.97 2.62
CA TYR D 153 14.45 -22.76 3.09
C TYR D 153 14.95 -21.36 2.73
N TYR D 154 14.69 -20.93 1.49
CA TYR D 154 15.16 -19.63 1.04
C TYR D 154 14.57 -18.50 1.87
N GLN D 155 13.25 -18.50 2.06
CA GLN D 155 12.58 -17.38 2.72
C GLN D 155 12.73 -17.42 4.23
N MET D 156 12.73 -18.62 4.83
CA MET D 156 12.94 -18.69 6.27
C MET D 156 14.30 -18.17 6.66
N GLN D 157 15.31 -18.35 5.82
CA GLN D 157 16.61 -17.75 6.07
C GLN D 157 16.50 -16.23 6.08
N ILE D 158 15.83 -15.66 5.07
CA ILE D 158 15.67 -14.21 5.02
C ILE D 158 14.84 -13.71 6.19
N ALA D 159 13.77 -14.44 6.54
CA ALA D 159 12.91 -14.01 7.63
C ALA D 159 13.61 -14.07 8.99
N SER D 160 14.68 -14.86 9.11
CA SER D 160 15.35 -15.02 10.39
C SER D 160 15.99 -13.72 10.86
N GLN D 161 16.39 -12.84 9.93
CA GLN D 161 17.05 -11.61 10.35
C GLN D 161 16.09 -10.63 11.00
N TYR D 162 14.79 -10.92 11.01
CA TYR D 162 13.80 -10.09 11.67
C TYR D 162 13.30 -10.72 12.96
N LEU D 163 13.94 -11.78 13.44
CA LEU D 163 13.52 -12.45 14.66
C LEU D 163 14.49 -12.27 15.82
N TYR D 164 15.68 -11.73 15.58
CA TYR D 164 16.65 -11.51 16.62
C TYR D 164 17.41 -10.22 16.33
N GLY D 165 17.96 -9.61 17.38
CA GLY D 165 18.80 -8.46 17.24
C GLY D 165 18.06 -7.19 16.88
N PRO D 166 18.79 -6.19 16.39
CA PRO D 166 18.19 -4.86 16.18
C PRO D 166 17.04 -4.85 15.18
N HIS D 167 17.03 -5.76 14.20
CA HIS D 167 15.98 -5.79 13.20
C HIS D 167 14.73 -6.53 13.65
N LYS D 168 14.59 -6.76 14.95
CA LYS D 168 13.45 -7.51 15.47
C LYS D 168 12.14 -6.78 15.18
N GLY D 169 11.11 -7.55 14.82
CA GLY D 169 9.80 -7.01 14.54
C GLY D 169 8.87 -8.08 14.03
N PRO D 170 7.59 -7.74 13.85
CA PRO D 170 6.63 -8.74 13.38
C PRO D 170 6.78 -9.01 11.89
N ILE D 171 6.50 -10.25 11.50
CA ILE D 171 6.57 -10.70 10.12
C ILE D 171 5.29 -11.46 9.76
N HIS D 172 5.00 -11.52 8.46
CA HIS D 172 3.76 -12.08 7.94
C HIS D 172 4.06 -13.11 6.86
N PHE D 173 3.41 -14.27 6.97
CA PHE D 173 3.38 -15.28 5.91
C PHE D 173 1.93 -15.51 5.53
N ASN D 174 1.62 -15.40 4.24
CA ASN D 174 0.32 -15.79 3.71
C ASN D 174 0.45 -17.14 3.03
N LEU D 175 -0.38 -18.09 3.45
CA LEU D 175 -0.24 -19.48 3.01
C LEU D 175 -1.53 -19.99 2.38
N PRO D 176 -1.64 -19.97 1.05
CA PRO D 176 -2.83 -20.57 0.40
C PRO D 176 -2.79 -22.09 0.46
N PHE D 177 -3.98 -22.68 0.60
CA PHE D 177 -4.14 -24.12 0.73
C PHE D 177 -5.32 -24.56 -0.13
N ARG D 178 -5.14 -25.62 -0.90
CA ARG D 178 -6.15 -26.13 -1.83
C ARG D 178 -6.77 -27.41 -1.29
N ASP D 179 -8.09 -27.52 -1.42
CA ASP D 179 -8.79 -28.73 -0.97
C ASP D 179 -8.32 -29.93 -1.78
N PRO D 180 -8.28 -31.14 -1.16
CA PRO D 180 -8.61 -31.41 0.24
C PRO D 180 -7.46 -31.04 1.18
N LEU D 181 -7.78 -30.78 2.45
CA LEU D 181 -6.90 -30.06 3.34
C LEU D 181 -6.20 -30.93 4.37
N THR D 182 -6.61 -32.19 4.55
CA THR D 182 -6.04 -33.03 5.59
C THR D 182 -4.70 -33.59 5.13
N PRO D 183 -3.60 -33.30 5.83
CA PRO D 183 -2.30 -33.87 5.46
C PRO D 183 -2.17 -35.30 5.97
N ASP D 184 -1.08 -35.95 5.53
CA ASP D 184 -0.76 -37.31 5.93
C ASP D 184 -0.03 -37.30 7.26
N LEU D 185 -0.74 -37.66 8.34
CA LEU D 185 -0.17 -37.67 9.67
C LEU D 185 0.78 -38.84 9.90
N ASN D 186 1.03 -39.65 8.88
CA ASN D 186 2.03 -40.73 8.96
C ASN D 186 3.39 -40.31 8.44
N ALA D 187 3.50 -39.17 7.77
CA ALA D 187 4.77 -38.67 7.30
C ALA D 187 5.56 -38.01 8.43
N THR D 188 5.64 -38.69 9.57
CA THR D 188 6.31 -38.13 10.74
C THR D 188 7.79 -37.83 10.48
N GLU D 189 8.41 -38.51 9.52
CA GLU D 189 9.81 -38.28 9.22
C GLU D 189 10.08 -36.87 8.71
N LEU D 190 9.04 -36.16 8.27
CA LEU D 190 9.19 -34.79 7.82
C LEU D 190 9.04 -33.76 8.93
N LEU D 191 8.75 -34.21 10.17
CA LEU D 191 8.65 -33.32 11.33
C LEU D 191 9.96 -33.42 12.10
N THR D 192 10.94 -32.62 11.69
CA THR D 192 12.29 -32.64 12.24
C THR D 192 12.49 -31.52 13.25
N SER D 193 13.45 -31.73 14.15
CA SER D 193 13.75 -30.75 15.17
C SER D 193 15.22 -30.32 15.13
N GLU D 194 15.69 -29.86 13.98
CA GLU D 194 17.03 -29.32 13.86
C GLU D 194 17.13 -27.98 14.58
N MET D 195 18.34 -27.42 14.65
CA MET D 195 18.57 -26.23 15.48
C MET D 195 19.68 -25.42 14.84
N LYS D 196 19.31 -24.34 14.16
CA LYS D 196 20.28 -23.50 13.46
C LYS D 196 21.07 -22.64 14.44
N ILE D 197 22.34 -22.41 14.11
CA ILE D 197 23.19 -21.49 14.84
C ILE D 197 23.05 -20.11 14.21
N LEU D 198 23.01 -19.08 15.04
CA LEU D 198 22.71 -17.71 14.63
C LEU D 198 23.91 -16.80 14.83
N PRO D 199 23.99 -15.69 14.08
CA PRO D 199 25.16 -14.81 14.21
C PRO D 199 25.12 -14.01 15.49
N HIS D 200 26.30 -13.88 16.12
CA HIS D 200 26.48 -13.11 17.36
C HIS D 200 27.47 -12.00 17.06
N TYR D 201 26.99 -10.76 17.03
CA TYR D 201 27.85 -9.62 16.74
C TYR D 201 28.23 -8.87 18.01
N GLN D 202 29.17 -7.94 17.85
CA GLN D 202 29.54 -6.98 18.88
C GLN D 202 29.93 -5.69 18.19
N LYS D 203 29.47 -4.57 18.73
CA LYS D 203 29.72 -3.26 18.15
C LYS D 203 30.61 -2.44 19.07
N SER D 204 31.12 -1.33 18.54
CA SER D 204 31.96 -0.42 19.32
C SER D 204 32.04 0.91 18.58
N ILE D 205 32.26 1.98 19.36
CA ILE D 205 32.33 3.33 18.82
C ILE D 205 33.61 3.99 19.31
N ASP D 206 33.99 5.08 18.62
CA ASP D 206 35.22 5.80 18.91
C ASP D 206 34.92 6.89 19.93
N ALA D 207 35.29 6.64 21.19
CA ALA D 207 35.05 7.61 22.26
C ALA D 207 35.77 8.93 22.03
N SER D 208 36.67 9.01 21.05
CA SER D 208 37.35 10.26 20.72
C SER D 208 36.41 11.29 20.12
N ALA D 209 35.28 10.85 19.54
CA ALA D 209 34.33 11.78 18.95
C ALA D 209 33.52 12.54 20.00
N LEU D 210 33.42 12.02 21.22
CA LEU D 210 32.60 12.61 22.27
C LEU D 210 33.45 13.16 23.42
N ARG D 211 34.77 13.22 23.25
CA ARG D 211 35.66 13.61 24.33
C ARG D 211 35.32 14.98 24.90
N HIS D 212 35.13 15.97 24.03
CA HIS D 212 34.90 17.34 24.49
C HIS D 212 33.58 17.49 25.25
N ILE D 213 32.63 16.57 25.06
CA ILE D 213 31.36 16.66 25.76
C ILE D 213 31.37 15.87 27.06
N LEU D 214 31.97 14.67 27.05
CA LEU D 214 31.98 13.83 28.23
C LEU D 214 32.92 14.32 29.30
N ASN D 215 33.80 15.28 28.98
CA ASN D 215 34.64 15.93 29.97
C ASN D 215 33.90 16.96 30.81
N LYS D 216 32.70 17.36 30.40
CA LYS D 216 31.95 18.39 31.11
C LYS D 216 31.27 17.79 32.34
N LYS D 217 31.16 18.60 33.39
CA LYS D 217 30.81 18.08 34.71
C LYS D 217 29.34 17.70 34.80
N LYS D 218 28.45 18.57 34.34
CA LYS D 218 27.01 18.44 34.64
C LYS D 218 26.37 17.57 33.56
N GLY D 219 26.60 16.26 33.68
CA GLY D 219 26.10 15.29 32.73
C GLY D 219 25.10 14.35 33.37
N LEU D 220 24.21 13.80 32.54
CA LEU D 220 23.16 12.92 33.02
C LEU D 220 23.00 11.73 32.08
N ILE D 221 22.61 10.60 32.65
CA ILE D 221 22.23 9.41 31.89
C ILE D 221 20.74 9.17 32.13
N ILE D 222 19.95 9.18 31.05
CA ILE D 222 18.52 8.92 31.11
C ILE D 222 18.27 7.55 30.48
N VAL D 223 17.71 6.63 31.25
CA VAL D 223 17.44 5.27 30.80
C VAL D 223 15.92 5.05 30.86
N GLY D 224 15.32 4.82 29.71
CA GLY D 224 13.89 4.61 29.58
C GLY D 224 13.53 3.14 29.47
N ASP D 225 12.61 2.83 28.56
CA ASP D 225 12.18 1.45 28.39
C ASP D 225 13.34 0.58 27.92
N MET D 226 13.57 -0.50 28.66
CA MET D 226 14.76 -1.33 28.47
C MET D 226 14.46 -2.80 28.66
N GLN D 227 13.20 -3.21 28.74
CA GLN D 227 12.88 -4.61 28.99
C GLN D 227 13.44 -5.48 27.87
N HIS D 228 13.92 -6.67 28.25
CA HIS D 228 14.54 -7.63 27.33
C HIS D 228 15.86 -7.09 26.75
N GLN D 229 16.55 -6.25 27.51
CA GLN D 229 17.85 -5.72 27.15
C GLN D 229 18.79 -5.84 28.35
N GLU D 230 20.09 -5.78 28.08
CA GLU D 230 21.11 -5.85 29.11
C GLU D 230 21.54 -4.45 29.52
N VAL D 231 21.65 -4.22 30.83
CA VAL D 231 21.87 -2.88 31.34
C VAL D 231 23.03 -2.84 32.32
N ASP D 232 23.73 -3.96 32.49
CA ASP D 232 24.71 -4.08 33.57
C ASP D 232 25.85 -3.07 33.40
N GLN D 233 26.36 -2.90 32.18
CA GLN D 233 27.46 -1.97 31.98
C GLN D 233 27.06 -0.51 32.17
N ILE D 234 25.76 -0.20 32.21
CA ILE D 234 25.35 1.16 32.57
C ILE D 234 25.74 1.46 34.01
N LEU D 235 25.61 0.48 34.90
CA LEU D 235 25.93 0.70 36.31
C LEU D 235 27.43 0.90 36.53
N THR D 236 28.26 0.06 35.90
CA THR D 236 29.70 0.16 36.13
C THR D 236 30.30 1.40 35.47
N TYR D 237 29.75 1.84 34.33
CA TYR D 237 30.20 3.11 33.76
C TYR D 237 29.84 4.27 34.66
N SER D 238 28.62 4.24 35.23
CA SER D 238 28.19 5.32 36.12
C SER D 238 29.02 5.34 37.39
N THR D 239 29.40 4.17 37.90
CA THR D 239 30.21 4.10 39.11
C THR D 239 31.59 4.72 38.89
N ILE D 240 32.21 4.47 37.73
CA ILE D 240 33.54 4.99 37.49
C ILE D 240 33.52 6.50 37.32
N TYR D 241 32.55 7.02 36.57
CA TYR D 241 32.56 8.41 36.14
C TYR D 241 31.57 9.28 36.91
N ASP D 242 30.98 8.76 37.98
CA ASP D 242 30.18 9.56 38.93
C ASP D 242 29.03 10.28 38.23
N LEU D 243 28.30 9.57 37.37
CA LEU D 243 27.21 10.16 36.62
C LEU D 243 25.87 9.70 37.18
N PRO D 244 24.93 10.62 37.40
CA PRO D 244 23.61 10.20 37.89
C PRO D 244 22.81 9.49 36.80
N ILE D 245 22.07 8.47 37.21
CA ILE D 245 21.25 7.68 36.31
C ILE D 245 19.78 7.96 36.64
N LEU D 246 19.08 8.61 35.73
CA LEU D 246 17.64 8.78 35.85
C LEU D 246 16.99 7.54 35.24
N ALA D 247 16.49 6.65 36.09
CA ALA D 247 16.08 5.31 35.68
C ALA D 247 14.56 5.23 35.64
N ASP D 248 14.04 4.85 34.47
CA ASP D 248 12.65 4.48 34.32
C ASP D 248 12.40 3.15 35.04
N PRO D 249 11.15 2.89 35.46
CA PRO D 249 10.85 1.54 36.00
C PRO D 249 11.07 0.43 34.99
N LEU D 250 10.91 0.71 33.70
CA LEU D 250 11.16 -0.29 32.68
C LEU D 250 12.62 -0.36 32.27
N SER D 251 13.51 0.30 33.02
CA SER D 251 14.94 0.19 32.78
C SER D 251 15.55 -1.01 33.49
N HIS D 252 14.78 -1.69 34.35
CA HIS D 252 15.25 -2.81 35.15
C HIS D 252 16.42 -2.44 36.04
N LEU D 253 16.64 -1.13 36.25
CA LEU D 253 17.80 -0.64 36.99
C LEU D 253 17.45 -0.22 38.41
N ARG D 254 16.18 0.03 38.71
CA ARG D 254 15.81 0.50 40.04
C ARG D 254 16.01 -0.57 41.11
N LYS D 255 15.98 -1.85 40.73
CA LYS D 255 16.03 -2.92 41.72
C LYS D 255 17.42 -3.10 42.32
N PHE D 256 18.47 -2.62 41.66
CA PHE D 256 19.83 -2.83 42.15
C PHE D 256 20.20 -1.93 43.32
N ASP D 257 19.43 -0.88 43.58
CA ASP D 257 19.74 0.09 44.65
C ASP D 257 21.14 0.66 44.48
N HIS D 258 21.53 0.89 43.23
CA HIS D 258 22.82 1.50 42.94
C HIS D 258 22.88 2.91 43.52
N PRO D 259 24.01 3.33 44.07
CA PRO D 259 24.07 4.65 44.72
C PRO D 259 23.86 5.82 43.77
N ASN D 260 23.87 5.62 42.46
CA ASN D 260 23.78 6.70 41.50
C ASN D 260 22.45 6.76 40.75
N VAL D 261 21.54 5.83 41.00
CA VAL D 261 20.27 5.80 40.27
C VAL D 261 19.29 6.76 40.94
N ILE D 262 18.56 7.50 40.12
CA ILE D 262 17.57 8.46 40.57
C ILE D 262 16.19 7.92 40.22
N CYS D 263 15.39 7.59 41.23
CA CYS D 263 14.05 7.07 41.03
C CYS D 263 12.97 8.14 41.07
N THR D 264 13.28 9.33 41.59
CA THR D 264 12.27 10.34 41.90
C THR D 264 12.32 11.54 40.97
N TYR D 265 12.97 11.41 39.80
CA TYR D 265 13.14 12.56 38.92
C TYR D 265 11.80 13.15 38.48
N ASP D 266 10.79 12.31 38.26
CA ASP D 266 9.50 12.83 37.82
C ASP D 266 8.86 13.72 38.88
N LEU D 267 8.88 13.29 40.14
CA LEU D 267 8.35 14.14 41.20
C LEU D 267 9.24 15.37 41.39
N LEU D 268 10.56 15.19 41.32
CA LEU D 268 11.48 16.33 41.39
C LEU D 268 11.13 17.37 40.34
N PHE D 269 10.93 16.93 39.09
CA PHE D 269 10.62 17.85 38.00
C PHE D 269 9.24 18.47 38.18
N ARG D 270 8.25 17.67 38.61
CA ARG D 270 6.93 18.22 38.91
C ARG D 270 7.01 19.24 40.05
N SER D 271 7.94 19.06 40.98
CA SER D 271 8.07 19.92 42.14
C SER D 271 8.98 21.12 41.88
N GLY D 272 9.56 21.24 40.68
CA GLY D 272 10.20 22.46 40.26
C GLY D 272 11.71 22.43 40.10
N LEU D 273 12.34 21.26 40.09
CA LEU D 273 13.79 21.20 39.95
C LEU D 273 14.23 21.82 38.64
N ASP D 274 15.20 22.73 38.73
CA ASP D 274 15.68 23.51 37.58
C ASP D 274 17.21 23.58 37.67
N LEU D 275 17.89 22.57 37.12
CA LEU D 275 19.34 22.48 37.16
C LEU D 275 19.87 22.49 35.73
N ASN D 276 20.79 23.42 35.45
CA ASN D 276 21.45 23.45 34.16
C ASN D 276 22.26 22.17 33.96
N VAL D 277 22.15 21.59 32.77
CA VAL D 277 22.81 20.33 32.44
C VAL D 277 23.71 20.54 31.23
N ASP D 278 24.91 19.99 31.29
CA ASP D 278 25.85 20.12 30.18
C ASP D 278 25.55 19.13 29.05
N PHE D 279 25.20 17.88 29.40
CA PHE D 279 24.88 16.89 28.39
C PHE D 279 24.01 15.81 29.00
N VAL D 280 23.26 15.13 28.13
CA VAL D 280 22.45 13.99 28.53
C VAL D 280 22.71 12.84 27.56
N ILE D 281 22.69 11.63 28.10
CA ILE D 281 22.76 10.40 27.31
C ILE D 281 21.42 9.70 27.44
N ARG D 282 20.63 9.72 26.37
CA ARG D 282 19.34 9.05 26.35
C ARG D 282 19.53 7.62 25.86
N VAL D 283 19.21 6.65 26.71
CA VAL D 283 19.41 5.24 26.41
C VAL D 283 18.05 4.55 26.35
N GLY D 284 17.82 3.80 25.27
CA GLY D 284 16.60 3.01 25.15
C GLY D 284 15.42 3.79 24.59
N LYS D 285 14.24 3.22 24.82
CA LYS D 285 12.99 3.80 24.36
C LYS D 285 12.54 4.91 25.31
N PRO D 286 11.66 5.82 24.85
CA PRO D 286 11.31 6.99 25.66
C PRO D 286 10.74 6.65 27.03
N VAL D 287 11.00 7.53 27.99
CA VAL D 287 10.56 7.35 29.37
C VAL D 287 9.07 7.69 29.49
N ILE D 288 8.46 7.29 30.60
CA ILE D 288 7.06 7.58 30.82
C ILE D 288 6.84 9.04 31.23
N SER D 289 7.80 9.64 31.94
CA SER D 289 7.62 10.97 32.51
C SER D 289 7.36 12.02 31.44
N LYS D 290 6.17 12.61 31.48
CA LYS D 290 5.85 13.72 30.59
C LYS D 290 6.69 14.95 30.90
N LYS D 291 7.08 15.14 32.16
CA LYS D 291 7.85 16.33 32.55
C LYS D 291 9.28 16.25 32.04
N LEU D 292 9.93 15.09 32.19
CA LEU D 292 11.29 14.94 31.70
C LEU D 292 11.36 15.07 30.18
N ASN D 293 10.36 14.53 29.48
CA ASN D 293 10.38 14.64 28.03
C ASN D 293 10.17 16.08 27.58
N GLN D 294 9.34 16.83 28.30
CA GLN D 294 9.18 18.26 28.03
C GLN D 294 10.47 19.02 28.32
N TRP D 295 11.17 18.66 29.40
CA TRP D 295 12.44 19.29 29.72
C TRP D 295 13.47 19.03 28.63
N LEU D 296 13.47 17.81 28.06
CA LEU D 296 14.39 17.50 26.98
C LEU D 296 14.18 18.40 25.77
N LYS D 297 12.95 18.87 25.56
CA LYS D 297 12.63 19.81 24.49
C LYS D 297 12.97 21.25 24.86
N LYS D 298 13.45 21.50 26.09
CA LYS D 298 13.79 22.84 26.55
C LYS D 298 15.26 23.02 26.89
N THR D 299 15.95 21.97 27.34
CA THR D 299 17.34 22.10 27.72
C THR D 299 18.21 22.38 26.50
N ASP D 300 19.32 23.09 26.73
CA ASP D 300 20.32 23.32 25.70
C ASP D 300 21.51 22.36 25.80
N ALA D 301 21.38 21.31 26.60
CA ALA D 301 22.45 20.34 26.77
C ALA D 301 22.68 19.56 25.48
N PHE D 302 23.93 19.15 25.28
CA PHE D 302 24.25 18.21 24.22
C PHE D 302 23.54 16.89 24.48
N GLN D 303 22.94 16.32 23.45
CA GLN D 303 22.08 15.15 23.60
C GLN D 303 22.62 14.01 22.74
N ILE D 304 22.79 12.84 23.38
CA ILE D 304 23.24 11.63 22.71
C ILE D 304 22.17 10.56 22.91
N LEU D 305 21.67 10.01 21.80
CA LEU D 305 20.67 8.96 21.84
C LEU D 305 21.31 7.62 21.47
N VAL D 306 20.98 6.58 22.25
CA VAL D 306 21.53 5.24 22.07
C VAL D 306 20.37 4.26 22.12
N GLN D 307 20.14 3.55 21.02
CA GLN D 307 19.07 2.56 20.93
C GLN D 307 19.61 1.32 20.21
N ASN D 308 19.24 0.14 20.71
CA ASN D 308 19.62 -1.09 20.05
C ASN D 308 18.46 -1.62 19.19
N ASN D 309 18.05 -0.77 18.25
CA ASN D 309 17.05 -1.14 17.28
C ASN D 309 17.29 -0.33 16.01
N ASP D 310 16.85 -0.87 14.88
CA ASP D 310 16.81 -0.12 13.64
C ASP D 310 15.60 0.81 13.67
N LYS D 311 15.39 1.54 12.58
CA LYS D 311 14.27 2.47 12.43
C LYS D 311 14.10 3.32 13.69
N ILE D 312 15.17 4.00 14.05
CA ILE D 312 15.18 4.80 15.27
C ILE D 312 14.24 5.99 15.10
N ASP D 313 13.37 6.21 16.08
CA ASP D 313 12.63 7.45 16.22
C ASP D 313 13.18 8.21 17.42
N VAL D 314 13.18 9.54 17.32
CA VAL D 314 13.94 10.36 18.25
C VAL D 314 13.05 11.18 19.16
N PHE D 315 11.87 10.66 19.48
CA PHE D 315 10.99 11.31 20.45
C PHE D 315 11.74 11.54 21.75
N PRO D 316 11.66 12.74 22.35
CA PRO D 316 10.80 13.86 21.97
C PRO D 316 11.45 14.95 21.12
N ILE D 317 12.76 14.95 20.92
CA ILE D 317 13.43 15.94 20.08
C ILE D 317 14.66 15.33 19.43
N ALA D 318 15.09 15.94 18.33
CA ALA D 318 16.27 15.50 17.63
C ALA D 318 17.50 15.60 18.53
N PRO D 319 18.25 14.52 18.73
CA PRO D 319 19.52 14.63 19.45
C PRO D 319 20.60 15.19 18.55
N ASP D 320 21.69 15.62 19.18
CA ASP D 320 22.86 16.04 18.41
C ASP D 320 23.48 14.87 17.66
N ILE D 321 23.29 13.65 18.15
CA ILE D 321 23.78 12.44 17.49
C ILE D 321 23.05 11.25 18.09
N SER D 322 22.67 10.30 17.23
CA SER D 322 22.06 9.05 17.67
C SER D 322 22.93 7.88 17.25
N TYR D 323 23.05 6.89 18.13
CA TYR D 323 23.81 5.68 17.87
C TYR D 323 22.87 4.48 17.90
N GLU D 324 22.99 3.61 16.90
CA GLU D 324 22.32 2.31 16.92
C GLU D 324 23.31 1.29 17.47
N ILE D 325 23.09 0.85 18.71
CA ILE D 325 24.06 0.03 19.43
C ILE D 325 23.44 -0.44 20.74
N SER D 326 23.88 -1.60 21.23
CA SER D 326 23.46 -2.05 22.55
C SER D 326 24.05 -1.15 23.63
N ALA D 327 23.34 -1.06 24.76
CA ALA D 327 23.81 -0.20 25.85
C ALA D 327 25.16 -0.63 26.38
N ASN D 328 25.34 -1.95 26.60
CA ASN D 328 26.62 -2.45 27.08
C ASN D 328 27.73 -2.12 26.10
N ASP D 329 27.50 -2.31 24.79
CA ASP D 329 28.53 -2.03 23.80
C ASP D 329 28.86 -0.55 23.73
N PHE D 330 27.88 0.32 23.99
CA PHE D 330 28.14 1.75 23.95
C PHE D 330 29.03 2.18 25.11
N PHE D 331 28.65 1.81 26.33
CA PHE D 331 29.37 2.29 27.51
C PHE D 331 30.73 1.62 27.67
N ARG D 332 30.86 0.36 27.26
CA ARG D 332 32.17 -0.28 27.28
C ARG D 332 33.16 0.44 26.36
N SER D 333 32.65 1.17 25.36
CA SER D 333 33.53 1.93 24.48
C SER D 333 34.06 3.17 25.19
N LEU D 334 33.24 3.80 26.03
CA LEU D 334 33.63 5.05 26.68
C LEU D 334 34.51 4.84 27.91
N MET D 335 34.78 3.59 28.28
CA MET D 335 35.50 3.29 29.51
C MET D 335 37.01 3.44 29.37
N GLU D 336 37.51 3.80 28.19
CA GLU D 336 38.95 4.00 28.01
C GLU D 336 39.41 5.38 28.49
N ASP D 337 38.48 6.27 28.81
CA ASP D 337 38.80 7.65 29.14
C ASP D 337 39.09 7.80 30.63
N THR D 338 39.87 8.83 30.95
CA THR D 338 40.20 9.17 32.33
C THR D 338 39.01 9.85 33.00
N THR D 339 38.99 9.77 34.33
CA THR D 339 37.93 10.37 35.11
C THR D 339 38.21 11.85 35.35
N ILE D 340 37.14 12.63 35.49
CA ILE D 340 37.23 14.03 35.88
C ILE D 340 36.51 14.21 37.21
N ASN D 341 36.55 15.42 37.75
CA ASN D 341 35.97 15.72 39.07
C ASN D 341 34.59 16.32 38.87
N ARG D 342 33.56 15.49 39.05
CA ARG D 342 32.17 15.94 39.06
C ARG D 342 31.47 15.44 40.31
N VAL D 343 32.20 15.39 41.43
CA VAL D 343 31.64 14.85 42.67
C VAL D 343 30.53 15.75 43.20
N SER D 344 30.68 17.06 43.05
CA SER D 344 29.63 17.97 43.50
C SER D 344 28.33 17.72 42.76
N TRP D 345 28.41 17.50 41.44
CA TRP D 345 27.23 17.22 40.64
C TRP D 345 26.52 15.97 41.13
N LEU D 346 27.26 14.88 41.33
CA LEU D 346 26.65 13.63 41.79
C LEU D 346 26.09 13.77 43.20
N GLU D 347 26.84 14.42 44.10
CA GLU D 347 26.40 14.55 45.48
C GLU D 347 25.09 15.34 45.58
N LYS D 348 24.92 16.35 44.73
CA LYS D 348 23.67 17.10 44.72
C LYS D 348 22.49 16.19 44.37
N TRP D 349 22.66 15.36 43.34
CA TRP D 349 21.58 14.47 42.92
C TRP D 349 21.36 13.33 43.92
N GLN D 350 22.41 12.94 44.64
CA GLN D 350 22.25 11.87 45.62
C GLN D 350 21.49 12.34 46.86
N CYS D 351 21.67 13.60 47.27
CA CYS D 351 20.93 14.11 48.42
C CYS D 351 19.47 14.33 48.09
N LEU D 352 19.19 14.89 46.91
CA LEU D 352 17.81 15.06 46.47
C LEU D 352 17.08 13.73 46.42
N GLU D 353 17.76 12.68 45.95
CA GLU D 353 17.14 11.36 45.86
C GLU D 353 16.95 10.75 47.25
N LYS D 354 17.95 10.92 48.14
CA LYS D 354 17.80 10.42 49.51
C LYS D 354 16.65 11.12 50.21
N LYS D 355 16.62 12.45 50.15
CA LYS D 355 15.52 13.20 50.74
C LYS D 355 14.20 12.85 50.08
N GLY D 356 14.22 12.54 48.79
CA GLY D 356 12.98 12.24 48.09
C GLY D 356 12.36 10.92 48.51
N ARG D 357 13.19 9.90 48.72
CA ARG D 357 12.66 8.59 49.05
C ARG D 357 11.99 8.58 50.42
N LYS D 358 12.50 9.37 51.37
CA LYS D 358 11.86 9.44 52.68
C LYS D 358 10.52 10.17 52.60
N GLU D 359 10.44 11.22 51.76
CA GLU D 359 9.19 11.94 51.60
C GLU D 359 8.10 11.05 51.00
N ILE D 360 8.47 10.23 50.01
CA ILE D 360 7.51 9.31 49.42
C ILE D 360 7.07 8.27 50.44
N LYS D 361 7.98 7.83 51.30
CA LYS D 361 7.62 6.89 52.35
C LYS D 361 6.54 7.48 53.24
N CYS D 362 6.74 8.71 53.71
CA CYS D 362 5.76 9.37 54.56
C CYS D 362 4.42 9.51 53.86
N TYR D 363 4.43 9.91 52.58
CA TYR D 363 3.18 10.05 51.84
C TYR D 363 2.42 8.73 51.81
N LEU D 364 3.13 7.61 51.63
CA LEU D 364 2.46 6.32 51.57
C LEU D 364 1.86 5.93 52.91
N GLU D 365 2.44 6.40 54.03
CA GLU D 365 1.87 6.08 55.33
C GLU D 365 0.50 6.72 55.52
N GLN D 366 0.28 7.89 54.94
CA GLN D 366 -0.93 8.67 55.21
C GLN D 366 -1.97 8.60 54.10
N ALA D 367 -1.58 8.30 52.87
CA ALA D 367 -2.52 8.31 51.75
C ALA D 367 -3.51 7.16 51.84
N THR D 368 -4.71 7.38 51.29
CA THR D 368 -5.77 6.39 51.30
C THR D 368 -6.41 6.19 49.93
N ASP D 369 -5.80 6.72 48.87
CA ASP D 369 -6.39 6.75 47.54
C ASP D 369 -5.88 5.58 46.69
N GLU D 370 -6.00 5.72 45.37
CA GLU D 370 -5.48 4.70 44.45
C GLU D 370 -3.96 4.57 44.54
N SER D 371 -3.26 5.67 44.78
CA SER D 371 -1.80 5.61 44.86
C SER D 371 -1.34 4.83 46.08
N ALA D 372 -2.11 4.86 47.17
CA ALA D 372 -1.75 4.07 48.34
C ALA D 372 -1.93 2.59 48.08
N PHE D 373 -2.96 2.21 47.32
CA PHE D 373 -3.17 0.82 46.98
C PHE D 373 -1.99 0.26 46.19
N VAL D 374 -1.49 1.01 45.22
CA VAL D 374 -0.38 0.53 44.41
C VAL D 374 0.92 0.58 45.20
N GLY D 375 1.02 1.50 46.17
CA GLY D 375 2.19 1.50 47.04
C GLY D 375 2.27 0.28 47.92
N GLU D 376 1.11 -0.28 48.28
CA GLU D 376 1.09 -1.51 49.07
C GLU D 376 1.40 -2.74 48.21
N LEU D 377 0.81 -2.82 47.02
CA LEU D 377 1.11 -3.93 46.12
C LEU D 377 2.61 -4.04 45.86
N ILE D 378 3.30 -2.89 45.76
CA ILE D 378 4.74 -2.90 45.54
C ILE D 378 5.45 -3.52 46.74
N LYS D 379 5.09 -3.11 47.95
CA LYS D 379 5.68 -3.70 49.14
C LYS D 379 5.23 -5.15 49.32
N LYS D 380 4.01 -5.48 48.90
CA LYS D 380 3.50 -6.84 49.08
C LYS D 380 4.18 -7.85 48.16
N THR D 381 4.72 -7.40 47.04
CA THR D 381 5.23 -8.31 46.03
C THR D 381 6.48 -9.03 46.54
N SER D 382 6.51 -10.35 46.39
CA SER D 382 7.69 -11.12 46.77
C SER D 382 8.89 -10.71 45.93
N GLU D 383 10.07 -10.73 46.56
CA GLU D 383 11.29 -10.36 45.86
C GLU D 383 11.55 -11.33 44.72
N LYS D 384 12.17 -10.81 43.65
CA LYS D 384 12.53 -11.51 42.43
C LYS D 384 11.32 -11.89 41.58
N ASP D 385 10.11 -11.49 41.98
CA ASP D 385 8.93 -11.69 41.16
C ASP D 385 8.66 -10.45 40.31
N ALA D 386 7.65 -10.52 39.46
CA ALA D 386 7.40 -9.46 38.48
C ALA D 386 5.96 -9.00 38.54
N LEU D 387 5.75 -7.78 38.08
CA LEU D 387 4.42 -7.20 37.92
C LEU D 387 4.25 -6.77 36.47
N PHE D 388 3.07 -7.01 35.91
CA PHE D 388 2.69 -6.45 34.63
C PHE D 388 1.78 -5.26 34.89
N ILE D 389 2.24 -4.07 34.51
CA ILE D 389 1.52 -2.83 34.75
C ILE D 389 0.79 -2.44 33.48
N SER D 390 -0.53 -2.29 33.58
CA SER D 390 -1.32 -1.81 32.45
C SER D 390 -1.02 -0.33 32.20
N ASN D 391 -1.46 0.15 31.04
CA ASN D 391 -1.26 1.55 30.69
C ASN D 391 -2.25 2.41 31.48
N SER D 392 -2.29 3.71 31.14
CA SER D 392 -3.04 4.74 31.88
C SER D 392 -2.38 5.01 33.23
N MET D 393 -3.19 5.40 34.23
CA MET D 393 -2.63 5.82 35.52
C MET D 393 -1.71 4.81 36.20
N PRO D 394 -1.95 3.49 36.14
CA PRO D 394 -1.05 2.56 36.86
C PRO D 394 0.43 2.70 36.50
N ILE D 395 0.76 2.91 35.23
CA ILE D 395 2.18 3.03 34.87
C ILE D 395 2.75 4.35 35.37
N ARG D 396 1.91 5.36 35.56
CA ARG D 396 2.38 6.63 36.14
C ARG D 396 2.61 6.49 37.63
N ASP D 397 1.74 5.75 38.33
CA ASP D 397 1.92 5.56 39.76
C ASP D 397 3.13 4.69 40.08
N VAL D 398 3.42 3.71 39.23
CA VAL D 398 4.61 2.89 39.45
C VAL D 398 5.87 3.70 39.22
N ASP D 399 5.85 4.60 38.23
CA ASP D 399 6.97 5.51 38.02
C ASP D 399 7.28 6.32 39.28
N ASN D 400 6.24 6.78 39.98
CA ASN D 400 6.47 7.66 41.13
C ASN D 400 6.78 6.89 42.41
N LEU D 401 6.28 5.66 42.55
CA LEU D 401 6.36 4.95 43.83
C LEU D 401 7.34 3.79 43.85
N LEU D 402 7.71 3.23 42.70
CA LEU D 402 8.68 2.15 42.69
C LEU D 402 10.08 2.69 42.96
N LEU D 403 10.77 2.08 43.93
CA LEU D 403 12.10 2.54 44.30
C LEU D 403 13.11 1.38 44.26
N ASN D 404 13.67 1.03 45.41
CA ASN D 404 14.71 0.01 45.47
C ASN D 404 14.16 -1.40 45.66
N LYS D 405 12.84 -1.57 45.59
CA LYS D 405 12.27 -2.91 45.67
C LYS D 405 12.85 -3.81 44.59
N ASN D 406 13.19 -5.04 44.97
CA ASN D 406 13.84 -5.99 44.08
C ASN D 406 12.78 -6.79 43.33
N ILE D 407 12.19 -6.15 42.32
CA ILE D 407 11.17 -6.76 41.47
C ILE D 407 11.37 -6.24 40.05
N ASP D 408 10.77 -6.95 39.09
CA ASP D 408 10.83 -6.59 37.69
C ASP D 408 9.47 -6.10 37.23
N VAL D 409 9.47 -5.10 36.35
CA VAL D 409 8.24 -4.50 35.83
C VAL D 409 8.22 -4.67 34.31
N TYR D 410 7.05 -5.05 33.79
CA TYR D 410 6.83 -5.21 32.36
C TYR D 410 5.54 -4.51 31.95
N ALA D 411 5.49 -4.04 30.71
CA ALA D 411 4.33 -3.30 30.24
C ALA D 411 4.30 -3.31 28.71
N ASN D 412 3.18 -2.84 28.15
CA ASN D 412 3.01 -2.71 26.70
C ASN D 412 3.13 -1.23 26.35
N ARG D 413 4.37 -0.76 26.24
CA ARG D 413 4.65 0.66 26.09
C ARG D 413 5.08 1.03 24.68
N GLY D 414 4.58 0.34 23.68
CA GLY D 414 4.83 0.75 22.31
C GLY D 414 3.74 1.67 21.81
N ALA D 415 2.60 1.08 21.48
CA ALA D 415 1.41 1.84 21.10
C ALA D 415 0.65 2.41 22.29
N ASN D 416 0.95 1.91 23.50
CA ASN D 416 0.30 2.38 24.74
C ASN D 416 -1.21 2.14 24.71
N GLY D 417 -1.62 1.02 24.13
CA GLY D 417 -3.03 0.70 24.06
C GLY D 417 -3.55 0.12 25.37
N ILE D 418 -4.84 0.38 25.64
CA ILE D 418 -5.51 -0.28 26.75
C ILE D 418 -6.05 -1.65 26.36
N ASP D 419 -5.87 -2.05 25.10
CA ASP D 419 -6.34 -3.33 24.61
C ASP D 419 -5.29 -4.41 24.80
N GLY D 420 -5.75 -5.63 25.08
CA GLY D 420 -4.90 -6.80 25.15
C GLY D 420 -4.03 -6.94 26.38
N ILE D 421 -4.18 -6.06 27.38
CA ILE D 421 -3.30 -6.11 28.56
C ILE D 421 -3.47 -7.43 29.29
N VAL D 422 -4.71 -7.89 29.48
CA VAL D 422 -4.94 -9.15 30.20
C VAL D 422 -4.24 -10.31 29.49
N SER D 423 -4.35 -10.37 28.17
CA SER D 423 -3.78 -11.50 27.43
C SER D 423 -2.26 -11.49 27.48
N THR D 424 -1.65 -10.32 27.29
CA THR D 424 -0.19 -10.22 27.32
C THR D 424 0.36 -10.68 28.67
N ALA D 425 -0.30 -10.28 29.76
CA ALA D 425 0.16 -10.68 31.09
C ALA D 425 0.07 -12.18 31.26
N LEU D 426 -1.03 -12.78 30.80
CA LEU D 426 -1.19 -14.23 30.91
C LEU D 426 -0.12 -14.96 30.12
N GLY D 427 0.22 -14.45 28.93
CA GLY D 427 1.30 -15.05 28.17
C GLY D 427 2.63 -14.98 28.89
N MET D 428 2.90 -13.84 29.53
CA MET D 428 4.11 -13.73 30.35
C MET D 428 4.02 -14.66 31.55
N ALA D 429 2.82 -14.81 32.13
CA ALA D 429 2.65 -15.66 33.31
C ALA D 429 2.90 -17.14 33.00
N VAL D 430 2.91 -17.52 31.73
CA VAL D 430 3.20 -18.91 31.39
C VAL D 430 4.67 -19.21 31.62
N HIS D 431 5.56 -18.26 31.34
CA HIS D 431 6.99 -18.46 31.46
C HIS D 431 7.59 -17.76 32.66
N LYS D 432 6.87 -16.85 33.30
CA LYS D 432 7.40 -16.11 34.43
C LYS D 432 6.37 -16.05 35.54
N ARG D 433 6.78 -15.42 36.64
CA ARG D 433 6.04 -15.33 37.88
C ARG D 433 5.61 -13.88 38.02
N ILE D 434 4.34 -13.61 37.74
CA ILE D 434 3.90 -12.24 37.47
C ILE D 434 2.49 -12.03 38.02
N THR D 435 2.18 -10.78 38.33
CA THR D 435 0.86 -10.37 38.79
C THR D 435 0.45 -9.13 37.99
N LEU D 436 -0.81 -9.07 37.59
CA LEU D 436 -1.33 -7.98 36.77
C LEU D 436 -1.95 -6.89 37.63
N LEU D 437 -1.54 -5.65 37.40
CA LEU D 437 -2.17 -4.47 37.94
C LEU D 437 -2.80 -3.70 36.77
N ILE D 438 -4.12 -3.54 36.80
CA ILE D 438 -4.86 -3.09 35.62
C ILE D 438 -6.07 -2.28 36.06
N GLY D 439 -6.39 -1.23 35.28
CA GLY D 439 -7.61 -0.47 35.50
C GLY D 439 -8.84 -1.20 34.99
N ASP D 440 -10.01 -0.69 35.37
CA ASP D 440 -11.25 -1.40 35.06
C ASP D 440 -11.60 -1.32 33.57
N LEU D 441 -11.34 -0.18 32.94
CA LEU D 441 -11.65 -0.06 31.51
C LEU D 441 -10.76 -0.97 30.68
N SER D 442 -9.46 -1.03 31.00
CA SER D 442 -8.58 -2.00 30.34
C SER D 442 -9.02 -3.42 30.63
N PHE D 443 -9.47 -3.69 31.86
CA PHE D 443 -9.91 -5.03 32.22
C PHE D 443 -11.11 -5.46 31.37
N TYR D 444 -12.07 -4.56 31.18
CA TYR D 444 -13.24 -4.88 30.36
C TYR D 444 -12.83 -5.07 28.90
N HIS D 445 -11.87 -4.26 28.42
CA HIS D 445 -11.46 -4.32 27.03
C HIS D 445 -11.01 -5.72 26.63
N ASP D 446 -10.18 -6.35 27.45
CA ASP D 446 -9.65 -7.68 27.16
C ASP D 446 -10.20 -8.73 28.12
N MET D 447 -11.49 -8.62 28.44
CA MET D 447 -12.11 -9.60 29.32
C MET D 447 -12.16 -10.99 28.68
N ASN D 448 -12.20 -11.07 27.34
CA ASN D 448 -12.12 -12.37 26.67
C ASN D 448 -10.78 -13.06 26.92
N GLY D 449 -9.73 -12.31 27.21
CA GLY D 449 -8.42 -12.91 27.40
C GLY D 449 -8.32 -13.85 28.58
N LEU D 450 -9.23 -13.73 29.55
CA LEU D 450 -9.21 -14.58 30.73
C LEU D 450 -9.48 -16.05 30.43
N LEU D 451 -9.90 -16.38 29.21
CA LEU D 451 -10.24 -17.75 28.88
C LEU D 451 -9.00 -18.66 28.92
N MET D 452 -7.83 -18.12 28.61
CA MET D 452 -6.61 -18.92 28.68
C MET D 452 -6.29 -19.34 30.12
N SER D 453 -6.60 -18.50 31.09
CA SER D 453 -6.47 -18.90 32.50
C SER D 453 -7.50 -19.96 32.87
N LYS D 454 -8.74 -19.80 32.36
CA LYS D 454 -9.78 -20.77 32.66
C LYS D 454 -9.46 -22.14 32.08
N LEU D 455 -8.91 -22.19 30.87
CA LEU D 455 -8.72 -23.46 30.18
C LEU D 455 -7.39 -24.14 30.52
N ASN D 456 -6.33 -23.37 30.73
CA ASN D 456 -4.98 -23.92 30.86
C ASN D 456 -4.40 -23.75 32.27
N ASN D 457 -5.18 -23.24 33.22
CA ASN D 457 -4.77 -23.14 34.62
C ASN D 457 -3.44 -22.40 34.75
N ILE D 458 -3.37 -21.23 34.14
CA ILE D 458 -2.18 -20.38 34.24
C ILE D 458 -2.25 -19.60 35.55
N GLN D 459 -1.26 -19.82 36.43
CA GLN D 459 -1.23 -19.21 37.74
C GLN D 459 -0.86 -17.73 37.62
N MET D 460 -1.83 -16.85 37.89
CA MET D 460 -1.57 -15.41 37.84
C MET D 460 -2.69 -14.66 38.54
N ASN D 461 -2.32 -13.84 39.52
CA ASN D 461 -3.28 -13.00 40.24
C ASN D 461 -3.46 -11.66 39.54
N ILE D 462 -4.63 -11.06 39.73
CA ILE D 462 -5.00 -9.80 39.11
C ILE D 462 -5.39 -8.81 40.19
N VAL D 463 -4.73 -7.65 40.18
CA VAL D 463 -5.06 -6.54 41.07
C VAL D 463 -5.82 -5.52 40.23
N LEU D 464 -7.14 -5.47 40.41
CA LEU D 464 -8.03 -4.67 39.57
C LEU D 464 -8.34 -3.35 40.28
N LEU D 465 -7.76 -2.26 39.77
CA LEU D 465 -8.06 -0.92 40.28
C LEU D 465 -9.35 -0.44 39.64
N ASN D 466 -10.43 -0.42 40.42
CA ASN D 466 -11.76 -0.11 39.91
C ASN D 466 -12.21 1.24 40.47
N ASN D 467 -12.07 2.29 39.65
CA ASN D 467 -12.63 3.61 39.97
C ASN D 467 -13.78 3.98 39.04
N ASP D 468 -14.31 3.00 38.31
CA ASP D 468 -15.50 3.13 37.46
C ASP D 468 -15.31 4.23 36.41
N GLY D 469 -14.40 3.95 35.47
CA GLY D 469 -14.19 4.83 34.35
C GLY D 469 -12.73 5.16 34.15
N GLY D 470 -12.47 6.21 33.37
CA GLY D 470 -11.12 6.58 33.01
C GLY D 470 -10.52 7.68 33.85
N GLY D 471 -9.77 7.31 34.88
CA GLY D 471 -9.27 8.30 35.83
C GLY D 471 -8.22 9.23 35.26
N ILE D 472 -7.50 8.79 34.23
CA ILE D 472 -6.41 9.60 33.71
C ILE D 472 -6.94 10.92 33.14
N PHE D 473 -8.18 10.91 32.67
CA PHE D 473 -8.74 12.12 32.08
C PHE D 473 -9.06 13.19 33.12
N SER D 474 -9.11 12.83 34.41
CA SER D 474 -9.24 13.84 35.45
C SER D 474 -8.07 14.81 35.47
N TYR D 475 -6.96 14.47 34.83
CA TYR D 475 -5.78 15.31 34.78
C TYR D 475 -5.69 16.15 33.51
N LEU D 476 -6.59 15.96 32.55
CA LEU D 476 -6.56 16.69 31.30
C LEU D 476 -7.32 18.01 31.44
N PRO D 477 -6.92 19.05 30.70
CA PRO D 477 -7.64 20.33 30.80
C PRO D 477 -9.13 20.24 30.49
N GLN D 478 -9.58 19.16 29.85
CA GLN D 478 -11.00 18.98 29.58
C GLN D 478 -11.82 18.69 30.82
N LYS D 479 -11.19 18.55 31.99
CA LYS D 479 -11.97 18.48 33.22
C LYS D 479 -12.58 19.83 33.56
N GLU D 480 -11.93 20.92 33.17
CA GLU D 480 -12.43 22.28 33.45
C GLU D 480 -13.28 22.77 32.28
N SER D 481 -12.66 22.99 31.13
CA SER D 481 -13.43 23.27 29.93
C SER D 481 -14.22 22.04 29.51
N ALA D 482 -15.39 22.26 28.91
CA ALA D 482 -16.29 21.17 28.55
C ALA D 482 -16.67 20.30 29.76
N THR D 483 -16.75 20.92 30.94
CA THR D 483 -17.06 20.18 32.15
C THR D 483 -18.46 19.57 32.12
N ASP D 484 -19.39 20.20 31.38
CA ASP D 484 -20.72 19.62 31.22
C ASP D 484 -20.69 18.29 30.46
N TYR D 485 -19.62 18.01 29.71
CA TYR D 485 -19.54 16.82 28.89
C TYR D 485 -18.52 15.81 29.38
N PHE D 486 -17.87 16.06 30.52
CA PHE D 486 -16.70 15.26 30.91
C PHE D 486 -17.07 13.82 31.20
N GLU D 487 -18.08 13.60 32.04
CA GLU D 487 -18.39 12.23 32.47
C GLU D 487 -18.84 11.36 31.29
N ARG D 488 -19.58 11.94 30.35
CA ARG D 488 -20.07 11.14 29.24
C ARG D 488 -18.94 10.81 28.25
N LEU D 489 -18.08 11.78 27.95
CA LEU D 489 -17.06 11.60 26.92
C LEU D 489 -15.78 10.98 27.44
N PHE D 490 -15.39 11.33 28.66
CA PHE D 490 -14.12 10.90 29.22
C PHE D 490 -14.27 10.02 30.44
N GLY D 491 -15.24 10.32 31.32
CA GLY D 491 -15.47 9.45 32.46
C GLY D 491 -15.78 8.02 32.05
N THR D 492 -16.75 7.86 31.14
CA THR D 492 -17.20 6.57 30.60
C THR D 492 -17.28 5.47 31.67
N PRO D 493 -18.12 5.64 32.68
CA PRO D 493 -18.31 4.55 33.65
C PRO D 493 -19.08 3.39 33.02
N THR D 494 -18.72 2.17 33.40
CA THR D 494 -19.43 0.99 32.93
C THR D 494 -20.42 0.43 33.94
N GLY D 495 -20.16 0.60 35.24
CA GLY D 495 -21.03 0.06 36.26
C GLY D 495 -21.15 -1.45 36.27
N LEU D 496 -20.07 -2.15 35.92
CA LEU D 496 -20.10 -3.61 35.86
C LEU D 496 -19.66 -4.20 37.20
N ASP D 497 -20.32 -5.28 37.60
CA ASP D 497 -19.98 -6.02 38.81
C ASP D 497 -19.00 -7.13 38.43
N PHE D 498 -17.71 -6.86 38.61
CA PHE D 498 -16.68 -7.78 38.12
C PHE D 498 -16.54 -9.03 38.96
N GLU D 499 -17.34 -9.20 40.01
CA GLU D 499 -17.40 -10.49 40.68
C GLU D 499 -17.98 -11.55 39.73
N TYR D 500 -18.92 -11.16 38.89
CA TYR D 500 -19.49 -12.10 37.93
C TYR D 500 -18.47 -12.51 36.87
N THR D 501 -17.54 -11.61 36.53
CA THR D 501 -16.44 -11.97 35.64
C THR D 501 -15.58 -13.06 36.27
N ALA D 502 -15.28 -12.91 37.56
CA ALA D 502 -14.43 -13.88 38.26
C ALA D 502 -15.05 -15.27 38.26
N LYS D 503 -16.32 -15.36 38.67
CA LYS D 503 -16.99 -16.66 38.68
C LYS D 503 -17.05 -17.26 37.28
N LEU D 504 -17.16 -16.40 36.26
CA LEU D 504 -17.30 -16.86 34.89
C LEU D 504 -16.04 -17.61 34.47
N TYR D 505 -14.86 -17.05 34.81
CA TYR D 505 -13.57 -17.60 34.42
C TYR D 505 -12.90 -18.38 35.55
N GLN D 506 -13.67 -18.76 36.58
CA GLN D 506 -13.19 -19.64 37.66
C GLN D 506 -11.99 -19.04 38.38
N PHE D 507 -12.00 -17.71 38.53
CA PHE D 507 -11.09 -17.00 39.41
C PHE D 507 -11.71 -16.86 40.79
N ASP D 508 -10.86 -16.83 41.81
CA ASP D 508 -11.31 -16.40 43.12
C ASP D 508 -11.42 -14.88 43.15
N PHE D 509 -12.28 -14.37 44.03
CA PHE D 509 -12.57 -12.95 44.05
C PHE D 509 -12.60 -12.42 45.48
N LYS D 510 -12.00 -11.25 45.66
CA LYS D 510 -12.01 -10.52 46.93
C LYS D 510 -12.11 -9.04 46.62
N ARG D 511 -12.96 -8.33 47.36
CA ARG D 511 -13.18 -6.90 47.17
C ARG D 511 -12.71 -6.13 48.38
N PHE D 512 -11.98 -5.03 48.14
CA PHE D 512 -11.44 -4.20 49.20
C PHE D 512 -11.88 -2.76 48.98
N ASN D 513 -12.34 -2.12 50.06
CA ASN D 513 -12.86 -0.75 49.98
C ASN D 513 -11.89 0.30 50.50
N SER D 514 -10.93 -0.10 51.33
CA SER D 514 -9.96 0.84 51.90
C SER D 514 -8.58 0.19 51.92
N VAL D 515 -7.55 1.05 51.95
CA VAL D 515 -6.18 0.56 51.98
C VAL D 515 -5.91 -0.25 53.24
N SER D 516 -6.61 0.09 54.34
CA SER D 516 -6.37 -0.60 55.60
C SER D 516 -6.67 -2.09 55.51
N GLU D 517 -7.82 -2.45 54.93
CA GLU D 517 -8.12 -3.86 54.73
C GLU D 517 -7.10 -4.51 53.80
N PHE D 518 -6.67 -3.78 52.77
CA PHE D 518 -5.76 -4.35 51.79
C PHE D 518 -4.36 -4.55 52.39
N LYS D 519 -3.95 -3.63 53.27
CA LYS D 519 -2.64 -3.79 53.91
C LYS D 519 -2.61 -4.96 54.87
N ASN D 520 -3.75 -5.31 55.46
CA ASN D 520 -3.82 -6.38 56.45
C ASN D 520 -4.22 -7.72 55.85
N ALA D 521 -3.98 -7.93 54.57
CA ALA D 521 -4.39 -9.14 53.89
C ALA D 521 -3.19 -9.84 53.27
N THR D 522 -3.35 -11.13 52.98
CA THR D 522 -2.36 -11.92 52.29
C THR D 522 -2.85 -12.23 50.88
N LEU D 523 -2.10 -11.79 49.88
CA LEU D 523 -2.51 -11.99 48.49
C LEU D 523 -2.12 -13.38 47.98
N LEU D 524 -1.03 -13.94 48.50
CA LEU D 524 -0.61 -15.27 48.10
C LEU D 524 -1.73 -16.27 48.34
N SER D 525 -1.98 -17.13 47.35
CA SER D 525 -3.08 -18.09 47.45
C SER D 525 -2.78 -19.29 46.58
N GLU D 526 -3.54 -20.37 46.81
CA GLU D 526 -3.42 -21.55 45.98
C GLU D 526 -3.82 -21.25 44.54
N THR D 527 -5.05 -20.80 44.33
CA THR D 527 -5.55 -20.52 42.99
C THR D 527 -5.39 -19.05 42.65
N SER D 528 -5.64 -18.74 41.38
CA SER D 528 -5.54 -17.37 40.90
C SER D 528 -6.74 -16.56 41.38
N THR D 529 -6.49 -15.32 41.75
CA THR D 529 -7.50 -14.48 42.39
C THR D 529 -7.49 -13.08 41.79
N ILE D 530 -8.69 -12.58 41.50
CA ILE D 530 -8.88 -11.17 41.17
C ILE D 530 -9.16 -10.42 42.46
N TYR D 531 -8.36 -9.38 42.72
CA TYR D 531 -8.53 -8.53 43.89
C TYR D 531 -9.04 -7.18 43.40
N GLU D 532 -10.32 -6.90 43.65
CA GLU D 532 -10.92 -5.65 43.21
C GLU D 532 -10.75 -4.60 44.31
N LEU D 533 -10.03 -3.52 44.00
CA LEU D 533 -9.81 -2.42 44.93
C LEU D 533 -10.56 -1.20 44.42
N ILE D 534 -11.56 -0.75 45.18
CA ILE D 534 -12.42 0.34 44.76
C ILE D 534 -11.83 1.67 45.21
N THR D 535 -11.85 2.65 44.32
CA THR D 535 -11.36 3.99 44.60
C THR D 535 -12.30 4.98 43.94
N ASN D 536 -12.01 6.27 44.14
CA ASN D 536 -12.86 7.35 43.65
C ASN D 536 -12.00 8.28 42.80
N ARG D 537 -12.47 8.57 41.59
CA ARG D 537 -11.66 9.34 40.64
C ARG D 537 -11.44 10.77 41.14
N GLU D 538 -12.44 11.39 41.76
CA GLU D 538 -12.26 12.72 42.31
C GLU D 538 -11.26 12.70 43.48
N ASP D 539 -11.31 11.64 44.29
CA ASP D 539 -10.40 11.55 45.44
C ASP D 539 -8.96 11.32 44.99
N ASN D 540 -8.77 10.44 44.00
CA ASN D 540 -7.41 10.16 43.52
C ASN D 540 -6.76 11.42 42.95
N PHE D 541 -7.53 12.21 42.20
CA PHE D 541 -6.98 13.47 41.66
C PHE D 541 -6.53 14.40 42.78
N LYS D 542 -7.34 14.51 43.84
CA LYS D 542 -6.98 15.41 44.94
C LYS D 542 -5.74 14.91 45.66
N GLN D 543 -5.68 13.62 45.97
CA GLN D 543 -4.53 13.10 46.70
C GLN D 543 -3.27 13.07 45.83
N HIS D 544 -3.43 12.94 44.51
CA HIS D 544 -2.26 13.01 43.64
C HIS D 544 -1.69 14.42 43.57
N GLN D 545 -2.54 15.44 43.73
CA GLN D 545 -2.06 16.81 43.71
C GLN D 545 -1.14 17.10 44.89
N ILE D 546 -1.30 16.37 45.99
CA ILE D 546 -0.37 16.52 47.11
C ILE D 546 0.95 15.82 46.81
N LEU D 547 0.88 14.61 46.23
CA LEU D 547 2.09 13.84 45.96
C LEU D 547 2.97 14.53 44.91
N TYR D 548 2.36 15.13 43.90
CA TYR D 548 3.16 15.77 42.85
C TYR D 548 3.91 16.99 43.35
N GLN D 549 3.58 17.50 44.53
CA GLN D 549 4.22 18.69 45.08
C GLN D 549 4.78 18.48 46.47
N LYS D 550 4.86 17.23 46.94
CA LYS D 550 5.43 16.94 48.24
C LYS D 550 6.91 17.31 48.31
N LEU D 551 7.60 17.27 47.17
CA LEU D 551 9.03 17.50 47.14
C LEU D 551 9.41 18.96 46.93
N SER D 552 8.42 19.86 46.90
CA SER D 552 8.69 21.25 46.54
C SER D 552 9.58 21.95 47.56
N GLU D 553 9.49 21.58 48.83
CA GLU D 553 10.26 22.26 49.86
C GLU D 553 11.63 21.65 50.11
N MET D 554 11.83 20.37 49.77
CA MET D 554 13.15 19.78 49.89
C MET D 554 14.17 20.51 49.02
N ILE D 555 13.73 20.97 47.84
CA ILE D 555 14.61 21.60 46.86
C ILE D 555 15.33 22.78 47.49
N HIS D 556 14.76 23.33 48.55
CA HIS D 556 15.42 24.37 49.33
C HIS D 556 16.72 23.86 49.94
N1' TPP E . 13.79 -3.52 -20.13
C2' TPP E . 14.64 -3.02 -19.21
CM2 TPP E . 14.34 -1.64 -18.69
N3' TPP E . 15.73 -3.62 -18.73
C4' TPP E . 16.01 -4.85 -19.19
N4' TPP E . 17.10 -5.44 -18.69
C5' TPP E . 15.18 -5.48 -20.16
C6' TPP E . 14.10 -4.76 -20.57
C7' TPP E . 15.46 -6.86 -20.72
N3 TPP E . 16.76 -6.96 -21.41
C2 TPP E . 17.85 -7.45 -20.84
S1 TPP E . 19.18 -7.40 -21.86
C5 TPP E . 18.22 -6.69 -23.12
C4 TPP E . 16.95 -6.51 -22.71
CM4 TPP E . 15.82 -5.93 -23.48
C6 TPP E . 18.84 -6.35 -24.45
C7 TPP E . 19.74 -5.13 -24.38
O7 TPP E . 20.46 -5.03 -25.63
PA TPP E . 21.77 -4.17 -25.83
O1A TPP E . 21.80 -3.68 -27.28
O2A TPP E . 21.89 -3.11 -24.80
O3A TPP E . 22.91 -5.24 -25.69
PB TPP E . 23.27 -6.70 -26.21
O1B TPP E . 23.28 -6.58 -27.73
O2B TPP E . 24.69 -6.92 -25.71
O3B TPP E . 22.29 -7.72 -25.71
N GLY F . -1.21 15.55 -5.36
CA GLY F . -2.60 15.71 -4.97
C GLY F . -3.24 16.96 -5.57
O GLY F . -4.46 17.12 -5.51
OXT GLY F . -2.56 17.82 -6.13
CA CA G . 22.96 -4.78 -29.14
NA NA H . 23.49 27.37 -5.33
N1' TPP I . 7.47 17.27 -16.18
C2' TPP I . 6.36 16.61 -16.53
CM2 TPP I . 6.48 15.14 -16.76
N3' TPP I . 5.15 17.15 -16.71
C4' TPP I . 5.02 18.48 -16.51
N4' TPP I . 3.80 19.00 -16.69
C5' TPP I . 6.14 19.27 -16.12
C6' TPP I . 7.33 18.58 -15.99
C7' TPP I . 6.07 20.76 -15.89
N3 TPP I . 5.84 21.52 -17.15
C2 TPP I . 4.65 21.87 -17.59
S1 TPP I . 4.72 22.70 -19.04
C5 TPP I . 6.44 22.57 -19.07
C4 TPP I . 6.89 21.91 -17.99
CM4 TPP I . 8.30 21.59 -17.64
C6 TPP I . 7.24 23.15 -20.20
C7 TPP I . 6.96 22.45 -21.52
O7 TPP I . 7.77 23.07 -22.55
PA TPP I . 7.43 23.02 -24.09
O1A TPP I . 6.97 21.69 -24.51
O2A TPP I . 8.66 23.52 -24.84
O3A TPP I . 6.29 24.13 -24.24
PB TPP I . 6.08 25.68 -24.03
O1B TPP I . 4.83 26.00 -24.84
O2B TPP I . 5.95 26.03 -22.58
O3B TPP I . 7.30 26.32 -24.68
N GLY J . -10.24 6.03 -23.58
CA GLY J . -11.68 5.90 -23.50
C GLY J . -12.24 4.89 -24.49
O GLY J . -13.42 4.93 -24.81
OXT GLY J . -11.53 4.02 -24.99
N GLY K . 1.52 27.16 -14.70
CA GLY K . 0.97 25.95 -15.26
C GLY K . 1.93 24.78 -15.23
O GLY K . 1.62 23.69 -15.70
OXT GLY K . 3.05 24.90 -14.73
N GLY L . -0.40 29.79 -17.22
CA GLY L . -0.05 30.50 -18.43
C GLY L . -1.21 31.25 -19.09
O GLY L . -1.06 31.83 -20.17
OXT GLY L . -2.31 31.30 -18.55
CA CA M . 9.13 25.53 -25.86
CL CL N . -11.67 28.05 -36.46
NA NA O . -0.65 -12.57 -33.42
N1' TPP P . -12.76 -16.49 13.26
C2' TPP P . -13.59 -15.59 12.71
CM2 TPP P . -13.42 -14.16 13.10
N3' TPP P . -14.56 -15.87 11.83
C4' TPP P . -14.72 -17.15 11.46
N4' TPP P . -15.70 -17.41 10.58
C5' TPP P . -13.90 -18.18 12.00
C6' TPP P . -12.94 -17.76 12.89
C7' TPP P . -14.03 -19.63 11.62
N3 TPP P . -15.30 -20.24 12.11
C2 TPP P . -16.35 -20.44 11.34
S1 TPP P . -17.62 -21.15 12.18
C5 TPP P . -16.68 -21.20 13.63
C4 TPP P . -15.46 -20.66 13.43
CM4 TPP P . -14.36 -20.51 14.42
C6 TPP P . -17.26 -21.76 14.89
C7 TPP P . -18.61 -21.16 15.23
O7 TPP P . -19.09 -21.76 16.45
PA TPP P . -20.46 -21.40 17.13
O1A TPP P . -20.69 -19.94 17.07
O2A TPP P . -20.49 -22.00 18.53
O3A TPP P . -21.48 -22.20 16.24
PB TPP P . -21.72 -23.66 15.69
O1B TPP P . -23.09 -23.61 15.04
O2B TPP P . -20.63 -24.08 14.76
O3B TPP P . -21.79 -24.52 16.96
N GLY Q . -27.64 2.29 3.36
CA GLY Q . -27.48 1.18 4.28
C GLY Q . -27.28 -0.15 3.57
O GLY Q . -27.80 -0.36 2.49
OXT GLY Q . -26.59 -1.04 4.08
N GLY R . -6.12 9.04 25.62
CA GLY R . -4.99 8.75 24.76
C GLY R . -4.86 9.73 23.60
O GLY R . -5.83 9.98 22.90
OXT GLY R . -3.79 10.29 23.35
N GLY S . -1.46 0.05 4.03
CA GLY S . -0.07 0.40 3.82
C GLY S . 0.17 1.90 3.65
O GLY S . -0.59 2.73 4.16
OXT GLY S . 1.14 2.31 3.01
CA CA T . -21.55 -23.94 19.25
NA NA U . -25.28 15.81 20.06
N1' TPP V . -8.42 2.74 23.11
C2' TPP V . -7.29 2.03 23.11
CM2 TPP V . -7.30 0.71 22.42
N3' TPP V . -6.14 2.40 23.68
C4' TPP V . -6.10 3.60 24.31
N4' TPP V . -4.95 3.96 24.87
C5' TPP V . -7.26 4.43 24.37
C6' TPP V . -8.38 3.91 23.74
C7' TPP V . -7.29 5.76 25.05
N3 TPP V . -7.10 5.68 26.52
C2 TPP V . -5.95 5.89 27.12
S1 TPP V . -6.05 5.73 28.78
C5 TPP V . -7.73 5.34 28.68
C4 TPP V . -8.14 5.35 27.39
CM4 TPP V . -9.51 5.09 26.87
C6 TPP V . -8.53 5.04 29.90
C7 TPP V . -8.00 3.85 30.68
O7 TPP V . -8.96 3.49 31.70
PA TPP V . -8.65 2.49 32.88
O1A TPP V . -9.88 2.31 33.76
O2A TPP V . -8.11 1.23 32.33
O3A TPP V . -7.56 3.29 33.71
PB TPP V . -7.42 4.64 34.54
O1B TPP V . -7.21 5.82 33.67
O2B TPP V . -6.22 4.37 35.47
O3B TPP V . -8.69 4.70 35.38
CA CA W . -10.41 3.11 35.83
NA NA X . 2.75 -30.52 18.82
#